data_5IGO
#
_entry.id   5IGO
#
_cell.length_a   78.516
_cell.length_b   87.469
_cell.length_c   94.610
_cell.angle_alpha   90.00
_cell.angle_beta   92.55
_cell.angle_gamma   90.00
#
_symmetry.space_group_name_H-M   'P 1 21 1'
#
loop_
_entity.id
_entity.type
_entity.pdbx_description
1 polymer 'E3 ubiquitin-protein ligase COP1'
2 polymer 'Tribbles homolog 1'
3 water water
#
loop_
_entity_poly.entity_id
_entity_poly.type
_entity_poly.pdbx_seq_one_letter_code
_entity_poly.pdbx_strand_id
1 'polypeptide(L)'
;MHHHHHHHHTFTRYSRLRVIAEIRHGDIFHSANIVSSIEFDRDDELFATAGVSRCIKVFDFSSVVNEPADMQCPIVEMST
RSKLSCLSWNKHEKNHIASSDYEGIVTVWDVTTRQSLMEYEEHEKRAWSVDFSRTEPSMLVSGSDDCKVKVWCTRQEASV
INIDMKANICCVKYNPGSSNYIAVGSADHHIHYYDLRNISQPLHVFSGHKKAVSYVKFLSNNELASASTDSTLRLWDVKD
NLPVRTFRGHTNEKNFVGLTVNSEYLACGSETNEVYVYHKEITRPVTSHRFGSPDMDDAEEEAGSYFISAVCWKSDSPTM
LTANSQGTIKVLVLAA
;
A,B,C,D
2 'polypeptide(L)' SDQIVPEY U,V,W,X
#
# COMPACT_ATOMS: atom_id res chain seq x y z
N SER A 15 20.67 4.22 -42.10
CA SER A 15 21.59 4.62 -41.04
C SER A 15 21.77 6.13 -41.01
N ARG A 16 20.71 6.87 -41.37
CA ARG A 16 20.68 8.31 -41.25
C ARG A 16 19.29 8.77 -40.83
N LEU A 17 19.25 9.79 -40.00
CA LEU A 17 18.01 10.46 -39.66
C LEU A 17 17.97 11.81 -40.38
N ARG A 18 16.79 12.14 -40.89
CA ARG A 18 16.57 13.37 -41.65
C ARG A 18 15.39 14.11 -41.06
N VAL A 19 15.52 15.43 -40.94
CA VAL A 19 14.44 16.27 -40.43
C VAL A 19 13.51 16.61 -41.61
N ILE A 20 12.21 16.37 -41.43
CA ILE A 20 11.22 16.78 -42.43
C ILE A 20 10.24 17.80 -41.90
N ALA A 21 10.23 18.07 -40.61
CA ALA A 21 9.44 19.17 -40.07
C ALA A 21 9.99 19.56 -38.71
N GLU A 22 9.83 20.84 -38.40
CA GLU A 22 10.30 21.39 -37.14
C GLU A 22 9.27 22.40 -36.62
N ILE A 23 8.92 22.31 -35.35
CA ILE A 23 7.90 23.15 -34.73
C ILE A 23 8.50 23.80 -33.49
N ARG A 24 8.52 25.12 -33.46
CA ARG A 24 8.79 25.83 -32.21
C ARG A 24 7.59 26.73 -31.94
N HIS A 25 6.78 26.34 -30.97
CA HIS A 25 5.56 27.06 -30.66
C HIS A 25 5.50 27.28 -29.15
N GLY A 26 5.24 28.52 -28.75
CA GLY A 26 5.16 28.90 -27.36
C GLY A 26 6.18 29.97 -27.02
N ASP A 27 6.31 30.23 -25.72
CA ASP A 27 7.26 31.23 -25.25
C ASP A 27 8.64 30.60 -25.06
N ILE A 28 9.18 30.12 -26.18
CA ILE A 28 10.33 29.22 -26.15
C ILE A 28 11.52 29.86 -25.44
N PHE A 29 11.74 31.15 -25.63
CA PHE A 29 12.97 31.77 -25.14
C PHE A 29 12.85 32.35 -23.74
N HIS A 30 11.66 32.29 -23.11
CA HIS A 30 11.47 32.95 -21.83
C HIS A 30 10.78 32.09 -20.79
N SER A 31 10.62 30.79 -21.04
CA SER A 31 9.88 29.96 -20.10
C SER A 31 10.33 28.52 -20.26
N ALA A 32 9.87 27.68 -19.35
CA ALA A 32 10.15 26.26 -19.38
C ALA A 32 9.20 25.55 -20.34
N ASN A 33 9.76 24.70 -21.22
CA ASN A 33 8.96 24.09 -22.27
C ASN A 33 9.34 22.63 -22.51
N ILE A 34 9.87 21.96 -21.48
CA ILE A 34 10.12 20.52 -21.58
C ILE A 34 8.86 19.81 -22.08
N VAL A 35 9.03 18.99 -23.13
CA VAL A 35 7.94 18.17 -23.65
C VAL A 35 8.08 16.79 -23.02
N SER A 36 7.16 16.44 -22.13
CA SER A 36 7.30 15.16 -21.44
C SER A 36 6.71 13.98 -22.21
N SER A 37 5.85 14.26 -23.18
CA SER A 37 5.14 13.19 -23.87
C SER A 37 4.79 13.68 -25.25
N ILE A 38 4.93 12.80 -26.24
CA ILE A 38 4.47 13.07 -27.60
C ILE A 38 3.91 11.76 -28.15
N GLU A 39 2.67 11.80 -28.69
CA GLU A 39 1.99 10.57 -29.07
C GLU A 39 1.07 10.78 -30.28
N PHE A 40 1.09 9.84 -31.21
CA PHE A 40 0.12 9.80 -32.30
C PHE A 40 -1.22 9.26 -31.81
N ASP A 41 -2.29 9.71 -32.45
CA ASP A 41 -3.60 9.12 -32.15
C ASP A 41 -3.73 7.76 -32.85
N ARG A 42 -4.92 7.18 -32.72
CA ARG A 42 -5.15 5.80 -33.15
C ARG A 42 -4.83 5.60 -34.63
N ASP A 43 -5.02 6.62 -35.46
CA ASP A 43 -4.86 6.47 -36.90
C ASP A 43 -3.61 7.15 -37.43
N ASP A 44 -2.71 7.60 -36.54
CA ASP A 44 -1.53 8.36 -36.92
C ASP A 44 -1.89 9.64 -37.69
N GLU A 45 -3.06 10.21 -37.42
CA GLU A 45 -3.48 11.42 -38.13
C GLU A 45 -3.20 12.68 -37.34
N LEU A 46 -3.54 12.68 -36.06
CA LEU A 46 -3.16 13.74 -35.15
C LEU A 46 -2.07 13.24 -34.21
N PHE A 47 -1.34 14.18 -33.62
CA PHE A 47 -0.46 13.83 -32.52
C PHE A 47 -0.55 14.94 -31.48
N ALA A 48 -0.17 14.60 -30.26
CA ALA A 48 -0.33 15.53 -29.14
C ALA A 48 0.96 15.60 -28.35
N THR A 49 1.21 16.76 -27.76
CA THR A 49 2.33 16.98 -26.86
C THR A 49 1.82 17.48 -25.53
N ALA A 50 2.57 17.18 -24.47
CA ALA A 50 2.27 17.74 -23.17
C ALA A 50 3.58 17.91 -22.43
N GLY A 51 3.59 18.78 -21.43
CA GLY A 51 4.81 18.92 -20.67
C GLY A 51 4.66 19.90 -19.55
N VAL A 52 5.81 20.46 -19.14
CA VAL A 52 5.85 21.38 -18.02
C VAL A 52 5.19 22.72 -18.32
N SER A 53 4.87 23.01 -19.58
CA SER A 53 4.21 24.28 -19.82
C SER A 53 2.72 24.23 -19.51
N ARG A 54 2.21 23.12 -18.97
CA ARG A 54 0.83 23.02 -18.49
C ARG A 54 -0.17 23.22 -19.63
N CYS A 55 0.09 22.57 -20.76
CA CYS A 55 -0.91 22.53 -21.82
C CYS A 55 -0.74 21.26 -22.65
N ILE A 56 -1.85 20.80 -23.20
CA ILE A 56 -1.88 19.71 -24.17
C ILE A 56 -2.10 20.33 -25.54
N LYS A 57 -1.16 20.13 -26.45
CA LYS A 57 -1.29 20.65 -27.81
C LYS A 57 -1.59 19.48 -28.74
N VAL A 58 -2.50 19.68 -29.67
CA VAL A 58 -2.81 18.68 -30.68
C VAL A 58 -2.46 19.25 -32.05
N PHE A 59 -1.73 18.48 -32.84
CA PHE A 59 -1.27 18.87 -34.17
C PHE A 59 -1.85 17.92 -35.21
N ASP A 60 -2.08 18.47 -36.41
CA ASP A 60 -2.45 17.67 -37.56
C ASP A 60 -1.18 17.24 -38.29
N PHE A 61 -0.93 15.93 -38.33
CA PHE A 61 0.34 15.46 -38.87
C PHE A 61 0.55 15.89 -40.32
N SER A 62 -0.49 15.74 -41.15
CA SER A 62 -0.36 16.07 -42.56
C SER A 62 -0.06 17.56 -42.77
N SER A 63 -0.75 18.42 -42.02
CA SER A 63 -0.44 19.84 -42.07
C SER A 63 0.99 20.12 -41.67
N VAL A 64 1.48 19.42 -40.63
CA VAL A 64 2.81 19.70 -40.10
C VAL A 64 3.89 19.39 -41.14
N VAL A 65 3.77 18.27 -41.84
CA VAL A 65 4.82 17.88 -42.77
C VAL A 65 4.69 18.54 -44.14
N ASN A 66 3.60 19.27 -44.39
CA ASN A 66 3.39 19.89 -45.69
C ASN A 66 3.33 21.41 -45.69
N GLU A 67 3.33 22.05 -44.53
CA GLU A 67 3.25 23.51 -44.44
C GLU A 67 4.64 24.11 -44.42
N PRO A 68 4.76 25.42 -44.56
CA PRO A 68 6.06 26.06 -44.38
C PRO A 68 6.38 26.31 -42.91
N ALA A 69 7.69 26.41 -42.62
CA ALA A 69 8.16 26.64 -41.27
C ALA A 69 7.89 28.07 -40.83
N ASP A 70 8.00 28.30 -39.53
CA ASP A 70 7.59 29.51 -38.82
C ASP A 70 6.09 29.74 -38.90
N MET A 71 5.35 28.74 -39.41
CA MET A 71 3.90 28.74 -39.41
C MET A 71 3.31 27.69 -38.49
N GLN A 72 4.09 26.69 -38.09
CA GLN A 72 3.52 25.52 -37.43
C GLN A 72 2.81 25.95 -36.16
N CYS A 73 1.55 25.53 -36.02
CA CYS A 73 0.82 25.78 -34.80
C CYS A 73 -0.12 24.62 -34.57
N PRO A 74 -0.52 24.39 -33.32
CA PRO A 74 -1.47 23.31 -33.04
C PRO A 74 -2.87 23.68 -33.51
N ILE A 75 -3.68 22.64 -33.75
CA ILE A 75 -5.09 22.88 -34.04
C ILE A 75 -5.87 23.06 -32.75
N VAL A 76 -5.36 22.52 -31.65
CA VAL A 76 -6.04 22.53 -30.36
C VAL A 76 -4.98 22.74 -29.28
N GLU A 77 -5.28 23.62 -28.32
CA GLU A 77 -4.43 23.76 -27.15
C GLU A 77 -5.32 23.79 -25.92
N MET A 78 -5.12 22.84 -25.01
CA MET A 78 -5.91 22.73 -23.80
C MET A 78 -5.03 23.07 -22.60
N SER A 79 -5.38 24.15 -21.91
CA SER A 79 -4.63 24.61 -20.74
C SER A 79 -4.93 23.72 -19.55
N THR A 80 -3.90 23.35 -18.80
CA THR A 80 -4.10 22.44 -17.68
C THR A 80 -3.67 23.11 -16.37
N ARG A 81 -4.15 22.54 -15.26
CA ARG A 81 -3.83 23.10 -13.95
C ARG A 81 -2.37 22.86 -13.57
N SER A 82 -1.80 21.73 -13.98
CA SER A 82 -0.52 21.26 -13.46
C SER A 82 0.37 20.79 -14.59
N LYS A 83 1.67 20.69 -14.30
CA LYS A 83 2.61 20.17 -15.27
C LYS A 83 2.24 18.74 -15.62
N LEU A 84 2.42 18.37 -16.89
CA LEU A 84 1.99 17.06 -17.39
C LEU A 84 3.20 16.14 -17.54
N SER A 85 3.01 14.87 -17.21
CA SER A 85 4.04 13.86 -17.37
C SER A 85 3.81 12.88 -18.51
N CYS A 86 2.58 12.65 -18.95
CA CYS A 86 2.36 11.61 -19.94
C CYS A 86 0.99 11.77 -20.61
N LEU A 87 0.90 11.31 -21.84
CA LEU A 87 -0.34 11.23 -22.59
C LEU A 87 -0.53 9.82 -23.13
N SER A 88 -1.79 9.42 -23.30
CA SER A 88 -2.11 8.18 -23.99
C SER A 88 -3.45 8.34 -24.70
N TRP A 89 -3.45 8.19 -26.03
CA TRP A 89 -4.70 8.27 -26.77
C TRP A 89 -5.53 7.01 -26.57
N ASN A 90 -6.85 7.18 -26.53
CA ASN A 90 -7.75 6.03 -26.50
C ASN A 90 -7.75 5.34 -27.85
N LYS A 91 -7.76 4.01 -27.83
CA LYS A 91 -7.65 3.24 -29.05
C LYS A 91 -8.97 3.02 -29.76
N HIS A 92 -10.10 3.31 -29.12
CA HIS A 92 -11.41 3.11 -29.74
C HIS A 92 -12.19 4.41 -29.91
N GLU A 93 -12.18 5.28 -28.91
CA GLU A 93 -12.74 6.63 -29.03
C GLU A 93 -11.60 7.53 -29.51
N LYS A 94 -11.54 7.74 -30.83
CA LYS A 94 -10.36 8.34 -31.45
C LYS A 94 -10.02 9.71 -30.87
N ASN A 95 -11.03 10.46 -30.45
CA ASN A 95 -10.82 11.84 -30.00
C ASN A 95 -10.56 11.94 -28.50
N HIS A 96 -10.43 10.82 -27.80
CA HIS A 96 -10.19 10.83 -26.36
C HIS A 96 -8.71 10.61 -26.07
N ILE A 97 -8.19 11.33 -25.09
CA ILE A 97 -6.78 11.23 -24.74
C ILE A 97 -6.63 11.43 -23.24
N ALA A 98 -5.83 10.57 -22.61
CA ALA A 98 -5.58 10.61 -21.18
C ALA A 98 -4.28 11.35 -20.88
N SER A 99 -4.23 12.03 -19.73
CA SER A 99 -3.02 12.67 -19.23
C SER A 99 -2.80 12.31 -17.76
N SER A 100 -1.54 12.27 -17.38
CA SER A 100 -1.12 12.22 -15.99
C SER A 100 -0.39 13.51 -15.66
N ASP A 101 -0.52 14.00 -14.43
CA ASP A 101 0.14 15.25 -14.12
C ASP A 101 0.91 15.15 -12.81
N TYR A 102 1.60 16.25 -12.48
CA TYR A 102 2.50 16.30 -11.35
C TYR A 102 1.78 16.35 -10.00
N GLU A 103 0.47 16.55 -9.99
CA GLU A 103 -0.29 16.47 -8.75
C GLU A 103 -0.85 15.08 -8.50
N GLY A 104 -0.66 14.15 -9.43
CA GLY A 104 -1.21 12.82 -9.32
C GLY A 104 -2.47 12.59 -10.12
N ILE A 105 -3.02 13.64 -10.73
CA ILE A 105 -4.35 13.51 -11.32
C ILE A 105 -4.24 12.90 -12.71
N VAL A 106 -5.13 11.97 -12.99
CA VAL A 106 -5.26 11.33 -14.30
C VAL A 106 -6.56 11.85 -14.91
N THR A 107 -6.47 12.48 -16.09
CA THR A 107 -7.60 13.11 -16.73
C THR A 107 -7.81 12.47 -18.10
N VAL A 108 -9.07 12.32 -18.52
CA VAL A 108 -9.39 11.96 -19.89
C VAL A 108 -10.06 13.16 -20.54
N TRP A 109 -9.55 13.57 -21.71
CA TRP A 109 -10.02 14.76 -22.41
C TRP A 109 -10.65 14.38 -23.74
N ASP A 110 -11.54 15.25 -24.23
CA ASP A 110 -12.06 15.18 -25.59
C ASP A 110 -11.38 16.29 -26.39
N VAL A 111 -10.53 15.93 -27.35
CA VAL A 111 -9.81 16.96 -28.07
C VAL A 111 -10.70 17.74 -29.01
N THR A 112 -11.90 17.24 -29.34
CA THR A 112 -12.79 17.97 -30.24
C THR A 112 -13.53 19.08 -29.52
N THR A 113 -14.04 18.81 -28.32
CA THR A 113 -14.68 19.85 -27.52
C THR A 113 -13.70 20.60 -26.64
N ARG A 114 -12.46 20.10 -26.54
CA ARG A 114 -11.41 20.71 -25.70
C ARG A 114 -11.78 20.68 -24.23
N GLN A 115 -12.63 19.74 -23.81
CA GLN A 115 -13.06 19.64 -22.44
C GLN A 115 -12.60 18.34 -21.80
N SER A 116 -12.46 18.36 -20.47
CA SER A 116 -12.20 17.13 -19.73
C SER A 116 -13.49 16.32 -19.63
N LEU A 117 -13.37 15.01 -19.82
CA LEU A 117 -14.49 14.10 -19.65
C LEU A 117 -14.54 13.47 -18.27
N MET A 118 -13.38 13.18 -17.67
CA MET A 118 -13.29 12.47 -16.41
C MET A 118 -11.97 12.87 -15.74
N GLU A 119 -12.00 13.02 -14.43
CA GLU A 119 -10.79 13.21 -13.65
C GLU A 119 -10.73 12.15 -12.56
N TYR A 120 -9.60 11.46 -12.47
CA TYR A 120 -9.34 10.43 -11.47
C TYR A 120 -8.31 10.98 -10.50
N GLU A 121 -8.68 11.10 -9.23
CA GLU A 121 -7.89 11.83 -8.23
C GLU A 121 -7.66 10.96 -7.00
N GLU A 122 -7.04 9.79 -7.20
CA GLU A 122 -6.70 8.92 -6.08
C GLU A 122 -5.22 8.92 -5.76
N HIS A 123 -4.35 9.13 -6.75
CA HIS A 123 -2.92 9.19 -6.48
C HIS A 123 -2.61 10.33 -5.52
N GLU A 124 -1.75 10.06 -4.53
CA GLU A 124 -1.39 11.06 -3.54
C GLU A 124 -0.16 11.86 -3.93
N LYS A 125 0.54 11.46 -4.99
CA LYS A 125 1.74 12.14 -5.44
C LYS A 125 1.76 12.13 -6.96
N ARG A 126 2.71 12.87 -7.52
CA ARG A 126 2.92 12.95 -8.97
C ARG A 126 2.75 11.58 -9.65
N ALA A 127 1.89 11.55 -10.66
CA ALA A 127 1.78 10.37 -11.53
C ALA A 127 2.71 10.55 -12.72
N TRP A 128 3.51 9.53 -13.01
CA TRP A 128 4.48 9.62 -14.11
C TRP A 128 3.94 9.13 -15.44
N SER A 129 2.95 8.24 -15.44
CA SER A 129 2.65 7.47 -16.64
C SER A 129 1.18 7.09 -16.66
N VAL A 130 0.61 7.07 -17.88
CA VAL A 130 -0.73 6.55 -18.15
C VAL A 130 -0.69 5.77 -19.45
N ASP A 131 -1.57 4.76 -19.55
CA ASP A 131 -1.68 3.99 -20.79
C ASP A 131 -3.11 3.48 -20.92
N PHE A 132 -3.72 3.76 -22.07
CA PHE A 132 -5.01 3.21 -22.47
C PHE A 132 -4.78 1.87 -23.14
N SER A 133 -5.54 0.85 -22.71
CA SER A 133 -5.45 -0.48 -23.30
C SER A 133 -5.98 -0.50 -24.72
N ARG A 134 -5.29 -1.24 -25.60
CA ARG A 134 -5.78 -1.37 -26.97
C ARG A 134 -6.94 -2.35 -27.07
N THR A 135 -6.88 -3.48 -26.35
CA THR A 135 -7.88 -4.53 -26.51
C THR A 135 -9.08 -4.41 -25.58
N GLU A 136 -8.99 -3.67 -24.49
CA GLU A 136 -10.13 -3.37 -23.63
C GLU A 136 -10.09 -1.86 -23.46
N PRO A 137 -10.61 -1.12 -24.45
CA PRO A 137 -10.21 0.30 -24.59
C PRO A 137 -10.83 1.22 -23.56
N SER A 138 -11.76 0.73 -22.75
CA SER A 138 -12.24 1.51 -21.62
C SER A 138 -11.30 1.47 -20.42
N MET A 139 -10.24 0.67 -20.46
CA MET A 139 -9.31 0.53 -19.34
C MET A 139 -8.06 1.38 -19.53
N LEU A 140 -7.63 2.00 -18.43
CA LEU A 140 -6.54 2.96 -18.37
C LEU A 140 -5.71 2.64 -17.13
N VAL A 141 -4.40 2.57 -17.25
CA VAL A 141 -3.54 2.27 -16.11
C VAL A 141 -2.61 3.46 -15.86
N SER A 142 -2.29 3.71 -14.58
CA SER A 142 -1.43 4.81 -14.19
C SER A 142 -0.46 4.35 -13.10
N GLY A 143 0.67 5.03 -13.03
CA GLY A 143 1.66 4.74 -11.99
C GLY A 143 2.26 6.02 -11.45
N SER A 144 2.68 5.97 -10.18
CA SER A 144 2.94 7.23 -9.49
C SER A 144 4.10 7.10 -8.50
N ASP A 145 4.67 8.26 -8.16
CA ASP A 145 5.57 8.39 -7.01
C ASP A 145 4.98 7.88 -5.70
N ASP A 146 3.65 7.74 -5.61
CA ASP A 146 3.05 7.22 -4.38
C ASP A 146 3.19 5.71 -4.26
N CYS A 147 3.95 5.09 -5.17
CA CYS A 147 4.25 3.66 -5.19
C CYS A 147 3.03 2.80 -5.50
N LYS A 148 2.02 3.36 -6.16
CA LYS A 148 0.82 2.61 -6.50
C LYS A 148 0.69 2.51 -8.01
N VAL A 149 0.19 1.36 -8.47
CA VAL A 149 -0.37 1.24 -9.81
C VAL A 149 -1.88 1.23 -9.67
N LYS A 150 -2.57 2.04 -10.47
CA LYS A 150 -4.03 2.08 -10.44
C LYS A 150 -4.57 1.80 -11.83
N VAL A 151 -5.59 0.95 -11.88
CA VAL A 151 -6.30 0.61 -13.11
C VAL A 151 -7.66 1.26 -13.04
N TRP A 152 -8.00 2.02 -14.06
CA TRP A 152 -9.23 2.78 -14.11
C TRP A 152 -10.07 2.24 -15.26
N CYS A 153 -11.38 2.31 -15.09
CA CYS A 153 -12.32 2.05 -16.18
C CYS A 153 -13.12 3.31 -16.42
N THR A 154 -13.18 3.76 -17.68
CA THR A 154 -13.87 5.03 -17.94
C THR A 154 -15.35 4.97 -17.56
N ARG A 155 -15.93 3.77 -17.46
CA ARG A 155 -17.31 3.66 -17.00
C ARG A 155 -17.49 3.93 -15.51
N GLN A 156 -16.39 4.04 -14.74
CA GLN A 156 -16.49 4.09 -13.28
C GLN A 156 -15.63 5.21 -12.71
N GLU A 157 -16.03 5.68 -11.52
CA GLU A 157 -15.41 6.82 -10.86
C GLU A 157 -14.23 6.43 -9.97
N ALA A 158 -14.28 5.28 -9.31
CA ALA A 158 -13.19 4.80 -8.48
C ALA A 158 -12.33 3.80 -9.25
N SER A 159 -11.07 3.68 -8.83
CA SER A 159 -10.17 2.71 -9.46
C SER A 159 -10.72 1.31 -9.27
N VAL A 160 -10.46 0.44 -10.24
CA VAL A 160 -11.00 -0.91 -10.20
C VAL A 160 -9.96 -1.89 -9.68
N ILE A 161 -8.68 -1.55 -9.83
CA ILE A 161 -7.59 -2.36 -9.31
C ILE A 161 -6.54 -1.42 -8.74
N ASN A 162 -5.97 -1.80 -7.61
CA ASN A 162 -4.87 -1.05 -7.02
C ASN A 162 -3.76 -2.03 -6.64
N ILE A 163 -2.53 -1.70 -7.02
CA ILE A 163 -1.36 -2.51 -6.67
C ILE A 163 -0.45 -1.69 -5.78
N ASP A 164 -0.20 -2.16 -4.56
CA ASP A 164 0.70 -1.52 -3.62
C ASP A 164 2.11 -2.03 -3.88
N MET A 165 2.97 -1.17 -4.42
CA MET A 165 4.34 -1.58 -4.71
C MET A 165 5.31 -0.89 -3.76
N LYS A 166 6.57 -1.32 -3.84
CA LYS A 166 7.56 -0.96 -2.85
C LYS A 166 8.30 0.34 -3.17
N ALA A 167 8.23 0.80 -4.42
CA ALA A 167 9.03 1.94 -4.85
C ALA A 167 8.25 2.75 -5.88
N ASN A 168 8.76 3.96 -6.16
CA ASN A 168 8.19 4.85 -7.15
C ASN A 168 7.93 4.10 -8.45
N ILE A 169 6.77 4.34 -9.04
CA ILE A 169 6.44 3.75 -10.34
C ILE A 169 6.70 4.80 -11.42
N CYS A 170 7.62 4.49 -12.32
CA CYS A 170 8.05 5.43 -13.35
C CYS A 170 7.33 5.24 -14.68
N CYS A 171 6.81 4.05 -14.95
N CYS A 171 6.78 4.06 -14.93
CA CYS A 171 6.18 3.80 -16.24
CA CYS A 171 6.15 3.81 -16.21
C CYS A 171 5.26 2.59 -16.16
C CYS A 171 5.22 2.61 -16.11
N VAL A 172 4.14 2.65 -16.90
CA VAL A 172 3.19 1.55 -16.97
C VAL A 172 2.77 1.38 -18.43
N LYS A 173 2.55 0.14 -18.85
CA LYS A 173 2.13 -0.12 -20.22
C LYS A 173 1.35 -1.42 -20.30
N TYR A 174 0.19 -1.38 -20.96
CA TYR A 174 -0.57 -2.59 -21.28
C TYR A 174 0.08 -3.41 -22.37
N ASN A 175 0.02 -4.74 -22.20
CA ASN A 175 0.34 -5.63 -23.29
C ASN A 175 -0.56 -5.30 -24.49
N PRO A 176 -0.01 -5.22 -25.70
CA PRO A 176 -0.85 -4.83 -26.84
C PRO A 176 -1.87 -5.89 -27.22
N GLY A 177 -1.72 -7.12 -26.76
CA GLY A 177 -2.67 -8.15 -27.15
C GLY A 177 -3.67 -8.54 -26.08
N SER A 178 -3.49 -8.05 -24.85
CA SER A 178 -4.36 -8.48 -23.77
C SER A 178 -4.37 -7.44 -22.67
N SER A 179 -5.57 -7.03 -22.25
CA SER A 179 -5.71 -6.11 -21.15
C SER A 179 -5.49 -6.76 -19.79
N ASN A 180 -5.17 -8.05 -19.74
CA ASN A 180 -4.90 -8.71 -18.47
C ASN A 180 -3.45 -8.58 -18.02
N TYR A 181 -2.58 -8.01 -18.83
CA TYR A 181 -1.17 -7.91 -18.47
C TYR A 181 -0.66 -6.48 -18.64
N ILE A 182 0.14 -6.05 -17.66
CA ILE A 182 0.81 -4.76 -17.71
C ILE A 182 2.28 -4.95 -17.36
N ALA A 183 3.14 -4.16 -18.00
CA ALA A 183 4.52 -4.01 -17.57
C ALA A 183 4.64 -2.75 -16.72
N VAL A 184 5.38 -2.85 -15.62
CA VAL A 184 5.53 -1.77 -14.65
C VAL A 184 7.00 -1.54 -14.39
N GLY A 185 7.51 -0.35 -14.74
CA GLY A 185 8.89 -0.02 -14.49
C GLY A 185 9.02 0.71 -13.17
N SER A 186 9.87 0.18 -12.28
CA SER A 186 9.96 0.68 -10.92
C SER A 186 11.31 1.33 -10.65
N ALA A 187 11.31 2.23 -9.67
CA ALA A 187 12.55 2.78 -9.16
C ALA A 187 13.40 1.74 -8.43
N ASP A 188 12.85 0.55 -8.15
CA ASP A 188 13.69 -0.48 -7.56
C ASP A 188 14.56 -1.19 -8.59
N HIS A 189 14.60 -0.69 -9.83
CA HIS A 189 15.44 -1.14 -10.95
C HIS A 189 14.87 -2.33 -11.72
N HIS A 190 13.66 -2.81 -11.39
CA HIS A 190 13.08 -3.98 -12.02
C HIS A 190 11.84 -3.63 -12.83
N ILE A 191 11.55 -4.47 -13.82
CA ILE A 191 10.26 -4.46 -14.48
C ILE A 191 9.37 -5.50 -13.79
N HIS A 192 8.21 -5.08 -13.31
CA HIS A 192 7.26 -6.00 -12.70
C HIS A 192 6.16 -6.27 -13.71
N TYR A 193 6.02 -7.52 -14.13
CA TYR A 193 5.07 -7.89 -15.17
C TYR A 193 3.88 -8.53 -14.49
N TYR A 194 2.75 -7.84 -14.47
CA TYR A 194 1.60 -8.28 -13.67
C TYR A 194 0.53 -8.93 -14.54
N ASP A 195 -0.03 -10.01 -14.03
CA ASP A 195 -1.33 -10.50 -14.47
C ASP A 195 -2.36 -9.84 -13.55
N LEU A 196 -3.17 -8.93 -14.12
CA LEU A 196 -4.12 -8.13 -13.37
C LEU A 196 -5.28 -8.96 -12.81
N ARG A 197 -5.40 -10.22 -13.22
CA ARG A 197 -6.38 -11.10 -12.59
C ARG A 197 -5.91 -11.63 -11.24
N ASN A 198 -4.64 -11.44 -10.90
CA ASN A 198 -4.11 -11.92 -9.60
C ASN A 198 -2.88 -11.07 -9.26
N ILE A 199 -3.12 -9.95 -8.59
CA ILE A 199 -2.04 -9.01 -8.31
C ILE A 199 -1.33 -9.33 -7.00
N SER A 200 -1.60 -10.51 -6.42
CA SER A 200 -0.92 -10.90 -5.19
C SER A 200 0.59 -10.85 -5.35
N GLN A 201 1.08 -11.20 -6.53
CA GLN A 201 2.49 -11.15 -6.86
C GLN A 201 2.60 -10.93 -8.35
N PRO A 202 3.70 -10.35 -8.83
CA PRO A 202 3.86 -10.22 -10.28
C PRO A 202 4.03 -11.58 -10.93
N LEU A 203 3.59 -11.68 -12.18
CA LEU A 203 3.81 -12.95 -12.89
C LEU A 203 5.29 -13.18 -13.13
N HIS A 204 6.03 -12.14 -13.56
CA HIS A 204 7.46 -12.20 -13.77
C HIS A 204 8.10 -10.91 -13.26
N VAL A 205 9.35 -10.99 -12.78
CA VAL A 205 10.15 -9.81 -12.46
C VAL A 205 11.43 -9.88 -13.28
N PHE A 206 11.67 -8.84 -14.09
CA PHE A 206 12.83 -8.77 -14.96
C PHE A 206 13.88 -7.86 -14.31
N SER A 207 15.06 -8.42 -14.05
CA SER A 207 16.10 -7.62 -13.43
C SER A 207 17.36 -7.64 -14.28
N GLY A 208 18.23 -6.66 -14.03
CA GLY A 208 19.38 -6.42 -14.86
C GLY A 208 19.74 -4.95 -14.95
N HIS A 209 18.73 -4.07 -14.94
CA HIS A 209 19.02 -2.65 -14.93
C HIS A 209 19.67 -2.27 -13.59
N LYS A 210 20.54 -1.28 -13.63
CA LYS A 210 21.25 -0.80 -12.44
C LYS A 210 20.67 0.48 -11.86
N LYS A 211 19.64 1.05 -12.50
CA LYS A 211 18.94 2.23 -12.02
C LYS A 211 17.46 2.04 -12.30
N ALA A 212 16.65 3.04 -11.92
CA ALA A 212 15.22 2.95 -12.14
C ALA A 212 14.91 2.67 -13.61
N VAL A 213 13.84 1.91 -13.83
CA VAL A 213 13.32 1.65 -15.16
C VAL A 213 12.36 2.77 -15.53
N SER A 214 12.79 3.62 -16.48
CA SER A 214 12.06 4.85 -16.78
C SER A 214 10.99 4.66 -17.83
N TYR A 215 11.11 3.66 -18.70
CA TYR A 215 10.13 3.39 -19.74
C TYR A 215 10.00 1.89 -19.96
N VAL A 216 8.80 1.46 -20.35
CA VAL A 216 8.56 0.11 -20.86
C VAL A 216 7.64 0.22 -22.06
N LYS A 217 8.00 -0.45 -23.14
CA LYS A 217 7.25 -0.40 -24.39
C LYS A 217 7.32 -1.77 -25.06
N PHE A 218 6.19 -2.23 -25.61
CA PHE A 218 6.13 -3.53 -26.27
C PHE A 218 6.39 -3.42 -27.77
N LEU A 219 7.31 -4.23 -28.28
CA LEU A 219 7.44 -4.41 -29.72
C LEU A 219 6.36 -5.34 -30.26
N SER A 220 5.87 -6.25 -29.43
CA SER A 220 4.89 -7.27 -29.84
C SER A 220 4.27 -7.83 -28.57
N ASN A 221 3.43 -8.85 -28.73
CA ASN A 221 2.77 -9.43 -27.57
C ASN A 221 3.78 -10.06 -26.60
N ASN A 222 4.93 -10.50 -27.11
CA ASN A 222 5.89 -11.19 -26.27
C ASN A 222 7.23 -10.46 -26.10
N GLU A 223 7.50 -9.40 -26.88
CA GLU A 223 8.77 -8.69 -26.81
C GLU A 223 8.58 -7.35 -26.10
N LEU A 224 9.31 -7.15 -25.01
CA LEU A 224 9.22 -5.92 -24.23
C LEU A 224 10.57 -5.21 -24.20
N ALA A 225 10.56 -3.91 -24.47
CA ALA A 225 11.75 -3.08 -24.29
C ALA A 225 11.62 -2.22 -23.05
N SER A 226 12.75 -1.92 -22.43
CA SER A 226 12.82 -1.04 -21.27
C SER A 226 13.96 -0.04 -21.46
N ALA A 227 13.80 1.12 -20.84
CA ALA A 227 14.90 2.07 -20.71
C ALA A 227 15.14 2.35 -19.23
N SER A 228 16.37 2.73 -18.92
CA SER A 228 16.79 2.99 -17.55
C SER A 228 17.84 4.10 -17.53
N THR A 229 17.94 4.77 -16.38
CA THR A 229 18.98 5.79 -16.21
C THR A 229 20.32 5.16 -15.87
N ASP A 230 20.54 3.91 -16.31
CA ASP A 230 21.86 3.31 -16.36
C ASP A 230 22.45 3.36 -17.76
N SER A 231 21.91 4.23 -18.62
CA SER A 231 22.35 4.42 -20.00
C SER A 231 22.23 3.14 -20.81
N THR A 232 21.21 2.31 -20.54
CA THR A 232 20.94 1.16 -21.38
C THR A 232 19.46 1.10 -21.75
N LEU A 233 19.22 0.50 -22.90
CA LEU A 233 17.93 -0.08 -23.21
C LEU A 233 18.09 -1.59 -23.11
N ARG A 234 17.02 -2.27 -22.78
CA ARG A 234 17.08 -3.72 -22.68
C ARG A 234 15.83 -4.32 -23.31
N LEU A 235 15.98 -5.50 -23.87
CA LEU A 235 14.93 -6.25 -24.51
C LEU A 235 14.68 -7.51 -23.69
N TRP A 236 13.41 -7.85 -23.54
CA TRP A 236 12.97 -8.97 -22.71
C TRP A 236 11.92 -9.77 -23.45
N ASP A 237 11.81 -11.06 -23.13
CA ASP A 237 10.69 -11.86 -23.61
C ASP A 237 9.76 -12.17 -22.44
N VAL A 238 8.56 -11.60 -22.46
CA VAL A 238 7.65 -11.75 -21.33
C VAL A 238 6.86 -13.05 -21.37
N LYS A 239 6.94 -13.81 -22.47
CA LYS A 239 6.30 -15.11 -22.46
C LYS A 239 7.27 -16.17 -21.96
N ASP A 240 8.52 -16.12 -22.42
CA ASP A 240 9.53 -17.08 -22.02
C ASP A 240 10.28 -16.68 -20.76
N ASN A 241 10.04 -15.48 -20.22
CA ASN A 241 10.66 -15.00 -18.98
C ASN A 241 12.19 -14.99 -19.09
N LEU A 242 12.68 -14.27 -20.11
CA LEU A 242 14.10 -14.22 -20.48
C LEU A 242 14.59 -12.80 -20.75
N PRO A 243 15.81 -12.47 -20.31
CA PRO A 243 16.51 -11.30 -20.86
C PRO A 243 17.06 -11.66 -22.24
N VAL A 244 16.96 -10.69 -23.17
CA VAL A 244 17.27 -10.95 -24.58
C VAL A 244 18.51 -10.16 -25.05
N ARG A 245 18.56 -8.85 -24.80
CA ARG A 245 19.66 -8.04 -25.33
C ARG A 245 19.78 -6.73 -24.56
N THR A 246 20.99 -6.16 -24.57
CA THR A 246 21.27 -4.87 -23.97
C THR A 246 21.86 -3.93 -25.02
N PHE A 247 21.39 -2.68 -25.03
CA PHE A 247 21.75 -1.68 -26.03
C PHE A 247 22.47 -0.53 -25.33
N ARG A 248 23.63 -0.14 -25.86
CA ARG A 248 24.44 0.91 -25.25
C ARG A 248 24.97 1.83 -26.32
N GLY A 249 25.16 3.09 -25.93
CA GLY A 249 25.80 4.06 -26.79
C GLY A 249 25.31 5.46 -26.54
N HIS A 250 24.18 5.59 -25.84
CA HIS A 250 23.58 6.88 -25.54
C HIS A 250 23.84 7.24 -24.08
N THR A 251 23.70 8.51 -23.74
CA THR A 251 23.93 8.97 -22.37
C THR A 251 22.59 9.21 -21.69
N ASN A 252 22.29 8.45 -20.65
CA ASN A 252 21.03 8.66 -19.93
C ASN A 252 21.26 8.23 -18.49
N GLU A 253 21.70 9.19 -17.65
CA GLU A 253 21.97 8.94 -16.24
C GLU A 253 21.05 9.69 -15.29
N LYS A 254 20.12 10.52 -15.81
CA LYS A 254 19.34 11.40 -14.93
C LYS A 254 17.88 11.59 -15.33
N ASN A 255 17.61 11.97 -16.58
CA ASN A 255 16.29 12.47 -16.97
C ASN A 255 15.43 11.39 -17.64
N PHE A 256 14.12 11.65 -17.69
CA PHE A 256 13.24 10.94 -18.61
C PHE A 256 13.54 11.42 -20.02
N VAL A 257 14.13 10.57 -20.88
CA VAL A 257 14.53 11.04 -22.20
C VAL A 257 13.74 10.40 -23.32
N GLY A 258 12.76 9.55 -23.02
CA GLY A 258 11.93 9.01 -24.07
C GLY A 258 12.35 7.66 -24.60
N LEU A 259 11.36 6.79 -24.85
CA LEU A 259 11.58 5.48 -25.48
C LEU A 259 10.40 5.17 -26.39
N THR A 260 10.69 4.76 -27.61
CA THR A 260 9.65 4.33 -28.53
C THR A 260 10.17 3.17 -29.36
N VAL A 261 9.30 2.19 -29.61
CA VAL A 261 9.70 1.00 -30.34
C VAL A 261 8.64 0.64 -31.38
N ASN A 262 9.07 -0.06 -32.42
CA ASN A 262 8.15 -0.71 -33.34
C ASN A 262 8.62 -2.15 -33.44
N SER A 263 8.24 -2.83 -34.52
CA SER A 263 8.56 -4.25 -34.63
C SER A 263 10.06 -4.51 -34.78
N GLU A 264 10.85 -3.53 -35.25
CA GLU A 264 12.25 -3.76 -35.55
C GLU A 264 13.23 -2.83 -34.82
N TYR A 265 12.81 -1.61 -34.48
CA TYR A 265 13.71 -0.56 -34.02
C TYR A 265 13.34 -0.08 -32.63
N LEU A 266 14.36 0.30 -31.86
CA LEU A 266 14.20 1.02 -30.61
C LEU A 266 14.79 2.41 -30.77
N ALA A 267 14.08 3.42 -30.28
CA ALA A 267 14.59 4.79 -30.34
C ALA A 267 14.47 5.43 -28.97
N CYS A 268 15.48 6.22 -28.60
CA CYS A 268 15.46 6.86 -27.29
C CYS A 268 16.15 8.22 -27.38
N GLY A 269 15.89 9.04 -26.37
CA GLY A 269 16.63 10.28 -26.20
C GLY A 269 17.95 10.09 -25.46
N SER A 270 18.55 11.23 -25.11
CA SER A 270 19.84 11.28 -24.43
C SER A 270 20.02 12.66 -23.84
N GLU A 271 20.93 12.75 -22.87
CA GLU A 271 21.23 14.00 -22.19
C GLU A 271 22.26 14.84 -22.95
N THR A 272 22.67 14.40 -24.15
CA THR A 272 23.49 15.20 -25.05
C THR A 272 22.65 15.81 -26.15
N ASN A 273 21.34 15.91 -25.94
CA ASN A 273 20.42 16.51 -26.90
C ASN A 273 20.35 15.68 -28.19
N GLU A 274 20.50 14.35 -28.08
CA GLU A 274 20.57 13.48 -29.24
C GLU A 274 19.52 12.38 -29.20
N VAL A 275 18.85 12.18 -30.35
CA VAL A 275 17.97 11.02 -30.54
C VAL A 275 18.81 9.87 -31.05
N TYR A 276 18.68 8.68 -30.46
CA TYR A 276 19.38 7.49 -30.94
C TYR A 276 18.40 6.46 -31.49
N VAL A 277 18.84 5.73 -32.52
CA VAL A 277 18.08 4.62 -33.08
C VAL A 277 18.92 3.36 -32.99
N TYR A 278 18.33 2.32 -32.40
CA TYR A 278 18.90 0.97 -32.40
C TYR A 278 18.05 0.03 -33.24
N HIS A 279 18.68 -0.81 -34.05
CA HIS A 279 18.01 -2.00 -34.55
C HIS A 279 17.98 -3.03 -33.44
N LYS A 280 16.87 -3.76 -33.31
CA LYS A 280 16.71 -4.61 -32.13
C LYS A 280 17.71 -5.76 -32.07
N GLU A 281 18.42 -6.06 -33.14
CA GLU A 281 19.39 -7.15 -33.09
C GLU A 281 20.82 -6.69 -32.88
N ILE A 282 21.08 -5.39 -32.90
CA ILE A 282 22.43 -4.84 -32.86
C ILE A 282 22.56 -3.99 -31.60
N THR A 283 23.63 -4.21 -30.84
CA THR A 283 23.76 -3.59 -29.52
C THR A 283 24.35 -2.18 -29.54
N ARG A 284 24.82 -1.69 -30.68
CA ARG A 284 25.31 -0.32 -30.80
C ARG A 284 24.36 0.46 -31.69
N PRO A 285 24.25 1.79 -31.53
CA PRO A 285 23.26 2.55 -32.31
C PRO A 285 23.57 2.53 -33.80
N VAL A 286 22.51 2.53 -34.61
CA VAL A 286 22.73 2.59 -36.05
C VAL A 286 22.86 4.03 -36.53
N THR A 287 22.20 4.99 -35.89
CA THR A 287 22.36 6.40 -36.23
C THR A 287 21.82 7.25 -35.08
N SER A 288 21.96 8.56 -35.23
CA SER A 288 21.50 9.49 -34.23
C SER A 288 21.31 10.85 -34.88
N HIS A 289 20.52 11.70 -34.21
CA HIS A 289 20.27 13.06 -34.67
C HIS A 289 20.49 14.01 -33.49
N ARG A 290 21.16 15.15 -33.75
CA ARG A 290 21.54 16.07 -32.68
C ARG A 290 20.69 17.34 -32.76
N PHE A 291 19.81 17.53 -31.78
CA PHE A 291 19.09 18.78 -31.62
C PHE A 291 20.04 19.90 -31.23
N GLY A 292 19.58 21.13 -31.40
CA GLY A 292 20.35 22.30 -31.03
C GLY A 292 20.50 23.28 -32.17
N SER A 293 20.73 24.56 -31.87
CA SER A 293 20.72 25.59 -32.90
C SER A 293 21.56 26.75 -32.43
N PRO A 294 22.02 27.63 -33.34
CA PRO A 294 22.77 28.80 -32.91
C PRO A 294 22.01 29.62 -31.87
N ASP A 295 20.71 29.86 -32.03
CA ASP A 295 20.07 30.72 -31.04
C ASP A 295 19.85 30.02 -29.71
N MET A 296 20.04 28.72 -29.65
CA MET A 296 19.98 28.04 -28.36
C MET A 296 21.35 27.72 -27.80
N ASP A 297 22.38 27.71 -28.64
CA ASP A 297 23.73 27.55 -28.14
C ASP A 297 24.05 28.63 -27.13
N ASP A 298 23.65 29.87 -27.43
CA ASP A 298 23.94 31.01 -26.57
C ASP A 298 22.70 31.75 -26.10
N ALA A 299 21.55 31.06 -26.04
CA ALA A 299 20.65 31.24 -24.90
C ALA A 299 21.22 30.34 -23.80
N GLU A 300 22.53 30.14 -23.92
CA GLU A 300 23.41 29.17 -23.29
C GLU A 300 22.83 28.10 -22.38
N GLU A 301 22.80 26.89 -22.92
CA GLU A 301 23.51 25.76 -22.36
C GLU A 301 23.14 24.44 -23.02
N GLU A 302 23.45 24.34 -24.31
CA GLU A 302 23.71 23.03 -24.88
C GLU A 302 25.08 22.47 -24.45
N ALA A 303 25.67 23.12 -23.44
CA ALA A 303 26.90 22.63 -22.82
C ALA A 303 26.68 21.27 -22.16
N GLY A 304 25.49 21.03 -21.65
CA GLY A 304 25.13 19.74 -21.10
C GLY A 304 23.70 19.71 -20.65
N SER A 305 23.03 20.85 -20.63
CA SER A 305 21.74 20.91 -19.98
C SER A 305 20.60 20.40 -20.85
N TYR A 306 20.66 20.58 -22.19
CA TYR A 306 19.52 20.22 -23.03
C TYR A 306 19.46 18.71 -23.22
N PHE A 307 18.26 18.15 -23.10
CA PHE A 307 18.06 16.72 -23.30
C PHE A 307 16.84 16.49 -24.18
N ILE A 308 16.92 15.42 -25.00
CA ILE A 308 15.72 14.90 -25.63
C ILE A 308 14.78 14.45 -24.53
N SER A 309 13.49 14.69 -24.70
CA SER A 309 12.54 14.42 -23.63
C SER A 309 11.33 13.57 -24.03
N ALA A 310 11.07 13.35 -25.31
CA ALA A 310 10.00 12.45 -25.70
C ALA A 310 10.17 12.06 -27.16
N VAL A 311 9.77 10.82 -27.46
CA VAL A 311 9.87 10.30 -28.82
C VAL A 311 8.67 9.38 -29.08
N CYS A 312 8.30 9.25 -30.34
CA CYS A 312 7.17 8.36 -30.69
C CYS A 312 7.25 7.98 -32.16
N TRP A 313 7.41 6.68 -32.45
CA TRP A 313 7.31 6.20 -33.83
C TRP A 313 5.88 6.37 -34.36
N LYS A 314 5.78 6.75 -35.63
CA LYS A 314 4.55 6.52 -36.36
C LYS A 314 4.32 5.01 -36.50
N SER A 315 3.09 4.56 -36.28
CA SER A 315 2.84 3.12 -36.21
C SER A 315 3.05 2.39 -37.54
N ASP A 316 2.99 3.10 -38.68
CA ASP A 316 3.02 2.47 -40.00
C ASP A 316 4.13 3.01 -40.90
N SER A 317 5.16 3.62 -40.33
CA SER A 317 6.22 4.23 -41.14
C SER A 317 7.46 4.38 -40.29
N PRO A 318 8.66 4.31 -40.89
CA PRO A 318 9.87 4.74 -40.17
C PRO A 318 9.95 6.26 -40.06
N THR A 319 8.93 6.84 -39.42
CA THR A 319 8.83 8.27 -39.14
C THR A 319 8.73 8.43 -37.63
N MET A 320 9.41 9.42 -37.07
CA MET A 320 9.50 9.52 -35.62
C MET A 320 9.20 10.95 -35.18
N LEU A 321 8.26 11.11 -34.24
CA LEU A 321 8.10 12.39 -33.58
C LEU A 321 9.14 12.49 -32.48
N THR A 322 9.70 13.68 -32.29
CA THR A 322 10.75 13.89 -31.31
C THR A 322 10.56 15.27 -30.69
N ALA A 323 10.93 15.40 -29.42
CA ALA A 323 10.85 16.71 -28.76
C ALA A 323 11.92 16.76 -27.67
N ASN A 324 12.33 17.97 -27.29
CA ASN A 324 13.39 18.07 -26.29
C ASN A 324 13.01 19.07 -25.20
N SER A 325 13.97 19.28 -24.30
CA SER A 325 13.73 20.02 -23.08
C SER A 325 13.50 21.50 -23.33
N GLN A 326 13.95 22.03 -24.48
CA GLN A 326 13.66 23.41 -24.84
C GLN A 326 12.33 23.58 -25.57
N GLY A 327 11.58 22.51 -25.80
CA GLY A 327 10.28 22.60 -26.44
C GLY A 327 10.29 22.45 -27.95
N THR A 328 11.44 22.17 -28.55
CA THR A 328 11.49 21.94 -29.98
C THR A 328 10.91 20.58 -30.35
N ILE A 329 10.05 20.56 -31.36
CA ILE A 329 9.46 19.33 -31.89
C ILE A 329 10.01 19.14 -33.29
N LYS A 330 10.47 17.93 -33.59
CA LYS A 330 10.86 17.60 -34.95
C LYS A 330 10.19 16.32 -35.40
N VAL A 331 9.84 16.27 -36.68
CA VAL A 331 9.48 15.02 -37.34
C VAL A 331 10.70 14.53 -38.10
N LEU A 332 11.19 13.34 -37.74
CA LEU A 332 12.35 12.73 -38.38
C LEU A 332 11.91 11.55 -39.23
N VAL A 333 12.69 11.25 -40.26
CA VAL A 333 12.51 10.02 -41.03
C VAL A 333 13.82 9.24 -41.03
N LEU A 334 13.70 7.93 -40.90
CA LEU A 334 14.85 7.04 -40.93
C LEU A 334 15.06 6.53 -42.36
N ALA A 335 16.28 6.65 -42.84
CA ALA A 335 16.61 6.25 -44.21
C ALA A 335 17.84 5.34 -44.23
N SER B 1 14.17 19.86 -10.01
CA SER B 1 14.01 19.95 -11.45
C SER B 1 13.01 18.95 -11.98
N ASP B 2 12.50 19.23 -13.16
CA ASP B 2 11.41 18.47 -13.76
C ASP B 2 11.95 17.35 -14.64
N GLN B 3 11.11 16.32 -14.80
CA GLN B 3 11.42 15.16 -15.63
C GLN B 3 12.73 14.47 -15.20
N ILE B 4 12.93 14.31 -13.90
CA ILE B 4 14.08 13.58 -13.36
C ILE B 4 13.59 12.22 -12.87
N VAL B 5 14.27 11.16 -13.27
CA VAL B 5 13.83 9.81 -12.88
C VAL B 5 14.11 9.58 -11.40
N PRO B 6 13.13 9.15 -10.61
CA PRO B 6 13.37 8.90 -9.18
C PRO B 6 14.44 7.84 -8.96
N GLU B 7 15.16 7.97 -7.86
CA GLU B 7 16.19 7.00 -7.47
C GLU B 7 15.74 6.21 -6.25
N TYR B 8 16.08 4.93 -6.24
CA TYR B 8 15.94 4.09 -5.05
C TYR B 8 16.95 2.95 -5.13
N SER C 15 -15.04 -15.94 43.61
CA SER C 15 -14.71 -15.07 42.48
C SER C 15 -15.96 -14.54 41.77
N ARG C 16 -16.17 -13.24 41.83
CA ARG C 16 -17.43 -12.63 41.38
C ARG C 16 -17.15 -11.24 40.83
N LEU C 17 -18.14 -10.67 40.16
CA LEU C 17 -18.14 -9.29 39.72
C LEU C 17 -19.30 -8.58 40.39
N ARG C 18 -19.02 -7.43 41.00
CA ARG C 18 -20.05 -6.59 41.60
C ARG C 18 -20.21 -5.31 40.82
N VAL C 19 -21.43 -4.77 40.81
CA VAL C 19 -21.72 -3.51 40.16
C VAL C 19 -21.62 -2.38 41.18
N ILE C 20 -20.84 -1.34 40.87
CA ILE C 20 -20.79 -0.17 41.76
C ILE C 20 -21.33 1.09 41.11
N ALA C 21 -21.70 1.06 39.83
CA ALA C 21 -22.39 2.18 39.19
C ALA C 21 -23.00 1.73 37.87
N GLU C 22 -24.09 2.38 37.48
CA GLU C 22 -24.74 2.15 36.20
C GLU C 22 -25.19 3.49 35.64
N ILE C 23 -24.92 3.69 34.36
CA ILE C 23 -25.30 4.92 33.64
C ILE C 23 -26.12 4.55 32.42
N ARG C 24 -27.31 5.11 32.31
CA ARG C 24 -28.08 5.03 31.06
C ARG C 24 -28.38 6.47 30.67
N HIS C 25 -27.63 6.97 29.71
CA HIS C 25 -27.77 8.35 29.27
C HIS C 25 -27.87 8.37 27.75
N GLY C 26 -28.85 9.12 27.25
CA GLY C 26 -29.12 9.21 25.81
C GLY C 26 -30.49 8.68 25.46
N ASP C 27 -30.76 8.62 24.15
CA ASP C 27 -32.07 8.21 23.66
C ASP C 27 -32.13 6.68 23.54
N ILE C 28 -32.02 6.05 24.70
CA ILE C 28 -31.71 4.62 24.77
C ILE C 28 -32.79 3.77 24.13
N PHE C 29 -34.05 4.17 24.26
CA PHE C 29 -35.15 3.33 23.79
C PHE C 29 -35.57 3.61 22.35
N HIS C 30 -34.99 4.59 21.67
CA HIS C 30 -35.48 4.92 20.33
C HIS C 30 -34.35 5.18 19.33
N SER C 31 -33.13 4.75 19.62
CA SER C 31 -32.05 4.99 18.68
C SER C 31 -30.96 3.96 18.93
N ALA C 32 -29.96 3.98 18.07
CA ALA C 32 -28.81 3.08 18.21
C ALA C 32 -27.79 3.72 19.14
N ASN C 33 -27.28 2.94 20.10
CA ASN C 33 -26.39 3.51 21.10
C ASN C 33 -25.24 2.57 21.44
N ILE C 34 -24.78 1.78 20.45
CA ILE C 34 -23.59 0.93 20.68
C ILE C 34 -22.43 1.78 21.15
N VAL C 35 -21.80 1.35 22.24
CA VAL C 35 -20.60 2.00 22.75
C VAL C 35 -19.41 1.24 22.18
N SER C 36 -18.71 1.85 21.23
CA SER C 36 -17.60 1.14 20.58
C SER C 36 -16.29 1.18 21.36
N SER C 37 -16.14 2.09 22.32
CA SER C 37 -14.88 2.27 23.02
C SER C 37 -15.17 2.91 24.39
N ILE C 38 -14.49 2.44 25.42
CA ILE C 38 -14.55 3.09 26.74
C ILE C 38 -13.14 3.10 27.32
N GLU C 39 -12.68 4.28 27.74
CA GLU C 39 -11.27 4.44 28.10
C GLU C 39 -11.10 5.46 29.21
N PHE C 40 -10.22 5.14 30.16
CA PHE C 40 -9.76 6.06 31.20
C PHE C 40 -8.73 7.04 30.65
N ASP C 41 -8.70 8.24 31.23
CA ASP C 41 -7.65 9.19 30.90
C ASP C 41 -6.35 8.81 31.63
N ARG C 42 -5.31 9.62 31.45
CA ARG C 42 -3.98 9.19 31.88
C ARG C 42 -3.89 8.98 33.39
N ASP C 43 -4.77 9.59 34.18
CA ASP C 43 -4.71 9.43 35.63
C ASP C 43 -5.87 8.62 36.19
N ASP C 44 -6.65 7.95 35.33
CA ASP C 44 -7.83 7.21 35.74
C ASP C 44 -8.82 8.12 36.48
N GLU C 45 -8.82 9.40 36.12
CA GLU C 45 -9.71 10.37 36.74
C GLU C 45 -10.99 10.58 35.95
N LEU C 46 -10.88 10.90 34.67
CA LEU C 46 -12.01 10.93 33.77
C LEU C 46 -12.00 9.68 32.91
N PHE C 47 -13.16 9.35 32.35
CA PHE C 47 -13.21 8.35 31.30
C PHE C 47 -14.15 8.81 30.21
N ALA C 48 -14.01 8.20 29.04
CA ALA C 48 -14.78 8.64 27.87
C ALA C 48 -15.36 7.43 27.15
N THR C 49 -16.53 7.64 26.54
CA THR C 49 -17.17 6.65 25.69
C THR C 49 -17.35 7.23 24.29
N ALA C 50 -17.28 6.37 23.28
CA ALA C 50 -17.63 6.73 21.92
C ALA C 50 -18.45 5.63 21.31
N GLY C 51 -19.27 5.98 20.34
CA GLY C 51 -19.99 4.94 19.65
C GLY C 51 -20.73 5.44 18.45
N VAL C 52 -21.70 4.63 18.02
CA VAL C 52 -22.53 4.94 16.86
C VAL C 52 -23.49 6.10 17.07
N SER C 53 -23.63 6.62 18.27
CA SER C 53 -24.50 7.77 18.35
C SER C 53 -23.79 9.07 17.93
N ARG C 54 -22.60 8.96 17.30
CA ARG C 54 -21.83 10.11 16.83
C ARG C 54 -21.56 11.13 17.94
N CYS C 55 -21.07 10.64 19.08
CA CYS C 55 -20.62 11.55 20.11
C CYS C 55 -19.53 10.91 20.96
N ILE C 56 -18.71 11.76 21.56
CA ILE C 56 -17.74 11.41 22.57
C ILE C 56 -18.25 12.00 23.88
N LYS C 57 -18.54 11.14 24.85
CA LYS C 57 -18.97 11.57 26.18
C LYS C 57 -17.82 11.41 27.15
N VAL C 58 -17.62 12.40 28.02
CA VAL C 58 -16.62 12.35 29.08
C VAL C 58 -17.34 12.33 30.43
N PHE C 59 -16.90 11.43 31.32
CA PHE C 59 -17.46 11.27 32.65
C PHE C 59 -16.37 11.44 33.71
N ASP C 60 -16.78 11.91 34.88
CA ASP C 60 -15.91 12.03 36.07
C ASP C 60 -16.05 10.75 36.88
N PHE C 61 -14.98 9.94 36.95
CA PHE C 61 -15.10 8.62 37.54
C PHE C 61 -15.52 8.68 39.01
N SER C 62 -14.87 9.55 39.80
CA SER C 62 -15.22 9.64 41.22
C SER C 62 -16.67 10.08 41.39
N SER C 63 -17.11 11.02 40.56
CA SER C 63 -18.51 11.45 40.60
C SER C 63 -19.45 10.29 40.28
N VAL C 64 -19.11 9.48 39.28
CA VAL C 64 -19.97 8.37 38.85
C VAL C 64 -20.16 7.35 39.97
N VAL C 65 -19.09 7.00 40.67
CA VAL C 65 -19.20 5.88 41.59
C VAL C 65 -19.52 6.31 43.01
N ASN C 66 -19.16 7.53 43.38
CA ASN C 66 -19.57 8.11 44.65
C ASN C 66 -20.85 8.92 44.49
N GLU C 67 -21.56 8.76 43.36
CA GLU C 67 -22.84 9.36 42.98
C GLU C 67 -23.99 8.73 43.74
N PRO C 68 -25.25 9.13 43.48
CA PRO C 68 -26.31 8.50 44.28
C PRO C 68 -26.89 7.12 43.85
N ALA C 69 -27.25 6.81 42.60
CA ALA C 69 -26.96 7.55 41.37
C ALA C 69 -28.17 8.34 40.85
N ASP C 70 -28.28 9.60 41.24
CA ASP C 70 -29.37 10.44 40.77
C ASP C 70 -29.03 10.93 39.35
N MET C 71 -29.85 10.52 38.38
CA MET C 71 -29.59 10.56 36.94
C MET C 71 -28.18 10.98 36.52
N GLN C 72 -27.35 9.98 36.32
CA GLN C 72 -26.00 10.19 35.85
C GLN C 72 -26.00 10.81 34.46
N CYS C 73 -25.07 11.72 34.23
CA CYS C 73 -24.88 12.30 32.91
C CYS C 73 -23.40 12.64 32.73
N PRO C 74 -22.92 12.79 31.50
CA PRO C 74 -21.52 13.14 31.31
C PRO C 74 -21.27 14.60 31.64
N ILE C 75 -19.99 14.92 31.85
CA ILE C 75 -19.64 16.32 32.07
C ILE C 75 -19.41 17.05 30.74
N VAL C 76 -19.11 16.31 29.68
CA VAL C 76 -18.84 16.82 28.33
C VAL C 76 -19.44 15.83 27.33
N GLU C 77 -20.09 16.34 26.29
CA GLU C 77 -20.46 15.55 25.12
C GLU C 77 -20.06 16.31 23.87
N MET C 78 -19.21 15.71 23.04
CA MET C 78 -18.75 16.32 21.79
C MET C 78 -19.40 15.57 20.64
N SER C 79 -20.19 16.27 19.85
CA SER C 79 -20.90 15.67 18.73
C SER C 79 -19.97 15.55 17.55
N THR C 80 -19.98 14.39 16.89
CA THR C 80 -19.08 14.16 15.76
C THR C 80 -19.87 13.98 14.46
N ARG C 81 -19.15 14.14 13.34
CA ARG C 81 -19.77 13.99 12.03
C ARG C 81 -20.18 12.55 11.74
N SER C 82 -19.38 11.58 12.19
CA SER C 82 -19.52 10.20 11.79
C SER C 82 -19.54 9.28 12.99
N LYS C 83 -19.99 8.05 12.77
CA LYS C 83 -19.94 7.02 13.81
C LYS C 83 -18.50 6.75 14.24
N LEU C 84 -18.29 6.53 15.53
CA LEU C 84 -16.95 6.36 16.08
C LEU C 84 -16.65 4.89 16.39
N SER C 85 -15.40 4.49 16.10
CA SER C 85 -14.95 3.14 16.39
C SER C 85 -14.05 3.03 17.61
N CYS C 86 -13.29 4.06 17.94
CA CYS C 86 -12.28 3.90 18.98
C CYS C 86 -11.89 5.25 19.57
N LEU C 87 -11.42 5.23 20.82
CA LEU C 87 -10.84 6.37 21.49
C LEU C 87 -9.49 5.99 22.09
N SER C 88 -8.62 7.00 22.20
CA SER C 88 -7.37 6.82 22.93
C SER C 88 -6.95 8.15 23.54
N TRP C 89 -6.88 8.19 24.87
CA TRP C 89 -6.43 9.40 25.53
C TRP C 89 -4.92 9.59 25.37
N ASN C 90 -4.51 10.86 25.28
CA ASN C 90 -3.09 11.17 25.28
C ASN C 90 -2.50 10.95 26.66
N LYS C 91 -1.28 10.42 26.69
CA LYS C 91 -0.64 10.06 27.95
C LYS C 91 0.10 11.23 28.59
N HIS C 92 0.38 12.29 27.83
CA HIS C 92 1.08 13.45 28.36
C HIS C 92 0.18 14.67 28.49
N GLU C 93 -0.56 15.02 27.44
CA GLU C 93 -1.57 16.08 27.50
C GLU C 93 -2.87 15.45 27.98
N LYS C 94 -3.17 15.56 29.28
CA LYS C 94 -4.22 14.71 29.84
C LYS C 94 -5.60 15.06 29.29
N ASN C 95 -5.79 16.26 28.76
CA ASN C 95 -7.08 16.67 28.22
C ASN C 95 -7.23 16.38 26.74
N HIS C 96 -6.26 15.73 26.10
CA HIS C 96 -6.37 15.42 24.67
C HIS C 96 -6.79 13.96 24.51
N ILE C 97 -7.67 13.71 23.54
CA ILE C 97 -8.13 12.36 23.26
C ILE C 97 -8.33 12.21 21.75
N ALA C 98 -7.86 11.10 21.20
CA ALA C 98 -8.03 10.78 19.78
C ALA C 98 -9.23 9.88 19.56
N SER C 99 -9.85 10.02 18.39
CA SER C 99 -10.93 9.14 17.93
C SER C 99 -10.67 8.70 16.49
N SER C 100 -11.14 7.51 16.16
CA SER C 100 -11.25 7.04 14.79
C SER C 100 -12.72 6.91 14.43
N ASP C 101 -13.07 7.14 13.17
CA ASP C 101 -14.48 7.07 12.81
C ASP C 101 -14.67 6.22 11.56
N TYR C 102 -15.95 6.00 11.23
CA TYR C 102 -16.34 5.10 10.16
C TYR C 102 -16.02 5.66 8.78
N GLU C 103 -15.66 6.94 8.68
CA GLU C 103 -15.24 7.47 7.40
C GLU C 103 -13.73 7.41 7.23
N GLY C 104 -13.00 6.95 8.22
CA GLY C 104 -11.55 6.89 8.15
C GLY C 104 -10.84 8.02 8.84
N ILE C 105 -11.57 9.00 9.36
CA ILE C 105 -10.90 10.17 9.90
C ILE C 105 -10.40 9.87 11.31
N VAL C 106 -9.19 10.35 11.59
CA VAL C 106 -8.60 10.29 12.92
C VAL C 106 -8.53 11.73 13.42
N THR C 107 -9.17 11.98 14.56
CA THR C 107 -9.35 13.33 15.09
C THR C 107 -8.77 13.39 16.49
N VAL C 108 -8.06 14.48 16.81
CA VAL C 108 -7.62 14.72 18.18
C VAL C 108 -8.42 15.87 18.75
N TRP C 109 -8.97 15.67 19.95
CA TRP C 109 -9.90 16.58 20.59
C TRP C 109 -9.33 17.11 21.91
N ASP C 110 -9.72 18.33 22.27
CA ASP C 110 -9.48 18.89 23.59
C ASP C 110 -10.79 18.79 24.36
N VAL C 111 -10.85 17.91 25.37
CA VAL C 111 -12.09 17.75 26.12
C VAL C 111 -12.39 18.95 27.00
N THR C 112 -11.44 19.86 27.19
CA THR C 112 -11.72 21.03 28.02
C THR C 112 -12.40 22.13 27.21
N THR C 113 -12.03 22.28 25.94
CA THR C 113 -12.69 23.25 25.08
C THR C 113 -13.75 22.65 24.18
N ARG C 114 -13.87 21.32 24.16
CA ARG C 114 -14.85 20.58 23.35
C ARG C 114 -14.64 20.80 21.86
N GLN C 115 -13.41 21.08 21.45
CA GLN C 115 -13.11 21.37 20.06
C GLN C 115 -12.10 20.37 19.52
N SER C 116 -12.16 20.14 18.22
CA SER C 116 -11.13 19.35 17.56
C SER C 116 -9.86 20.18 17.45
N LEU C 117 -8.72 19.53 17.65
CA LEU C 117 -7.40 20.16 17.50
C LEU C 117 -6.76 19.85 16.15
N MET C 118 -6.99 18.65 15.62
CA MET C 118 -6.27 18.12 14.49
C MET C 118 -7.15 17.06 13.85
N GLU C 119 -7.25 17.09 12.52
CA GLU C 119 -7.94 16.04 11.79
C GLU C 119 -7.00 15.43 10.75
N TYR C 120 -6.88 14.11 10.78
CA TYR C 120 -6.00 13.38 9.87
C TYR C 120 -6.87 12.55 8.94
N GLU C 121 -6.78 12.82 7.62
CA GLU C 121 -7.79 12.32 6.69
C GLU C 121 -7.24 11.41 5.59
N GLU C 122 -6.17 10.67 5.87
CA GLU C 122 -5.53 9.90 4.81
C GLU C 122 -6.23 8.57 4.56
N HIS C 123 -6.74 7.91 5.60
CA HIS C 123 -7.43 6.64 5.39
C HIS C 123 -8.59 6.80 4.41
N GLU C 124 -8.71 5.86 3.49
CA GLU C 124 -9.73 5.88 2.46
C GLU C 124 -10.99 5.12 2.84
N LYS C 125 -10.99 4.45 3.99
CA LYS C 125 -12.08 3.61 4.44
C LYS C 125 -12.17 3.74 5.95
N ARG C 126 -13.24 3.20 6.52
CA ARG C 126 -13.42 3.17 7.98
C ARG C 126 -12.13 2.80 8.72
N ALA C 127 -11.80 3.61 9.72
CA ALA C 127 -10.70 3.30 10.62
C ALA C 127 -11.28 2.64 11.87
N TRP C 128 -10.68 1.53 12.29
CA TRP C 128 -11.24 0.77 13.41
C TRP C 128 -10.62 1.12 14.75
N SER C 129 -9.41 1.67 14.77
CA SER C 129 -8.62 1.69 15.99
C SER C 129 -7.62 2.82 15.95
N VAL C 130 -7.37 3.38 17.12
CA VAL C 130 -6.33 4.40 17.35
C VAL C 130 -5.68 4.09 18.69
N ASP C 131 -4.39 4.45 18.80
CA ASP C 131 -3.69 4.30 20.07
C ASP C 131 -2.60 5.35 20.17
N PHE C 132 -2.63 6.12 21.26
CA PHE C 132 -1.57 7.07 21.59
C PHE C 132 -0.46 6.35 22.34
N SER C 133 0.77 6.56 21.89
CA SER C 133 1.93 6.01 22.57
C SER C 133 2.07 6.55 23.99
N ARG C 134 2.45 5.67 24.91
CA ARG C 134 2.80 6.10 26.26
C ARG C 134 4.18 6.73 26.32
N THR C 135 5.18 6.15 25.64
CA THR C 135 6.56 6.60 25.84
C THR C 135 7.02 7.67 24.86
N GLU C 136 6.30 7.88 23.77
CA GLU C 136 6.57 8.98 22.84
C GLU C 136 5.21 9.58 22.58
N PRO C 137 4.72 10.43 23.51
CA PRO C 137 3.28 10.65 23.61
C PRO C 137 2.70 11.50 22.51
N SER C 138 3.51 12.10 21.63
CA SER C 138 2.97 12.77 20.47
C SER C 138 2.64 11.81 19.33
N MET C 139 3.00 10.53 19.43
CA MET C 139 2.77 9.57 18.36
C MET C 139 1.46 8.81 18.55
N LEU C 140 0.73 8.67 17.45
CA LEU C 140 -0.60 8.11 17.40
C LEU C 140 -0.64 7.14 16.23
N VAL C 141 -1.12 5.91 16.45
CA VAL C 141 -1.21 4.96 15.37
C VAL C 141 -2.68 4.61 15.10
N SER C 142 -3.00 4.35 13.83
CA SER C 142 -4.36 3.99 13.43
C SER C 142 -4.34 2.85 12.41
N GLY C 143 -5.47 2.13 12.36
CA GLY C 143 -5.63 1.06 11.39
C GLY C 143 -7.04 1.06 10.81
N SER C 144 -7.16 0.53 9.59
CA SER C 144 -8.36 0.77 8.80
C SER C 144 -8.70 -0.41 7.91
N ASP C 145 -9.98 -0.44 7.51
CA ASP C 145 -10.47 -1.29 6.42
C ASP C 145 -9.73 -1.07 5.11
N ASP C 146 -9.01 0.06 4.94
CA ASP C 146 -8.23 0.26 3.73
C ASP C 146 -6.92 -0.53 3.73
N CYS C 147 -6.72 -1.37 4.76
CA CYS C 147 -5.58 -2.29 4.84
C CYS C 147 -4.28 -1.56 5.09
N LYS C 148 -4.34 -0.40 5.74
CA LYS C 148 -3.16 0.40 6.04
C LYS C 148 -3.05 0.62 7.53
N VAL C 149 -1.82 0.64 8.03
CA VAL C 149 -1.48 1.18 9.33
C VAL C 149 -0.82 2.53 9.11
N LYS C 150 -1.28 3.55 9.83
CA LYS C 150 -0.70 4.88 9.73
C LYS C 150 -0.22 5.34 11.10
N VAL C 151 0.99 5.90 11.12
CA VAL C 151 1.55 6.51 12.32
C VAL C 151 1.57 8.01 12.11
N TRP C 152 0.99 8.73 13.06
CA TRP C 152 0.88 10.18 13.00
C TRP C 152 1.70 10.78 14.14
N CYS C 153 2.13 12.01 13.93
CA CYS C 153 2.77 12.80 14.98
C CYS C 153 1.96 14.07 15.13
N THR C 154 1.58 14.41 16.37
CA THR C 154 0.73 15.57 16.53
C THR C 154 1.40 16.87 16.08
N ARG C 155 2.71 16.87 15.87
CA ARG C 155 3.38 18.07 15.37
C ARG C 155 3.40 18.16 13.85
N GLN C 156 2.84 17.18 13.14
CA GLN C 156 2.87 17.20 11.68
C GLN C 156 1.49 16.89 11.12
N GLU C 157 1.23 17.40 9.91
CA GLU C 157 -0.08 17.23 9.30
C GLU C 157 -0.22 15.94 8.51
N ALA C 158 0.88 15.43 7.97
CA ALA C 158 0.87 14.20 7.18
C ALA C 158 1.40 13.04 8.00
N SER C 159 0.98 11.82 7.63
CA SER C 159 1.44 10.64 8.35
C SER C 159 2.94 10.48 8.18
N VAL C 160 3.59 9.99 9.24
CA VAL C 160 5.03 9.85 9.24
C VAL C 160 5.47 8.45 8.86
N ILE C 161 4.62 7.44 9.07
CA ILE C 161 4.87 6.06 8.64
C ILE C 161 3.57 5.49 8.09
N ASN C 162 3.70 4.69 7.03
CA ASN C 162 2.56 4.03 6.41
C ASN C 162 2.93 2.59 6.10
N ILE C 163 2.12 1.64 6.57
CA ILE C 163 2.35 0.22 6.32
C ILE C 163 1.22 -0.30 5.43
N ASP C 164 1.57 -0.79 4.24
CA ASP C 164 0.58 -1.39 3.35
C ASP C 164 0.41 -2.85 3.74
N MET C 165 -0.73 -3.20 4.32
CA MET C 165 -1.01 -4.57 4.77
C MET C 165 -1.87 -5.30 3.74
N LYS C 166 -2.01 -6.61 3.94
CA LYS C 166 -2.75 -7.43 2.98
C LYS C 166 -4.25 -7.44 3.24
N ALA C 167 -4.69 -7.18 4.47
CA ALA C 167 -6.09 -7.32 4.84
C ALA C 167 -6.48 -6.21 5.79
N ASN C 168 -7.78 -6.16 6.11
CA ASN C 168 -8.34 -5.13 6.99
C ASN C 168 -7.59 -5.10 8.31
N ILE C 169 -7.29 -3.90 8.80
CA ILE C 169 -6.68 -3.74 10.11
C ILE C 169 -7.78 -3.45 11.13
N CYS C 170 -7.94 -4.36 12.08
CA CYS C 170 -9.00 -4.25 13.07
C CYS C 170 -8.55 -3.62 14.37
N CYS C 171 -7.26 -3.63 14.67
N CYS C 171 -7.25 -3.60 14.64
CA CYS C 171 -6.77 -3.11 15.94
CA CYS C 171 -6.77 -3.07 15.90
C CYS C 171 -5.28 -2.82 15.85
C CYS C 171 -5.28 -2.79 15.81
N VAL C 172 -4.84 -1.76 16.53
CA VAL C 172 -3.43 -1.39 16.61
C VAL C 172 -3.14 -0.98 18.05
N LYS C 173 -1.95 -1.31 18.53
CA LYS C 173 -1.58 -0.91 19.88
C LYS C 173 -0.07 -0.76 19.99
N TYR C 174 0.36 0.33 20.61
CA TYR C 174 1.77 0.52 20.92
C TYR C 174 2.24 -0.37 22.07
N ASN C 175 3.47 -0.84 21.97
CA ASN C 175 4.09 -1.48 23.12
C ASN C 175 4.14 -0.48 24.27
N PRO C 176 3.80 -0.90 25.50
CA PRO C 176 3.80 0.07 26.62
C PRO C 176 5.17 0.62 26.92
N GLY C 177 6.23 -0.07 26.53
CA GLY C 177 7.57 0.33 26.93
C GLY C 177 8.39 0.96 25.82
N SER C 178 7.88 0.97 24.60
CA SER C 178 8.63 1.51 23.49
C SER C 178 7.71 1.89 22.35
N SER C 179 7.88 3.11 21.86
CA SER C 179 7.14 3.60 20.71
C SER C 179 7.65 3.06 19.38
N ASN C 180 8.69 2.23 19.39
CA ASN C 180 9.17 1.65 18.15
C ASN C 180 8.49 0.32 17.81
N TYR C 181 7.59 -0.19 18.66
CA TYR C 181 6.91 -1.42 18.33
C TYR C 181 5.41 -1.27 18.44
N ILE C 182 4.68 -1.89 17.51
CA ILE C 182 3.23 -1.96 17.56
C ILE C 182 2.78 -3.38 17.30
N ALA C 183 1.67 -3.76 17.93
CA ALA C 183 0.93 -4.97 17.58
C ALA C 183 -0.24 -4.57 16.69
N VAL C 184 -0.45 -5.34 15.62
CA VAL C 184 -1.47 -5.05 14.62
C VAL C 184 -2.31 -6.30 14.44
N GLY C 185 -3.60 -6.22 14.75
CA GLY C 185 -4.50 -7.34 14.53
C GLY C 185 -5.18 -7.23 13.18
N SER C 186 -5.08 -8.29 12.40
CA SER C 186 -5.53 -8.26 11.01
C SER C 186 -6.67 -9.23 10.78
N ALA C 187 -7.49 -8.89 9.78
CA ALA C 187 -8.53 -9.80 9.30
C ALA C 187 -7.96 -11.03 8.63
N ASP C 188 -6.65 -11.08 8.38
CA ASP C 188 -6.04 -12.31 7.91
C ASP C 188 -5.77 -13.30 9.04
N HIS C 189 -6.29 -13.04 10.25
CA HIS C 189 -6.28 -13.93 11.43
C HIS C 189 -4.94 -13.93 12.18
N HIS C 190 -3.98 -13.10 11.79
CA HIS C 190 -2.69 -13.05 12.47
C HIS C 190 -2.50 -11.73 13.21
N ILE C 191 -1.65 -11.76 14.22
CA ILE C 191 -1.10 -10.54 14.80
C ILE C 191 0.23 -10.24 14.10
N HIS C 192 0.38 -9.04 13.58
CA HIS C 192 1.62 -8.61 12.95
C HIS C 192 2.32 -7.67 13.92
N TYR C 193 3.48 -8.07 14.42
CA TYR C 193 4.24 -7.28 15.39
C TYR C 193 5.35 -6.55 14.63
N TYR C 194 5.28 -5.22 14.59
CA TYR C 194 6.18 -4.41 13.78
C TYR C 194 7.20 -3.64 14.61
N ASP C 195 8.42 -3.58 14.09
CA ASP C 195 9.41 -2.60 14.51
C ASP C 195 9.27 -1.44 13.54
N LEU C 196 8.70 -0.32 14.01
CA LEU C 196 8.44 0.82 13.15
C LEU C 196 9.71 1.42 12.55
N ARG C 197 10.89 0.99 13.01
CA ARG C 197 12.13 1.47 12.40
C ARG C 197 12.45 0.73 11.11
N ASN C 198 11.87 -0.44 10.88
CA ASN C 198 12.08 -1.17 9.63
C ASN C 198 10.78 -1.91 9.30
N ILE C 199 9.92 -1.26 8.51
CA ILE C 199 8.60 -1.84 8.25
C ILE C 199 8.56 -2.66 6.97
N SER C 200 9.74 -2.96 6.39
CA SER C 200 9.75 -3.78 5.19
C SER C 200 9.14 -5.16 5.44
N GLN C 201 9.20 -5.64 6.68
CA GLN C 201 8.58 -6.89 7.09
C GLN C 201 8.22 -6.80 8.56
N PRO C 202 7.21 -7.52 9.03
CA PRO C 202 6.97 -7.57 10.47
C PRO C 202 8.12 -8.27 11.17
N LEU C 203 8.39 -7.86 12.40
CA LEU C 203 9.37 -8.54 13.23
C LEU C 203 8.91 -9.96 13.56
N HIS C 204 7.64 -10.10 13.93
CA HIS C 204 7.05 -11.40 14.26
C HIS C 204 5.62 -11.44 13.74
N VAL C 205 5.16 -12.63 13.36
CA VAL C 205 3.78 -12.87 12.98
C VAL C 205 3.24 -13.99 13.87
N PHE C 206 2.17 -13.71 14.60
CA PHE C 206 1.58 -14.66 15.54
C PHE C 206 0.34 -15.29 14.92
N SER C 207 0.40 -16.59 14.68
CA SER C 207 -0.67 -17.34 14.03
C SER C 207 -1.29 -18.32 15.02
N GLY C 208 -2.53 -18.69 14.75
CA GLY C 208 -3.29 -19.55 15.65
C GLY C 208 -4.78 -19.23 15.68
N HIS C 209 -5.14 -17.96 15.64
CA HIS C 209 -6.55 -17.62 15.59
C HIS C 209 -7.15 -18.11 14.28
N LYS C 210 -8.44 -18.45 14.33
CA LYS C 210 -9.17 -18.97 13.18
C LYS C 210 -10.03 -17.91 12.49
N LYS C 211 -10.10 -16.70 13.05
CA LYS C 211 -10.83 -15.60 12.46
C LYS C 211 -10.01 -14.33 12.67
N ALA C 212 -10.57 -13.19 12.23
CA ALA C 212 -9.89 -11.91 12.38
C ALA C 212 -9.51 -11.67 13.83
N VAL C 213 -8.39 -11.00 14.04
CA VAL C 213 -7.94 -10.56 15.36
C VAL C 213 -8.56 -9.20 15.63
N SER C 214 -9.52 -9.13 16.56
CA SER C 214 -10.29 -7.90 16.72
C SER C 214 -9.68 -6.93 17.74
N TYR C 215 -8.86 -7.41 18.66
CA TYR C 215 -8.18 -6.61 19.67
C TYR C 215 -6.80 -7.17 19.95
N VAL C 216 -5.89 -6.26 20.29
CA VAL C 216 -4.57 -6.61 20.82
C VAL C 216 -4.28 -5.66 21.99
N LYS C 217 -3.87 -6.23 23.11
CA LYS C 217 -3.61 -5.46 24.33
C LYS C 217 -2.42 -6.06 25.06
N PHE C 218 -1.52 -5.21 25.53
CA PHE C 218 -0.30 -5.64 26.22
C PHE C 218 -0.55 -5.79 27.71
N LEU C 219 -0.21 -6.96 28.27
CA LEU C 219 -0.13 -7.09 29.71
C LEU C 219 1.14 -6.47 30.25
N SER C 220 2.19 -6.41 29.44
CA SER C 220 3.50 -5.94 29.85
C SER C 220 4.33 -5.72 28.58
N ASN C 221 5.60 -5.35 28.75
CA ASN C 221 6.45 -5.11 27.59
C ASN C 221 6.58 -6.35 26.71
N ASN C 222 6.48 -7.55 27.28
CA ASN C 222 6.71 -8.77 26.53
C ASN C 222 5.49 -9.67 26.39
N GLU C 223 4.38 -9.39 27.08
CA GLU C 223 3.19 -10.23 27.07
C GLU C 223 2.06 -9.52 26.33
N LEU C 224 1.55 -10.14 25.28
CA LEU C 224 0.49 -9.58 24.46
C LEU C 224 -0.72 -10.50 24.50
N ALA C 225 -1.91 -9.93 24.71
CA ALA C 225 -3.15 -10.67 24.57
C ALA C 225 -3.87 -10.24 23.29
N SER C 226 -4.58 -11.18 22.69
CA SER C 226 -5.43 -10.91 21.53
C SER C 226 -6.81 -11.50 21.75
N ALA C 227 -7.77 -10.91 21.04
CA ALA C 227 -9.12 -11.46 20.92
C ALA C 227 -9.44 -11.67 19.44
N SER C 228 -10.35 -12.59 19.18
CA SER C 228 -10.72 -12.93 17.81
C SER C 228 -12.15 -13.44 17.79
N THR C 229 -12.78 -13.37 16.60
CA THR C 229 -14.15 -13.84 16.46
C THR C 229 -14.17 -15.36 16.21
N ASP C 230 -13.17 -16.06 16.74
CA ASP C 230 -13.20 -17.51 16.86
C ASP C 230 -13.53 -17.95 18.28
N SER C 231 -14.07 -17.02 19.08
CA SER C 231 -14.44 -17.27 20.47
C SER C 231 -13.24 -17.68 21.32
N THR C 232 -12.05 -17.12 21.03
CA THR C 232 -10.93 -17.28 21.93
C THR C 232 -10.27 -15.95 22.21
N LEU C 233 -9.64 -15.88 23.38
CA LEU C 233 -8.52 -14.97 23.58
C LEU C 233 -7.24 -15.79 23.56
N ARG C 234 -6.13 -15.16 23.22
CA ARG C 234 -4.84 -15.84 23.25
C ARG C 234 -3.79 -14.95 23.88
N LEU C 235 -2.76 -15.57 24.45
CA LEU C 235 -1.65 -14.89 25.09
C LEU C 235 -0.38 -15.27 24.35
N TRP C 236 0.50 -14.30 24.12
CA TRP C 236 1.69 -14.43 23.30
C TRP C 236 2.89 -13.81 24.00
N ASP C 237 4.06 -14.38 23.74
CA ASP C 237 5.32 -13.86 24.23
C ASP C 237 5.95 -13.13 23.05
N VAL C 238 5.97 -11.82 23.13
CA VAL C 238 6.35 -10.97 22.01
C VAL C 238 7.86 -10.88 21.88
N LYS C 239 8.60 -11.14 22.96
CA LYS C 239 10.06 -11.10 22.91
C LYS C 239 10.64 -12.42 22.44
N ASP C 240 10.06 -13.54 22.90
CA ASP C 240 10.53 -14.88 22.57
C ASP C 240 9.75 -15.51 21.42
N ASN C 241 8.74 -14.81 20.88
CA ASN C 241 8.06 -15.25 19.66
C ASN C 241 7.38 -16.60 19.86
N LEU C 242 6.55 -16.68 20.90
CA LEU C 242 5.90 -17.92 21.32
C LEU C 242 4.40 -17.74 21.55
N PRO C 243 3.59 -18.76 21.23
CA PRO C 243 2.22 -18.82 21.73
C PRO C 243 2.26 -19.30 23.16
N VAL C 244 1.47 -18.69 24.04
CA VAL C 244 1.51 -19.00 25.47
C VAL C 244 0.27 -19.76 25.94
N ARG C 245 -0.92 -19.28 25.59
CA ARG C 245 -2.15 -19.85 26.16
C ARG C 245 -3.35 -19.40 25.33
N THR C 246 -4.37 -20.25 25.29
CA THR C 246 -5.66 -19.99 24.67
C THR C 246 -6.75 -20.04 25.74
N PHE C 247 -7.72 -19.14 25.65
CA PHE C 247 -8.79 -19.00 26.63
C PHE C 247 -10.13 -19.16 25.93
N ARG C 248 -11.02 -19.97 26.51
CA ARG C 248 -12.33 -20.23 25.92
C ARG C 248 -13.39 -20.25 27.00
N GLY C 249 -14.60 -19.91 26.58
CA GLY C 249 -15.73 -19.93 27.50
C GLY C 249 -16.76 -18.87 27.17
N HIS C 250 -16.35 -17.86 26.40
CA HIS C 250 -17.25 -16.78 25.99
C HIS C 250 -17.64 -16.94 24.53
N THR C 251 -18.76 -16.34 24.16
CA THR C 251 -19.30 -16.42 22.80
C THR C 251 -18.93 -15.15 22.05
N ASN C 252 -18.03 -15.27 21.07
CA ASN C 252 -17.67 -14.11 20.23
C ASN C 252 -17.38 -14.63 18.82
N GLU C 253 -18.42 -14.65 17.99
CA GLU C 253 -18.33 -15.10 16.62
C GLU C 253 -18.54 -14.01 15.58
N LYS C 254 -18.90 -12.78 15.99
CA LYS C 254 -19.34 -11.78 15.02
C LYS C 254 -18.85 -10.34 15.30
N ASN C 255 -19.06 -9.86 16.53
CA ASN C 255 -18.96 -8.45 16.83
C ASN C 255 -17.62 -8.10 17.48
N PHE C 256 -17.33 -6.80 17.48
CA PHE C 256 -16.31 -6.25 18.38
C PHE C 256 -16.92 -6.19 19.77
N VAL C 257 -16.43 -7.00 20.72
CA VAL C 257 -17.04 -7.06 22.04
C VAL C 257 -16.13 -6.56 23.16
N GLY C 258 -14.92 -6.10 22.83
CA GLY C 258 -14.10 -5.47 23.85
C GLY C 258 -13.07 -6.42 24.43
N LEU C 259 -11.85 -5.91 24.67
CA LEU C 259 -10.80 -6.64 25.37
C LEU C 259 -10.03 -5.68 26.25
N THR C 260 -9.78 -6.07 27.50
CA THR C 260 -8.93 -5.25 28.35
C THR C 260 -8.12 -6.17 29.25
N VAL C 261 -6.85 -5.79 29.50
CA VAL C 261 -5.94 -6.64 30.27
C VAL C 261 -5.15 -5.80 31.28
N ASN C 262 -4.69 -6.47 32.33
CA ASN C 262 -3.72 -5.87 33.24
C ASN C 262 -2.64 -6.93 33.42
N SER C 263 -1.84 -6.80 34.48
CA SER C 263 -0.71 -7.72 34.66
C SER C 263 -1.16 -9.16 34.95
N GLU C 264 -2.40 -9.38 35.39
CA GLU C 264 -2.84 -10.69 35.80
C GLU C 264 -4.12 -11.20 35.12
N TYR C 265 -5.00 -10.31 34.65
CA TYR C 265 -6.34 -10.71 34.22
C TYR C 265 -6.64 -10.22 32.80
N LEU C 266 -7.45 -11.00 32.10
CA LEU C 266 -8.01 -10.59 30.80
C LEU C 266 -9.52 -10.47 30.98
N ALA C 267 -10.10 -9.41 30.42
CA ALA C 267 -11.55 -9.28 30.44
C ALA C 267 -12.06 -9.04 29.03
N CYS C 268 -13.20 -9.64 28.68
CA CYS C 268 -13.74 -9.41 27.34
C CYS C 268 -15.26 -9.45 27.38
N GLY C 269 -15.87 -8.95 26.32
CA GLY C 269 -17.30 -9.06 26.11
C GLY C 269 -17.70 -10.37 25.47
N SER C 270 -18.97 -10.44 25.10
CA SER C 270 -19.56 -11.63 24.49
C SER C 270 -20.89 -11.25 23.85
N GLU C 271 -21.32 -12.10 22.94
CA GLU C 271 -22.57 -11.88 22.24
C GLU C 271 -23.79 -12.39 23.02
N THR C 272 -23.59 -12.79 24.28
CA THR C 272 -24.68 -13.15 25.18
C THR C 272 -24.91 -12.07 26.23
N ASN C 273 -24.46 -10.85 25.95
CA ASN C 273 -24.58 -9.71 26.86
C ASN C 273 -23.81 -9.94 28.16
N GLU C 274 -22.67 -10.64 28.10
CA GLU C 274 -21.94 -11.00 29.30
C GLU C 274 -20.48 -10.56 29.23
N VAL C 275 -20.01 -9.96 30.33
CA VAL C 275 -18.61 -9.64 30.53
C VAL C 275 -17.95 -10.84 31.19
N TYR C 276 -16.80 -11.27 30.67
CA TYR C 276 -16.06 -12.40 31.20
C TYR C 276 -14.69 -11.96 31.70
N VAL C 277 -14.21 -12.59 32.77
CA VAL C 277 -12.88 -12.34 33.29
C VAL C 277 -12.12 -13.66 33.31
N TYR C 278 -10.92 -13.64 32.79
CA TYR C 278 -9.99 -14.76 32.88
C TYR C 278 -8.76 -14.36 33.69
N HIS C 279 -8.29 -15.26 34.54
CA HIS C 279 -6.90 -15.15 35.02
C HIS C 279 -5.99 -15.68 33.92
N LYS C 280 -4.86 -14.99 33.71
CA LYS C 280 -4.03 -15.32 32.56
C LYS C 280 -3.44 -16.72 32.64
N GLU C 281 -3.48 -17.36 33.82
CA GLU C 281 -2.96 -18.72 33.94
C GLU C 281 -4.03 -19.80 33.79
N ILE C 282 -5.31 -19.45 33.67
CA ILE C 282 -6.39 -20.42 33.68
C ILE C 282 -7.23 -20.24 32.42
N THR C 283 -7.50 -21.35 31.71
CA THR C 283 -8.06 -21.26 30.36
C THR C 283 -9.58 -21.17 30.33
N ARG C 284 -10.24 -21.27 31.46
CA ARG C 284 -11.69 -21.09 31.52
C ARG C 284 -11.98 -19.88 32.39
N PRO C 285 -13.08 -19.15 32.14
CA PRO C 285 -13.31 -17.91 32.87
C PRO C 285 -13.41 -18.13 34.37
N VAL C 286 -12.93 -17.14 35.14
CA VAL C 286 -13.11 -17.24 36.58
C VAL C 286 -14.45 -16.64 37.02
N THR C 287 -15.03 -15.71 36.26
CA THR C 287 -16.35 -15.20 36.58
C THR C 287 -16.90 -14.44 35.38
N SER C 288 -18.15 -13.99 35.52
CA SER C 288 -18.80 -13.25 34.44
C SER C 288 -19.92 -12.45 35.05
N HIS C 289 -20.35 -11.40 34.31
CA HIS C 289 -21.47 -10.56 34.72
C HIS C 289 -22.43 -10.42 33.55
N ARG C 290 -23.74 -10.52 33.81
CA ARG C 290 -24.75 -10.52 32.74
C ARG C 290 -25.48 -9.18 32.73
N PHE C 291 -25.30 -8.43 31.65
CA PHE C 291 -26.13 -7.25 31.37
C PHE C 291 -27.54 -7.68 31.00
N GLY C 292 -28.46 -6.71 31.07
CA GLY C 292 -29.85 -6.92 30.68
C GLY C 292 -30.82 -6.53 31.79
N SER C 293 -32.06 -6.20 31.43
CA SER C 293 -33.04 -5.68 32.38
C SER C 293 -34.43 -6.01 31.89
N PRO C 294 -35.43 -6.00 32.77
CA PRO C 294 -36.82 -6.23 32.31
C PRO C 294 -37.24 -5.29 31.20
N ASP C 295 -36.88 -4.00 31.27
CA ASP C 295 -37.35 -3.13 30.22
C ASP C 295 -36.58 -3.28 28.92
N MET C 296 -35.49 -4.07 28.88
CA MET C 296 -34.84 -4.37 27.62
C MET C 296 -35.09 -5.78 27.10
N ASP C 297 -35.58 -6.69 27.94
CA ASP C 297 -35.85 -8.06 27.50
C ASP C 297 -36.83 -8.09 26.33
N ASP C 298 -37.84 -7.22 26.36
CA ASP C 298 -38.90 -7.00 25.36
C ASP C 298 -38.51 -7.14 23.89
N ALA C 299 -37.92 -6.07 23.31
CA ALA C 299 -37.47 -5.92 21.93
C ALA C 299 -36.41 -6.92 21.58
N GLU C 300 -36.12 -7.80 22.53
CA GLU C 300 -35.43 -9.05 22.30
C GLU C 300 -33.94 -8.81 22.38
N GLU C 301 -33.29 -9.55 23.28
CA GLU C 301 -31.89 -9.95 23.20
C GLU C 301 -31.24 -10.14 24.57
N ALA C 303 -33.12 -12.72 23.28
CA ALA C 303 -32.80 -13.61 22.18
C ALA C 303 -31.62 -13.12 21.35
N GLY C 304 -30.46 -13.01 22.01
CA GLY C 304 -29.19 -13.09 21.35
C GLY C 304 -28.67 -11.87 20.64
N SER C 305 -29.41 -10.76 20.61
CA SER C 305 -28.87 -9.68 19.81
C SER C 305 -28.04 -8.68 20.62
N TYR C 306 -28.18 -8.61 21.95
CA TYR C 306 -27.41 -7.63 22.72
C TYR C 306 -26.02 -8.19 23.00
N PHE C 307 -25.01 -7.36 22.80
CA PHE C 307 -23.64 -7.79 23.06
C PHE C 307 -22.92 -6.75 23.89
N ILE C 308 -22.01 -7.20 24.75
CA ILE C 308 -21.06 -6.27 25.34
C ILE C 308 -20.23 -5.69 24.21
N SER C 309 -19.91 -4.41 24.29
CA SER C 309 -19.22 -3.75 23.17
C SER C 309 -17.92 -3.06 23.53
N ALA C 310 -17.64 -2.79 24.80
CA ALA C 310 -16.40 -2.12 25.19
C ALA C 310 -16.11 -2.41 26.66
N VAL C 311 -14.82 -2.62 26.98
CA VAL C 311 -14.39 -2.84 28.37
C VAL C 311 -13.05 -2.15 28.59
N CYS C 312 -12.79 -1.75 29.84
CA CYS C 312 -11.52 -1.08 30.17
C CYS C 312 -11.20 -1.18 31.66
N TRP C 313 -10.14 -1.93 32.02
CA TRP C 313 -9.69 -1.93 33.40
C TRP C 313 -9.23 -0.54 33.85
N LYS C 314 -9.52 -0.21 35.10
CA LYS C 314 -8.78 0.82 35.81
C LYS C 314 -7.38 0.28 36.13
N SER C 315 -6.37 1.12 35.93
CA SER C 315 -4.97 0.70 36.11
C SER C 315 -4.67 0.26 37.54
N ASP C 316 -4.03 -0.92 37.67
CA ASP C 316 -3.62 -1.47 38.96
C ASP C 316 -4.78 -1.58 39.93
N SER C 317 -5.87 -2.20 39.46
CA SER C 317 -7.13 -2.08 40.19
C SER C 317 -8.03 -3.25 39.82
N PRO C 318 -8.96 -3.63 40.70
CA PRO C 318 -9.99 -4.58 40.32
C PRO C 318 -11.19 -3.96 39.63
N THR C 319 -11.20 -2.64 39.45
CA THR C 319 -12.35 -1.97 38.87
C THR C 319 -12.28 -2.00 37.35
N MET C 320 -13.44 -2.14 36.72
CA MET C 320 -13.52 -2.25 35.26
C MET C 320 -14.68 -1.40 34.75
N LEU C 321 -14.41 -0.58 33.71
CA LEU C 321 -15.47 0.06 32.94
C LEU C 321 -16.01 -0.91 31.90
N THR C 322 -17.33 -0.90 31.70
CA THR C 322 -17.96 -1.81 30.74
C THR C 322 -19.11 -1.08 30.07
N ALA C 323 -19.42 -1.48 28.83
CA ALA C 323 -20.56 -0.90 28.12
C ALA C 323 -21.07 -1.90 27.09
N ASN C 324 -22.35 -1.76 26.72
CA ASN C 324 -22.93 -2.74 25.78
C ASN C 324 -23.64 -2.06 24.61
N SER C 325 -24.22 -2.90 23.75
CA SER C 325 -24.72 -2.48 22.46
C SER C 325 -25.98 -1.63 22.59
N GLN C 326 -26.67 -1.72 23.72
CA GLN C 326 -27.82 -0.88 24.01
C GLN C 326 -27.45 0.47 24.62
N GLY C 327 -26.18 0.69 24.92
CA GLY C 327 -25.75 1.96 25.47
C GLY C 327 -25.62 2.01 26.98
N THR C 328 -25.85 0.90 27.68
CA THR C 328 -25.66 0.88 29.12
C THR C 328 -24.19 0.87 29.46
N ILE C 329 -23.80 1.70 30.43
CA ILE C 329 -22.46 1.70 31.01
C ILE C 329 -22.55 1.17 32.44
N LYS C 330 -21.66 0.24 32.80
CA LYS C 330 -21.51 -0.14 34.20
C LYS C 330 -20.07 -0.03 34.64
N VAL C 331 -19.88 0.34 35.90
CA VAL C 331 -18.60 0.17 36.58
C VAL C 331 -18.67 -1.10 37.39
N LEU C 332 -17.80 -2.07 37.10
CA LEU C 332 -17.81 -3.34 37.80
C LEU C 332 -16.55 -3.45 38.65
N VAL C 333 -16.59 -4.30 39.67
CA VAL C 333 -15.40 -4.57 40.47
C VAL C 333 -15.19 -6.08 40.56
N LEU C 334 -13.97 -6.52 40.26
CA LEU C 334 -13.60 -7.93 40.39
C LEU C 334 -13.30 -8.26 41.85
N ALA C 335 -13.98 -9.28 42.39
CA ALA C 335 -13.65 -9.83 43.70
C ALA C 335 -13.06 -11.21 43.44
N ALA C 336 -11.74 -11.25 43.23
CA ALA C 336 -11.06 -12.48 42.85
C ALA C 336 -11.14 -13.53 43.96
N SER D 1 -25.71 -3.35 11.25
CA SER D 1 -24.47 -3.93 10.74
C SER D 1 -23.22 -3.22 11.26
N ASP D 2 -23.33 -2.54 12.39
CA ASP D 2 -22.23 -1.80 12.98
C ASP D 2 -21.44 -2.66 13.96
N GLN D 3 -20.17 -2.32 14.13
CA GLN D 3 -19.26 -3.03 15.04
C GLN D 3 -19.21 -4.52 14.73
N ILE D 4 -19.17 -4.87 13.45
CA ILE D 4 -18.97 -6.24 13.00
C ILE D 4 -17.51 -6.40 12.60
N VAL D 5 -16.86 -7.44 13.10
CA VAL D 5 -15.44 -7.62 12.75
C VAL D 5 -15.33 -8.07 11.30
N PRO D 6 -14.48 -7.43 10.48
CA PRO D 6 -14.36 -7.82 9.08
C PRO D 6 -13.88 -9.25 8.94
N GLU D 7 -14.29 -9.89 7.85
CA GLU D 7 -13.85 -11.23 7.51
C GLU D 7 -12.90 -11.19 6.32
N TYR D 8 -11.87 -12.02 6.39
CA TYR D 8 -10.97 -12.27 5.26
C TYR D 8 -10.34 -13.65 5.48
N ARG E 13 -19.43 1.14 0.13
CA ARG E 13 -19.03 0.26 1.22
C ARG E 13 -18.00 -0.76 0.75
N TYR E 14 -18.47 -1.92 0.31
CA TYR E 14 -17.58 -2.85 -0.36
C TYR E 14 -17.19 -2.30 -1.72
N SER E 15 -16.00 -2.68 -2.18
CA SER E 15 -15.56 -2.21 -3.48
C SER E 15 -14.74 -3.23 -4.25
N ARG E 16 -14.45 -4.38 -3.68
CA ARG E 16 -13.64 -5.35 -4.40
C ARG E 16 -14.00 -6.75 -3.93
N LEU E 17 -13.59 -7.73 -4.73
CA LEU E 17 -13.67 -9.14 -4.39
C LEU E 17 -12.25 -9.68 -4.30
N ARG E 18 -11.98 -10.41 -3.22
CA ARG E 18 -10.65 -10.94 -2.97
C ARG E 18 -10.66 -12.46 -2.98
N VAL E 19 -9.63 -13.05 -3.59
CA VAL E 19 -9.49 -14.49 -3.63
C VAL E 19 -8.84 -14.94 -2.33
N ILE E 20 -9.47 -15.86 -1.61
CA ILE E 20 -8.86 -16.44 -0.43
C ILE E 20 -8.58 -17.93 -0.57
N ALA E 21 -9.13 -18.60 -1.58
CA ALA E 21 -8.71 -19.97 -1.85
C ALA E 21 -9.03 -20.30 -3.30
N GLU E 22 -8.27 -21.24 -3.85
CA GLU E 22 -8.42 -21.65 -5.23
C GLU E 22 -8.19 -23.15 -5.32
N ILE E 23 -9.08 -23.85 -6.02
CA ILE E 23 -9.02 -25.31 -6.14
C ILE E 23 -9.10 -25.67 -7.61
N ARG E 24 -8.06 -26.33 -8.13
CA ARG E 24 -8.09 -26.96 -9.43
C ARG E 24 -7.84 -28.44 -9.18
N HIS E 25 -8.90 -29.23 -9.32
CA HIS E 25 -8.82 -30.65 -9.04
C HIS E 25 -9.55 -31.39 -10.15
N GLY E 26 -8.89 -32.37 -10.75
CA GLY E 26 -9.41 -33.08 -11.90
C GLY E 26 -8.45 -33.04 -13.07
N ASP E 27 -8.91 -33.60 -14.19
CA ASP E 27 -8.15 -33.64 -15.43
C ASP E 27 -8.43 -32.37 -16.21
N ILE E 28 -7.98 -31.24 -15.63
CA ILE E 28 -8.45 -29.93 -16.06
C ILE E 28 -8.03 -29.62 -17.49
N PHE E 29 -6.88 -30.11 -17.91
CA PHE E 29 -6.36 -29.70 -19.22
C PHE E 29 -6.71 -30.66 -20.35
N HIS E 30 -7.40 -31.77 -20.07
CA HIS E 30 -7.67 -32.76 -21.11
C HIS E 30 -9.10 -33.26 -21.11
N SER E 31 -10.02 -32.62 -20.39
CA SER E 31 -11.40 -33.05 -20.39
C SER E 31 -12.29 -31.85 -20.10
N ALA E 32 -13.61 -32.08 -20.15
CA ALA E 32 -14.57 -31.05 -19.83
C ALA E 32 -14.83 -31.05 -18.33
N ASN E 33 -14.93 -29.86 -17.73
CA ASN E 33 -15.04 -29.76 -16.29
C ASN E 33 -15.95 -28.61 -15.87
N ILE E 34 -16.99 -28.32 -16.66
CA ILE E 34 -17.95 -27.29 -16.27
C ILE E 34 -18.55 -27.66 -14.92
N VAL E 35 -18.58 -26.70 -14.00
CA VAL E 35 -19.19 -26.89 -12.69
C VAL E 35 -20.59 -26.30 -12.75
N SER E 36 -21.60 -27.15 -12.75
CA SER E 36 -22.97 -26.66 -12.94
C SER E 36 -23.62 -26.20 -11.63
N SER E 37 -23.08 -26.61 -10.48
CA SER E 37 -23.69 -26.32 -9.20
C SER E 37 -22.60 -26.30 -8.12
N ILE E 38 -22.67 -25.32 -7.23
CA ILE E 38 -21.81 -25.29 -6.05
C ILE E 38 -22.67 -24.84 -4.87
N GLU E 39 -22.65 -25.61 -3.77
CA GLU E 39 -23.61 -25.37 -2.69
C GLU E 39 -23.03 -25.76 -1.33
N PHE E 40 -23.26 -24.90 -0.34
CA PHE E 40 -22.97 -25.19 1.06
C PHE E 40 -24.01 -26.13 1.66
N ASP E 41 -23.58 -26.94 2.64
CA ASP E 41 -24.51 -27.78 3.38
C ASP E 41 -25.25 -26.93 4.42
N ARG E 42 -26.05 -27.59 5.26
CA ARG E 42 -26.97 -26.89 6.16
C ARG E 42 -26.23 -25.94 7.10
N ASP E 43 -25.04 -26.32 7.53
CA ASP E 43 -24.28 -25.55 8.52
C ASP E 43 -23.15 -24.73 7.90
N ASP E 44 -23.10 -24.62 6.57
CA ASP E 44 -22.00 -23.93 5.89
C ASP E 44 -20.65 -24.53 6.25
N GLU E 45 -20.62 -25.83 6.53
CA GLU E 45 -19.41 -26.50 6.96
C GLU E 45 -18.75 -27.25 5.81
N LEU E 46 -19.53 -28.04 5.06
CA LEU E 46 -19.08 -28.65 3.82
C LEU E 46 -19.71 -27.92 2.65
N PHE E 47 -19.09 -28.05 1.48
CA PHE E 47 -19.76 -27.64 0.25
C PHE E 47 -19.50 -28.70 -0.82
N ALA E 48 -20.35 -28.70 -1.83
CA ALA E 48 -20.29 -29.72 -2.87
C ALA E 48 -20.33 -29.05 -4.23
N THR E 49 -19.64 -29.65 -5.20
CA THR E 49 -19.72 -29.25 -6.60
C THR E 49 -20.24 -30.40 -7.45
N ALA E 50 -20.94 -30.05 -8.52
CA ALA E 50 -21.30 -31.03 -9.53
C ALA E 50 -21.10 -30.40 -10.90
N GLY E 51 -21.03 -31.25 -11.91
CA GLY E 51 -21.04 -30.73 -13.25
C GLY E 51 -20.93 -31.86 -14.25
N VAL E 52 -20.56 -31.46 -15.47
CA VAL E 52 -20.49 -32.36 -16.62
C VAL E 52 -19.41 -33.41 -16.51
N SER E 53 -18.54 -33.31 -15.52
CA SER E 53 -17.58 -34.40 -15.34
C SER E 53 -18.21 -35.64 -14.71
N ARG E 54 -19.53 -35.68 -14.49
CA ARG E 54 -20.21 -36.85 -13.92
C ARG E 54 -19.65 -37.21 -12.55
N CYS E 55 -19.54 -36.21 -11.68
CA CYS E 55 -19.10 -36.48 -10.32
C CYS E 55 -19.64 -35.39 -9.40
N ILE E 56 -19.93 -35.81 -8.17
CA ILE E 56 -20.23 -34.93 -7.06
C ILE E 56 -19.00 -34.94 -6.15
N LYS E 57 -18.43 -33.76 -5.93
CA LYS E 57 -17.29 -33.59 -5.03
C LYS E 57 -17.74 -32.84 -3.78
N VAL E 58 -17.30 -33.30 -2.62
CA VAL E 58 -17.58 -32.65 -1.34
C VAL E 58 -16.26 -32.17 -0.73
N PHE E 59 -16.24 -30.91 -0.28
CA PHE E 59 -15.09 -30.26 0.30
C PHE E 59 -15.42 -29.78 1.72
N ASP E 60 -14.38 -29.73 2.55
CA ASP E 60 -14.50 -29.16 3.88
C ASP E 60 -14.09 -27.70 3.84
N PHE E 61 -15.03 -26.80 4.15
CA PHE E 61 -14.78 -25.38 3.91
C PHE E 61 -13.62 -24.87 4.76
N SER E 62 -13.60 -25.23 6.03
CA SER E 62 -12.56 -24.75 6.92
C SER E 62 -11.19 -25.24 6.46
N SER E 63 -11.12 -26.48 6.00
CA SER E 63 -9.87 -26.99 5.43
C SER E 63 -9.47 -26.22 4.17
N VAL E 64 -10.43 -25.92 3.29
CA VAL E 64 -10.12 -25.23 2.05
C VAL E 64 -9.46 -23.87 2.31
N VAL E 65 -10.01 -23.09 3.25
CA VAL E 65 -9.55 -21.73 3.44
C VAL E 65 -8.41 -21.58 4.44
N ASN E 66 -8.02 -22.64 5.15
CA ASN E 66 -7.04 -22.53 6.22
C ASN E 66 -5.75 -23.31 5.99
N GLU E 67 -5.56 -23.91 4.81
CA GLU E 67 -4.49 -24.89 4.66
C GLU E 67 -3.64 -24.57 3.44
N PRO E 68 -2.52 -25.29 3.18
CA PRO E 68 -1.70 -24.96 1.99
C PRO E 68 -2.46 -25.04 0.67
N ASP E 70 -0.98 -29.11 1.62
CA ASP E 70 -1.45 -30.05 0.62
C ASP E 70 -2.18 -29.36 -0.55
N MET E 71 -1.94 -29.87 -1.76
CA MET E 71 -2.80 -29.55 -2.90
C MET E 71 -4.24 -29.83 -2.53
N GLN E 72 -5.12 -28.91 -2.91
CA GLN E 72 -6.52 -29.03 -2.53
C GLN E 72 -7.16 -30.23 -3.21
N CYS E 73 -7.93 -31.00 -2.44
CA CYS E 73 -8.69 -32.10 -3.01
C CYS E 73 -9.98 -32.27 -2.21
N PRO E 74 -10.99 -32.88 -2.79
CA PRO E 74 -12.23 -33.12 -2.04
C PRO E 74 -12.03 -34.19 -0.98
N ILE E 75 -12.92 -34.18 0.01
CA ILE E 75 -12.93 -35.28 0.96
C ILE E 75 -13.72 -36.47 0.44
N VAL E 76 -14.65 -36.24 -0.48
CA VAL E 76 -15.52 -37.26 -1.05
C VAL E 76 -15.67 -36.95 -2.55
N GLU E 77 -15.62 -37.98 -3.38
CA GLU E 77 -15.98 -37.85 -4.79
C GLU E 77 -16.87 -39.03 -5.16
N MET E 78 -18.10 -38.72 -5.59
CA MET E 78 -19.07 -39.74 -6.00
C MET E 78 -19.24 -39.69 -7.51
N SER E 79 -18.97 -40.81 -8.17
CA SER E 79 -19.06 -40.90 -9.62
C SER E 79 -20.51 -41.19 -10.03
N THR E 80 -21.02 -40.42 -10.98
CA THR E 80 -22.41 -40.55 -11.39
C THR E 80 -22.50 -41.08 -12.82
N ARG E 81 -23.70 -41.59 -13.16
CA ARG E 81 -23.89 -42.15 -14.50
C ARG E 81 -23.95 -41.06 -15.56
N SER E 82 -24.50 -39.89 -15.23
CA SER E 82 -24.78 -38.88 -16.23
C SER E 82 -24.26 -37.51 -15.79
N LYS E 83 -24.23 -36.58 -16.75
CA LYS E 83 -23.85 -35.21 -16.45
C LYS E 83 -24.85 -34.60 -15.47
N LEU E 84 -24.34 -33.80 -14.54
CA LEU E 84 -25.16 -33.21 -13.48
C LEU E 84 -25.46 -31.75 -13.77
N SER E 85 -26.68 -31.33 -13.43
CA SER E 85 -27.09 -29.94 -13.59
C SER E 85 -27.20 -29.16 -12.28
N CYS E 86 -27.51 -29.81 -11.16
CA CYS E 86 -27.82 -29.05 -9.96
C CYS E 86 -27.66 -29.92 -8.73
N LEU E 87 -27.28 -29.28 -7.60
CA LEU E 87 -27.30 -29.92 -6.30
C LEU E 87 -28.16 -29.12 -5.33
N SER E 88 -28.69 -29.81 -4.31
CA SER E 88 -29.35 -29.15 -3.19
C SER E 88 -29.18 -30.04 -1.96
N TRP E 89 -28.56 -29.49 -0.91
CA TRP E 89 -28.43 -30.23 0.35
C TRP E 89 -29.75 -30.25 1.10
N ASN E 90 -29.96 -31.34 1.84
CA ASN E 90 -31.11 -31.43 2.73
C ASN E 90 -30.88 -30.52 3.93
N LYS E 91 -31.96 -29.86 4.37
CA LYS E 91 -31.83 -28.88 5.43
C LYS E 91 -31.91 -29.49 6.81
N HIS E 92 -32.35 -30.74 6.92
CA HIS E 92 -32.48 -31.44 8.19
C HIS E 92 -31.57 -32.66 8.28
N GLU E 93 -31.51 -33.48 7.24
CA GLU E 93 -30.59 -34.60 7.13
C GLU E 93 -29.27 -34.04 6.61
N LYS E 94 -28.39 -33.61 7.52
CA LYS E 94 -27.23 -32.78 7.13
C LYS E 94 -26.36 -33.45 6.07
N ASN E 95 -26.28 -34.79 6.08
CA ASN E 95 -25.40 -35.51 5.16
C ASN E 95 -26.09 -35.96 3.88
N HIS E 96 -27.32 -35.52 3.62
CA HIS E 96 -28.05 -35.89 2.41
C HIS E 96 -28.01 -34.74 1.42
N ILE E 97 -27.83 -35.06 0.13
CA ILE E 97 -27.76 -34.06 -0.93
C ILE E 97 -28.43 -34.62 -2.19
N ALA E 98 -29.23 -33.80 -2.85
CA ALA E 98 -29.93 -34.20 -4.06
C ALA E 98 -29.18 -33.67 -5.29
N SER E 99 -29.27 -34.44 -6.39
CA SER E 99 -28.74 -34.02 -7.67
C SER E 99 -29.77 -34.22 -8.77
N SER E 100 -29.73 -33.36 -9.79
CA SER E 100 -30.42 -33.59 -11.04
C SER E 100 -29.40 -33.85 -12.14
N ASP E 101 -29.78 -34.67 -13.13
CA ASP E 101 -28.82 -34.97 -14.19
C ASP E 101 -29.45 -34.80 -15.57
N TYR E 102 -28.59 -34.92 -16.59
CA TYR E 102 -29.01 -34.67 -17.96
C TYR E 102 -29.92 -35.74 -18.54
N GLU E 103 -30.15 -36.84 -17.83
CA GLU E 103 -31.14 -37.81 -18.26
C GLU E 103 -32.49 -37.57 -17.61
N GLY E 104 -32.58 -36.65 -16.66
CA GLY E 104 -33.81 -36.36 -15.96
C GLY E 104 -33.94 -37.03 -14.62
N ILE E 105 -32.94 -37.78 -14.19
CA ILE E 105 -32.97 -38.47 -12.91
C ILE E 105 -32.66 -37.50 -11.80
N VAL E 106 -33.41 -37.61 -10.72
CA VAL E 106 -33.20 -36.87 -9.49
C VAL E 106 -32.80 -37.88 -8.43
N THR E 107 -31.60 -37.70 -7.88
CA THR E 107 -31.01 -38.69 -6.98
C THR E 107 -30.72 -38.05 -5.64
N VAL E 108 -31.00 -38.75 -4.54
CA VAL E 108 -30.59 -38.29 -3.23
C VAL E 108 -29.45 -39.19 -2.77
N TRP E 109 -28.39 -38.57 -2.26
CA TRP E 109 -27.16 -39.25 -1.87
C TRP E 109 -26.85 -39.04 -0.39
N ASP E 110 -26.15 -40.00 0.22
CA ASP E 110 -25.58 -39.82 1.55
C ASP E 110 -24.09 -39.59 1.36
N VAL E 111 -23.61 -38.38 1.68
CA VAL E 111 -22.20 -38.05 1.42
C VAL E 111 -21.24 -38.76 2.38
N THR E 112 -21.72 -39.19 3.55
CA THR E 112 -20.82 -39.88 4.47
C THR E 112 -20.63 -41.34 4.07
N THR E 113 -21.60 -41.93 3.40
CA THR E 113 -21.54 -43.31 2.96
C THR E 113 -21.20 -43.43 1.48
N ARG E 114 -21.28 -42.33 0.74
CA ARG E 114 -20.97 -42.27 -0.70
C ARG E 114 -21.91 -43.13 -1.53
N GLN E 115 -23.13 -43.33 -1.05
CA GLN E 115 -24.10 -44.17 -1.73
C GLN E 115 -25.37 -43.38 -2.01
N SER E 116 -26.02 -43.73 -3.11
CA SER E 116 -27.32 -43.16 -3.42
C SER E 116 -28.39 -43.81 -2.55
N LEU E 117 -29.29 -42.99 -2.02
CA LEU E 117 -30.39 -43.46 -1.20
C LEU E 117 -31.68 -43.66 -1.98
N MET E 118 -31.97 -42.77 -2.92
CA MET E 118 -33.21 -42.82 -3.68
C MET E 118 -32.95 -42.26 -5.08
N GLU E 119 -33.56 -42.89 -6.08
CA GLU E 119 -33.59 -42.34 -7.43
C GLU E 119 -35.04 -42.12 -7.84
N TYR E 120 -35.31 -40.94 -8.40
CA TYR E 120 -36.61 -40.56 -8.95
C TYR E 120 -36.46 -40.38 -10.45
N GLU E 121 -37.21 -41.17 -11.23
CA GLU E 121 -36.96 -41.32 -12.68
C GLU E 121 -38.13 -40.89 -13.56
N GLU E 122 -39.05 -40.06 -13.08
CA GLU E 122 -40.25 -39.76 -13.86
C GLU E 122 -40.00 -38.76 -14.99
N HIS E 123 -39.06 -37.82 -14.82
CA HIS E 123 -38.77 -36.87 -15.90
C HIS E 123 -38.31 -37.62 -17.14
N GLU E 124 -38.81 -37.21 -18.30
CA GLU E 124 -38.47 -37.87 -19.55
C GLU E 124 -37.29 -37.24 -20.26
N LYS E 125 -36.82 -36.09 -19.80
CA LYS E 125 -35.71 -35.38 -20.40
C LYS E 125 -34.90 -34.74 -19.28
N ARG E 126 -33.74 -34.20 -19.67
CA ARG E 126 -32.85 -33.42 -18.79
C ARG E 126 -33.59 -32.64 -17.71
N ALA E 127 -33.22 -32.87 -16.46
CA ALA E 127 -33.67 -32.04 -15.36
C ALA E 127 -32.61 -31.00 -15.08
N TRP E 128 -33.02 -29.72 -15.04
CA TRP E 128 -32.07 -28.63 -14.84
C TRP E 128 -31.87 -28.26 -13.39
N SER E 129 -32.82 -28.58 -12.50
CA SER E 129 -32.84 -27.93 -11.21
C SER E 129 -33.52 -28.80 -10.18
N VAL E 130 -33.01 -28.72 -8.95
CA VAL E 130 -33.58 -29.42 -7.80
C VAL E 130 -33.42 -28.54 -6.57
N ASP E 131 -34.39 -28.62 -5.64
CA ASP E 131 -34.34 -27.79 -4.44
C ASP E 131 -35.04 -28.53 -3.30
N PHE E 132 -34.33 -28.71 -2.19
CA PHE E 132 -34.92 -29.26 -0.97
C PHE E 132 -35.55 -28.13 -0.16
N SER E 133 -36.78 -28.34 0.33
CA SER E 133 -37.45 -27.35 1.16
C SER E 133 -36.74 -27.19 2.49
N ARG E 134 -36.66 -25.94 2.97
CA ARG E 134 -36.15 -25.69 4.31
C ARG E 134 -37.19 -26.02 5.38
N THR E 135 -38.45 -25.66 5.17
CA THR E 135 -39.43 -25.78 6.26
C THR E 135 -40.20 -27.10 6.25
N GLU E 136 -40.17 -27.87 5.16
CA GLU E 136 -40.72 -29.23 5.15
C GLU E 136 -39.62 -30.08 4.52
N PRO E 137 -38.59 -30.46 5.30
CA PRO E 137 -37.32 -30.89 4.68
C PRO E 137 -37.39 -32.23 3.99
N SER E 138 -38.51 -32.94 4.08
CA SER E 138 -38.66 -34.15 3.28
C SER E 138 -39.07 -33.87 1.84
N MET E 139 -39.38 -32.61 1.49
CA MET E 139 -39.90 -32.26 0.17
C MET E 139 -38.80 -31.72 -0.74
N LEU E 140 -38.84 -32.17 -1.98
CA LEU E 140 -37.83 -31.88 -3.00
C LEU E 140 -38.53 -31.57 -4.32
N VAL E 141 -38.20 -30.45 -4.95
CA VAL E 141 -38.84 -30.06 -6.21
C VAL E 141 -37.81 -30.08 -7.33
N SER E 142 -38.24 -30.48 -8.52
CA SER E 142 -37.36 -30.54 -9.68
C SER E 142 -38.08 -29.96 -10.90
N GLY E 143 -37.30 -29.48 -11.87
CA GLY E 143 -37.84 -29.01 -13.13
C GLY E 143 -36.97 -29.45 -14.28
N SER E 144 -37.60 -29.60 -15.45
CA SER E 144 -36.98 -30.35 -16.54
C SER E 144 -37.32 -29.77 -17.91
N ASP E 145 -36.46 -30.09 -18.88
CA ASP E 145 -36.75 -29.85 -20.29
C ASP E 145 -38.07 -30.49 -20.73
N ASP E 146 -38.60 -31.45 -19.98
CA ASP E 146 -39.87 -32.07 -20.37
C ASP E 146 -41.06 -31.18 -20.06
N CYS E 147 -40.83 -29.94 -19.63
CA CYS E 147 -41.87 -28.95 -19.32
C CYS E 147 -42.69 -29.32 -18.09
N LYS E 148 -42.12 -30.10 -17.17
CA LYS E 148 -42.81 -30.50 -15.97
C LYS E 148 -42.07 -30.06 -14.72
N VAL E 149 -42.83 -29.69 -13.70
CA VAL E 149 -42.34 -29.50 -12.34
C VAL E 149 -42.84 -30.69 -11.54
N LYS E 150 -41.94 -31.33 -10.81
CA LYS E 150 -42.32 -32.44 -9.96
C LYS E 150 -41.91 -32.16 -8.52
N VAL E 151 -42.80 -32.51 -7.61
CA VAL E 151 -42.54 -32.42 -6.18
C VAL E 151 -42.45 -33.85 -5.67
N TRP E 152 -41.36 -34.15 -4.98
CA TRP E 152 -41.09 -35.46 -4.43
C TRP E 152 -41.03 -35.36 -2.91
N CYS E 153 -41.34 -36.45 -2.25
CA CYS E 153 -41.20 -36.59 -0.82
C CYS E 153 -40.33 -37.81 -0.55
N THR E 154 -39.29 -37.63 0.27
CA THR E 154 -38.35 -38.74 0.48
C THR E 154 -38.99 -39.95 1.15
N ARG E 155 -40.24 -39.81 1.61
CA ARG E 155 -40.98 -40.94 2.18
C ARG E 155 -41.61 -41.84 1.15
N GLN E 156 -41.68 -41.44 -0.12
CA GLN E 156 -42.35 -42.29 -1.11
C GLN E 156 -41.63 -42.21 -2.44
N GLU E 157 -41.96 -43.16 -3.32
CA GLU E 157 -41.20 -43.37 -4.55
C GLU E 157 -41.72 -42.56 -5.73
N ALA E 158 -43.01 -42.28 -5.78
CA ALA E 158 -43.60 -41.54 -6.89
C ALA E 158 -43.79 -40.09 -6.50
N SER E 159 -43.79 -39.21 -7.50
CA SER E 159 -43.99 -37.78 -7.24
C SER E 159 -45.35 -37.55 -6.58
N VAL E 160 -45.39 -36.59 -5.67
CA VAL E 160 -46.63 -36.27 -4.97
C VAL E 160 -47.42 -35.17 -5.69
N ILE E 161 -46.73 -34.28 -6.41
CA ILE E 161 -47.35 -33.24 -7.19
C ILE E 161 -46.61 -33.15 -8.52
N ASN E 162 -47.36 -32.94 -9.60
CA ASN E 162 -46.80 -32.80 -10.93
C ASN E 162 -47.49 -31.62 -11.60
N ILE E 163 -46.73 -30.69 -12.17
CA ILE E 163 -47.29 -29.54 -12.88
C ILE E 163 -46.88 -29.63 -14.35
N ASP E 164 -47.85 -29.77 -15.23
CA ASP E 164 -47.60 -29.78 -16.67
C ASP E 164 -47.58 -28.33 -17.16
N MET E 165 -46.42 -27.86 -17.60
CA MET E 165 -46.29 -26.49 -18.08
C MET E 165 -46.04 -26.47 -19.58
N LYS E 166 -46.00 -25.26 -20.15
CA LYS E 166 -46.00 -25.12 -21.60
C LYS E 166 -44.61 -25.08 -22.22
N ALA E 167 -43.57 -24.74 -21.45
CA ALA E 167 -42.23 -24.57 -21.99
C ALA E 167 -41.21 -25.18 -21.04
N ASN E 168 -39.95 -25.26 -21.49
CA ASN E 168 -38.89 -25.84 -20.67
C ASN E 168 -38.79 -25.14 -19.33
N ILE E 169 -38.59 -25.92 -18.27
CA ILE E 169 -38.36 -25.38 -16.94
C ILE E 169 -36.86 -25.32 -16.71
N CYS E 170 -36.36 -24.13 -16.40
CA CYS E 170 -34.94 -23.92 -16.19
C CYS E 170 -34.52 -23.93 -14.72
N CYS E 171 -35.44 -23.61 -13.80
N CYS E 171 -35.45 -23.67 -13.81
CA CYS E 171 -35.06 -23.46 -12.41
CA CYS E 171 -35.07 -23.52 -12.42
C CYS E 171 -36.30 -23.54 -11.54
C CYS E 171 -36.31 -23.58 -11.54
N VAL E 172 -36.14 -24.13 -10.35
CA VAL E 172 -37.20 -24.22 -9.35
C VAL E 172 -36.60 -23.91 -7.99
N LYS E 173 -37.39 -23.24 -7.14
CA LYS E 173 -36.89 -22.91 -5.82
C LYS E 173 -38.06 -22.77 -4.85
N TYR E 174 -37.91 -23.37 -3.68
CA TYR E 174 -38.91 -23.28 -2.63
C TYR E 174 -38.80 -21.95 -1.91
N ASN E 175 -39.96 -21.37 -1.55
CA ASN E 175 -39.92 -20.24 -0.65
C ASN E 175 -39.19 -20.65 0.63
N PRO E 176 -38.30 -19.82 1.16
CA PRO E 176 -37.57 -20.20 2.38
C PRO E 176 -38.45 -20.33 3.60
N GLY E 177 -39.63 -19.74 3.58
CA GLY E 177 -40.47 -19.73 4.77
C GLY E 177 -41.69 -20.64 4.72
N SER E 178 -41.95 -21.26 3.56
CA SER E 178 -43.12 -22.13 3.42
C SER E 178 -42.89 -23.10 2.27
N SER E 179 -43.13 -24.38 2.53
CA SER E 179 -43.06 -25.39 1.49
C SER E 179 -44.27 -25.41 0.57
N ASN E 180 -45.25 -24.51 0.79
CA ASN E 180 -46.42 -24.44 -0.07
C ASN E 180 -46.22 -23.55 -1.30
N TYR E 181 -45.07 -22.88 -1.44
CA TYR E 181 -44.81 -21.98 -2.56
C TYR E 181 -43.47 -22.28 -3.21
N ILE E 182 -43.46 -22.29 -4.55
CA ILE E 182 -42.24 -22.41 -5.34
C ILE E 182 -42.25 -21.33 -6.41
N ALA E 183 -41.04 -20.87 -6.75
CA ALA E 183 -40.79 -20.04 -7.92
C ALA E 183 -40.28 -20.94 -9.03
N VAL E 184 -40.83 -20.76 -10.24
CA VAL E 184 -40.48 -21.58 -11.40
C VAL E 184 -40.02 -20.65 -12.52
N GLY E 185 -38.77 -20.80 -12.93
CA GLY E 185 -38.26 -20.02 -14.06
C GLY E 185 -38.38 -20.78 -15.36
N SER E 186 -39.06 -20.19 -16.32
CA SER E 186 -39.44 -20.88 -17.54
C SER E 186 -38.73 -20.31 -18.75
N ALA E 187 -38.58 -21.15 -19.78
CA ALA E 187 -38.09 -20.68 -21.05
C ALA E 187 -39.08 -19.75 -21.73
N ASP E 188 -40.32 -19.64 -21.23
CA ASP E 188 -41.26 -18.69 -21.81
C ASP E 188 -41.02 -17.25 -21.35
N HIS E 189 -39.92 -16.99 -20.63
CA HIS E 189 -39.42 -15.71 -20.14
C HIS E 189 -40.09 -15.23 -18.84
N HIS E 190 -40.97 -16.02 -18.23
CA HIS E 190 -41.71 -15.59 -17.05
C HIS E 190 -41.28 -16.41 -15.82
N ILE E 191 -41.44 -15.82 -14.63
CA ILE E 191 -41.41 -16.60 -13.41
C ILE E 191 -42.83 -17.00 -13.06
N HIS E 192 -43.05 -18.29 -12.83
CA HIS E 192 -44.38 -18.79 -12.48
C HIS E 192 -44.34 -19.10 -10.98
N TYR E 193 -45.10 -18.35 -10.19
CA TYR E 193 -45.06 -18.50 -8.75
C TYR E 193 -46.26 -19.33 -8.37
N TYR E 194 -46.03 -20.54 -7.88
CA TYR E 194 -47.08 -21.50 -7.61
C TYR E 194 -47.35 -21.66 -6.11
N ASP E 195 -48.62 -21.68 -5.75
CA ASP E 195 -49.09 -22.28 -4.52
C ASP E 195 -49.35 -23.76 -4.82
N LEU E 196 -48.49 -24.62 -4.29
CA LEU E 196 -48.59 -26.06 -4.53
C LEU E 196 -49.87 -26.69 -3.99
N ARG E 197 -50.67 -25.96 -3.20
CA ARG E 197 -51.95 -26.49 -2.78
C ARG E 197 -53.00 -26.41 -3.88
N ASN E 198 -52.73 -25.65 -4.95
CA ASN E 198 -53.65 -25.57 -6.08
C ASN E 198 -52.85 -25.22 -7.33
N ILE E 199 -52.46 -26.24 -8.09
CA ILE E 199 -51.61 -26.01 -9.26
C ILE E 199 -52.41 -25.84 -10.55
N SER E 200 -53.72 -25.60 -10.44
CA SER E 200 -54.53 -25.33 -11.63
C SER E 200 -54.03 -24.10 -12.38
N GLN E 201 -53.49 -23.12 -11.67
CA GLN E 201 -52.90 -21.92 -12.27
C GLN E 201 -51.86 -21.39 -11.30
N PRO E 202 -50.91 -20.60 -11.77
CA PRO E 202 -49.95 -19.99 -10.84
C PRO E 202 -50.66 -18.94 -9.99
N LEU E 203 -50.13 -18.74 -8.78
CA LEU E 203 -50.65 -17.63 -7.96
C LEU E 203 -50.29 -16.29 -8.58
N HIS E 204 -49.05 -16.14 -9.04
CA HIS E 204 -48.60 -14.95 -9.72
C HIS E 204 -47.72 -15.35 -10.90
N VAL E 205 -47.71 -14.54 -11.95
CA VAL E 205 -46.78 -14.69 -13.06
C VAL E 205 -46.01 -13.39 -13.21
N PHE E 206 -44.68 -13.47 -13.11
CA PHE E 206 -43.83 -12.28 -13.16
C PHE E 206 -43.20 -12.16 -14.55
N SER E 207 -43.51 -11.06 -15.23
CA SER E 207 -43.06 -10.83 -16.59
C SER E 207 -42.20 -9.58 -16.65
N GLY E 208 -41.29 -9.54 -17.62
CA GLY E 208 -40.33 -8.48 -17.72
C GLY E 208 -39.07 -8.95 -18.42
N HIS E 209 -38.65 -10.17 -18.12
CA HIS E 209 -37.47 -10.71 -18.78
C HIS E 209 -37.74 -10.92 -20.27
N LYS E 210 -36.70 -10.72 -21.09
CA LYS E 210 -36.79 -10.83 -22.54
C LYS E 210 -36.31 -12.17 -23.07
N LYS E 211 -35.74 -13.01 -22.21
CA LYS E 211 -35.33 -14.36 -22.56
C LYS E 211 -35.72 -15.30 -21.43
N ALA E 212 -35.33 -16.57 -21.53
CA ALA E 212 -35.66 -17.54 -20.50
C ALA E 212 -35.17 -17.12 -19.13
N VAL E 213 -35.92 -17.52 -18.09
CA VAL E 213 -35.52 -17.26 -16.71
C VAL E 213 -34.66 -18.44 -16.25
N SER E 214 -33.36 -18.18 -16.05
CA SER E 214 -32.39 -19.24 -15.82
C SER E 214 -32.22 -19.59 -14.33
N TYR E 215 -32.52 -18.66 -13.43
CA TYR E 215 -32.37 -18.86 -12.00
C TYR E 215 -33.43 -18.09 -11.27
N VAL E 216 -33.90 -18.65 -10.16
CA VAL E 216 -34.74 -17.95 -9.19
C VAL E 216 -34.17 -18.23 -7.79
N LYS E 217 -33.90 -17.16 -7.03
CA LYS E 217 -33.40 -17.29 -5.66
C LYS E 217 -34.09 -16.28 -4.75
N PHE E 218 -34.49 -16.72 -3.55
CA PHE E 218 -35.15 -15.83 -2.59
C PHE E 218 -34.15 -15.10 -1.70
N LEU E 219 -34.30 -13.77 -1.59
CA LEU E 219 -33.57 -13.01 -0.56
C LEU E 219 -34.24 -13.15 0.80
N SER E 220 -35.54 -13.39 0.80
CA SER E 220 -36.36 -13.42 2.00
C SER E 220 -37.69 -14.06 1.62
N ASN E 221 -38.61 -14.11 2.60
CA ASN E 221 -39.90 -14.75 2.33
C ASN E 221 -40.66 -14.06 1.21
N ASN E 222 -40.47 -12.74 1.04
CA ASN E 222 -41.26 -11.99 0.07
C ASN E 222 -40.45 -11.38 -1.06
N GLU E 223 -39.13 -11.47 -1.02
CA GLU E 223 -38.23 -10.87 -2.02
C GLU E 223 -37.61 -11.97 -2.87
N LEU E 224 -37.91 -11.98 -4.16
CA LEU E 224 -37.40 -12.98 -5.09
C LEU E 224 -36.49 -12.32 -6.12
N ALA E 225 -35.37 -12.95 -6.43
CA ALA E 225 -34.50 -12.50 -7.50
C ALA E 225 -34.52 -13.51 -8.65
N SER E 226 -34.31 -13.01 -9.86
CA SER E 226 -34.19 -13.89 -11.01
C SER E 226 -33.03 -13.48 -11.91
N ALA E 227 -32.51 -14.44 -12.65
CA ALA E 227 -31.54 -14.19 -13.70
C ALA E 227 -32.10 -14.68 -15.03
N SER E 228 -31.65 -14.04 -16.12
CA SER E 228 -32.13 -14.41 -17.43
C SER E 228 -31.03 -14.20 -18.45
N THR E 229 -31.15 -14.89 -19.58
CA THR E 229 -30.16 -14.70 -20.65
C THR E 229 -30.48 -13.48 -21.48
N ASP E 230 -31.14 -12.48 -20.86
CA ASP E 230 -31.25 -11.13 -21.42
C ASP E 230 -30.27 -10.17 -20.76
N SER E 231 -29.21 -10.70 -20.13
CA SER E 231 -28.19 -9.94 -19.43
C SER E 231 -28.76 -9.05 -18.32
N THR E 232 -29.84 -9.50 -17.64
CA THR E 232 -30.31 -8.82 -16.44
C THR E 232 -30.53 -9.79 -15.30
N LEU E 233 -30.41 -9.26 -14.09
CA LEU E 233 -31.08 -9.80 -12.93
C LEU E 233 -32.29 -8.91 -12.66
N ARG E 234 -33.29 -9.48 -12.00
CA ARG E 234 -34.46 -8.72 -11.61
C ARG E 234 -34.88 -9.11 -10.20
N LEU E 235 -35.44 -8.13 -9.49
CA LEU E 235 -35.95 -8.32 -8.14
C LEU E 235 -37.46 -8.12 -8.16
N TRP E 236 -38.17 -8.95 -7.39
CA TRP E 236 -39.62 -8.99 -7.38
C TRP E 236 -40.13 -9.09 -5.95
N ASP E 237 -41.32 -8.54 -5.72
CA ASP E 237 -42.05 -8.67 -4.47
C ASP E 237 -43.14 -9.73 -4.70
N VAL E 238 -42.96 -10.92 -4.13
CA VAL E 238 -43.88 -12.02 -4.43
C VAL E 238 -45.15 -11.98 -3.59
N LYS E 239 -45.18 -11.13 -2.57
CA LYS E 239 -46.38 -10.99 -1.78
C LYS E 239 -47.27 -9.89 -2.32
N ASP E 240 -46.66 -8.81 -2.78
CA ASP E 240 -47.40 -7.70 -3.35
C ASP E 240 -47.48 -7.76 -4.87
N ASN E 241 -46.88 -8.77 -5.49
CA ASN E 241 -47.03 -9.03 -6.92
C ASN E 241 -46.55 -7.83 -7.75
N LEU E 242 -45.30 -7.42 -7.50
CA LEU E 242 -44.71 -6.22 -8.10
C LEU E 242 -43.31 -6.47 -8.65
N PRO E 243 -42.96 -5.85 -9.78
CA PRO E 243 -41.55 -5.75 -10.16
C PRO E 243 -40.88 -4.67 -9.32
N VAL E 244 -39.67 -4.94 -8.84
CA VAL E 244 -38.96 -4.03 -7.95
C VAL E 244 -37.77 -3.34 -8.64
N ARG E 245 -36.89 -4.13 -9.27
CA ARG E 245 -35.66 -3.53 -9.79
C ARG E 245 -35.04 -4.45 -10.84
N THR E 246 -34.29 -3.83 -11.75
CA THR E 246 -33.53 -4.52 -12.77
C THR E 246 -32.06 -4.15 -12.63
N PHE E 247 -31.18 -5.14 -12.85
CA PHE E 247 -29.75 -4.98 -12.63
C PHE E 247 -29.04 -5.31 -13.92
N ARG E 248 -28.12 -4.44 -14.33
CA ARG E 248 -27.37 -4.66 -15.56
C ARG E 248 -25.90 -4.33 -15.33
N GLY E 249 -25.07 -4.92 -16.18
CA GLY E 249 -23.63 -4.69 -16.15
C GLY E 249 -22.83 -5.91 -16.55
N HIS E 250 -23.45 -7.09 -16.48
CA HIS E 250 -22.78 -8.35 -16.77
C HIS E 250 -23.29 -8.92 -18.09
N THR E 251 -22.47 -9.77 -18.74
CA THR E 251 -22.84 -10.34 -20.03
C THR E 251 -23.40 -11.74 -19.78
N ASN E 252 -24.69 -11.95 -20.07
CA ASN E 252 -25.29 -13.28 -19.95
C ASN E 252 -26.34 -13.42 -21.04
N GLU E 253 -25.92 -13.94 -22.19
CA GLU E 253 -26.80 -14.12 -23.34
C GLU E 253 -27.01 -15.56 -23.74
N LYS E 254 -26.41 -16.52 -23.05
CA LYS E 254 -26.37 -17.88 -23.58
C LYS E 254 -26.39 -18.97 -22.53
N ASN E 255 -25.46 -18.91 -21.57
CA ASN E 255 -25.21 -20.01 -20.65
C ASN E 255 -25.91 -19.81 -19.30
N PHE E 256 -26.04 -20.92 -18.56
CA PHE E 256 -26.27 -20.87 -17.13
C PHE E 256 -24.98 -20.38 -16.47
N VAL E 257 -24.99 -19.17 -15.89
CA VAL E 257 -23.77 -18.63 -15.29
C VAL E 257 -23.84 -18.50 -13.79
N GLY E 258 -24.94 -18.92 -13.15
CA GLY E 258 -25.02 -18.88 -11.70
C GLY E 258 -25.66 -17.63 -11.11
N LEU E 259 -26.47 -17.82 -10.06
CA LEU E 259 -27.07 -16.73 -9.30
C LEU E 259 -27.11 -17.12 -7.83
N THR E 260 -26.70 -16.22 -6.96
CA THR E 260 -26.82 -16.46 -5.53
C THR E 260 -27.14 -15.14 -4.85
N VAL E 261 -28.01 -15.18 -3.83
CA VAL E 261 -28.44 -13.97 -3.13
C VAL E 261 -28.45 -14.21 -1.63
N ASN E 262 -28.34 -13.12 -0.88
CA ASN E 262 -28.58 -13.17 0.56
C ASN E 262 -29.49 -11.99 0.85
N SER E 263 -29.52 -11.53 2.11
CA SER E 263 -30.51 -10.53 2.48
C SER E 263 -30.26 -9.18 1.82
N GLU E 264 -29.06 -8.92 1.31
CA GLU E 264 -28.72 -7.61 0.77
C GLU E 264 -28.04 -7.63 -0.59
N TYR E 265 -27.41 -8.74 -0.98
CA TYR E 265 -26.55 -8.76 -2.17
C TYR E 265 -26.98 -9.85 -3.13
N LEU E 266 -26.78 -9.57 -4.42
CA LEU E 266 -26.96 -10.55 -5.49
C LEU E 266 -25.60 -10.75 -6.16
N ALA E 267 -25.28 -12.00 -6.47
CA ALA E 267 -24.05 -12.28 -7.22
C ALA E 267 -24.37 -13.21 -8.40
N CYS E 268 -23.71 -12.98 -9.53
CA CYS E 268 -23.97 -13.83 -10.68
C CYS E 268 -22.69 -13.98 -11.50
N GLY E 269 -22.74 -14.94 -12.42
CA GLY E 269 -21.67 -15.16 -13.37
C GLY E 269 -21.85 -14.34 -14.62
N SER E 270 -20.99 -14.61 -15.60
CA SER E 270 -21.03 -13.91 -16.88
C SER E 270 -20.23 -14.71 -17.89
N GLU E 271 -20.46 -14.40 -19.16
CA GLU E 271 -19.80 -15.09 -20.24
C GLU E 271 -18.47 -14.46 -20.61
N THR E 272 -18.00 -13.50 -19.80
CA THR E 272 -16.63 -12.97 -19.92
C THR E 272 -15.74 -13.50 -18.82
N ASN E 273 -16.12 -14.62 -18.20
CA ASN E 273 -15.34 -15.25 -17.14
C ASN E 273 -15.29 -14.37 -15.87
N GLU E 274 -16.35 -13.58 -15.62
CA GLU E 274 -16.33 -12.64 -14.50
C GLU E 274 -17.50 -12.90 -13.55
N VAL E 275 -17.20 -12.87 -12.25
CA VAL E 275 -18.24 -12.87 -11.19
C VAL E 275 -18.60 -11.42 -10.88
N TYR E 276 -19.91 -11.13 -10.80
CA TYR E 276 -20.43 -9.79 -10.53
C TYR E 276 -21.18 -9.79 -9.21
N VAL E 277 -21.07 -8.70 -8.45
CA VAL E 277 -21.85 -8.50 -7.22
C VAL E 277 -22.65 -7.21 -7.37
N TYR E 278 -23.94 -7.29 -7.03
CA TYR E 278 -24.83 -6.15 -6.95
C TYR E 278 -25.34 -6.01 -5.53
N HIS E 279 -25.43 -4.77 -5.04
CA HIS E 279 -26.26 -4.51 -3.88
C HIS E 279 -27.69 -4.39 -4.37
N LYS E 280 -28.65 -4.91 -3.58
CA LYS E 280 -30.00 -5.05 -4.10
C LYS E 280 -30.70 -3.72 -4.34
N GLU E 281 -30.19 -2.60 -3.85
CA GLU E 281 -30.80 -1.30 -4.13
C GLU E 281 -30.11 -0.51 -5.24
N ILE E 282 -29.05 -1.05 -5.86
CA ILE E 282 -28.25 -0.30 -6.83
C ILE E 282 -28.14 -1.10 -8.12
N THR E 283 -28.47 -0.47 -9.26
CA THR E 283 -28.70 -1.21 -10.50
C THR E 283 -27.44 -1.48 -11.30
N ARG E 284 -26.30 -0.97 -10.87
CA ARG E 284 -25.01 -1.23 -11.51
C ARG E 284 -24.17 -2.06 -10.56
N PRO E 285 -23.22 -2.86 -11.06
CA PRO E 285 -22.46 -3.74 -10.16
C PRO E 285 -21.63 -2.95 -9.16
N VAL E 286 -21.49 -3.53 -7.97
CA VAL E 286 -20.61 -2.95 -6.96
C VAL E 286 -19.15 -3.28 -7.26
N THR E 287 -18.90 -4.50 -7.73
CA THR E 287 -17.56 -4.95 -8.05
C THR E 287 -17.65 -6.24 -8.85
N SER E 288 -16.48 -6.75 -9.26
CA SER E 288 -16.43 -7.98 -10.03
C SER E 288 -15.06 -8.60 -9.86
N HIS E 289 -14.96 -9.87 -10.23
CA HIS E 289 -13.70 -10.61 -10.23
C HIS E 289 -13.57 -11.42 -11.51
N ARG E 290 -12.37 -11.39 -12.13
CA ARG E 290 -12.16 -12.01 -13.44
C ARG E 290 -11.35 -13.29 -13.27
N PHE E 291 -11.97 -14.43 -13.59
CA PHE E 291 -11.26 -15.70 -13.72
C PHE E 291 -10.36 -15.67 -14.94
N GLY E 292 -9.43 -16.62 -14.98
CA GLY E 292 -8.56 -16.83 -16.11
C GLY E 292 -7.11 -16.83 -15.70
N SER E 293 -6.25 -17.45 -16.49
CA SER E 293 -4.85 -17.60 -16.11
C SER E 293 -4.01 -17.74 -17.36
N PRO E 294 -2.69 -17.55 -17.25
CA PRO E 294 -1.83 -17.73 -18.42
C PRO E 294 -1.93 -19.12 -19.03
N ASP E 295 -2.03 -20.18 -18.22
CA ASP E 295 -2.10 -21.49 -18.83
C ASP E 295 -3.45 -21.77 -19.44
N MET E 296 -4.49 -21.03 -19.05
CA MET E 296 -5.76 -21.17 -19.72
C MET E 296 -5.94 -20.21 -20.89
N ASP E 297 -5.24 -19.08 -20.87
CA ASP E 297 -5.14 -18.29 -22.09
C ASP E 297 -4.47 -19.12 -23.18
N ASP E 298 -3.38 -19.82 -22.81
CA ASP E 298 -2.66 -20.62 -23.79
C ASP E 298 -3.50 -21.78 -24.32
N ALA E 299 -4.52 -22.20 -23.56
CA ALA E 299 -5.28 -23.39 -23.90
C ALA E 299 -6.59 -23.11 -24.67
N GLU E 300 -6.76 -21.90 -25.23
CA GLU E 300 -7.84 -21.47 -26.12
C GLU E 300 -8.96 -20.71 -25.40
N GLU E 301 -8.80 -19.39 -25.26
CA GLU E 301 -9.59 -18.57 -24.35
C GLU E 301 -11.14 -18.60 -24.47
N GLU E 302 -11.85 -18.19 -25.55
CA GLU E 302 -11.51 -17.81 -26.96
C GLU E 302 -10.74 -18.85 -27.77
N ALA E 303 -11.42 -19.36 -28.82
CA ALA E 303 -11.28 -20.70 -29.38
C ALA E 303 -11.98 -21.72 -28.48
N GLY E 304 -12.88 -21.23 -27.62
CA GLY E 304 -13.70 -21.98 -26.69
C GLY E 304 -14.66 -21.01 -26.02
N SER E 305 -14.15 -20.26 -25.03
CA SER E 305 -14.70 -19.04 -24.43
C SER E 305 -15.35 -19.34 -23.08
N TYR E 306 -14.70 -18.87 -22.03
CA TYR E 306 -14.93 -19.35 -20.67
C TYR E 306 -16.02 -18.52 -20.02
N PHE E 307 -16.83 -19.18 -19.20
CA PHE E 307 -17.88 -18.50 -18.48
C PHE E 307 -17.89 -18.97 -17.04
N ILE E 308 -18.21 -18.07 -16.11
CA ILE E 308 -18.57 -18.50 -14.76
C ILE E 308 -19.77 -19.41 -14.87
N SER E 309 -19.82 -20.46 -14.05
CA SER E 309 -20.90 -21.43 -14.18
C SER E 309 -21.69 -21.71 -12.89
N ALA E 310 -21.20 -21.29 -11.72
CA ALA E 310 -21.93 -21.52 -10.48
C ALA E 310 -21.39 -20.62 -9.38
N VAL E 311 -22.28 -20.15 -8.50
CA VAL E 311 -21.89 -19.27 -7.39
C VAL E 311 -22.77 -19.58 -6.18
N CYS E 312 -22.25 -19.33 -4.97
CA CYS E 312 -23.02 -19.58 -3.74
C CYS E 312 -22.50 -18.75 -2.58
N TRP E 313 -23.33 -17.85 -2.03
CA TRP E 313 -22.96 -17.14 -0.82
C TRP E 313 -22.86 -18.08 0.37
N LYS E 314 -21.95 -17.77 1.30
CA LYS E 314 -21.97 -18.36 2.63
C LYS E 314 -22.96 -17.55 3.47
N SER E 315 -24.22 -17.96 3.44
CA SER E 315 -25.32 -17.34 4.20
C SER E 315 -25.28 -15.83 3.98
N ASP E 316 -25.34 -14.99 5.02
CA ASP E 316 -25.35 -13.54 4.87
C ASP E 316 -23.96 -12.91 4.97
N SER E 317 -22.90 -13.73 5.06
CA SER E 317 -21.54 -13.24 5.20
C SER E 317 -21.02 -12.74 3.86
N PRO E 318 -19.89 -12.03 3.84
CA PRO E 318 -19.32 -11.59 2.55
C PRO E 318 -18.54 -12.67 1.81
N THR E 319 -18.55 -13.92 2.25
CA THR E 319 -17.79 -14.99 1.59
C THR E 319 -18.66 -15.69 0.54
N MET E 320 -18.05 -16.10 -0.58
CA MET E 320 -18.79 -16.65 -1.72
C MET E 320 -17.98 -17.79 -2.36
N LEU E 321 -18.64 -18.91 -2.65
CA LEU E 321 -18.06 -19.94 -3.50
C LEU E 321 -18.34 -19.62 -4.96
N THR E 322 -17.37 -19.88 -5.81
CA THR E 322 -17.53 -19.62 -7.24
C THR E 322 -16.86 -20.73 -8.04
N ALA E 323 -17.35 -20.98 -9.25
CA ALA E 323 -16.70 -21.96 -10.12
C ALA E 323 -16.98 -21.63 -11.58
N ASN E 324 -16.12 -22.08 -12.49
CA ASN E 324 -16.29 -21.69 -13.88
C ASN E 324 -16.24 -22.90 -14.80
N SER E 325 -16.35 -22.61 -16.10
CA SER E 325 -16.57 -23.64 -17.10
C SER E 325 -15.34 -24.52 -17.31
N GLN E 326 -14.17 -24.07 -16.87
CA GLN E 326 -12.95 -24.85 -16.95
C GLN E 326 -12.72 -25.68 -15.69
N GLY E 327 -13.60 -25.57 -14.70
CA GLY E 327 -13.50 -26.36 -13.49
C GLY E 327 -12.74 -25.72 -12.37
N THR E 328 -12.35 -24.45 -12.49
CA THR E 328 -11.67 -23.77 -11.40
C THR E 328 -12.70 -23.41 -10.32
N ILE E 329 -12.38 -23.69 -9.05
CA ILE E 329 -13.20 -23.27 -7.91
C ILE E 329 -12.45 -22.19 -7.15
N LYS E 330 -13.13 -21.10 -6.83
CA LYS E 330 -12.50 -20.10 -5.96
C LYS E 330 -13.41 -19.76 -4.79
N VAL E 331 -12.82 -19.52 -3.63
CA VAL E 331 -13.53 -18.84 -2.54
C VAL E 331 -13.17 -17.37 -2.62
N LEU E 332 -14.19 -16.51 -2.74
CA LEU E 332 -14.02 -15.07 -2.78
C LEU E 332 -14.60 -14.43 -1.53
N VAL E 333 -14.09 -13.27 -1.16
CA VAL E 333 -14.69 -12.46 -0.11
C VAL E 333 -14.93 -11.05 -0.64
N LEU E 334 -16.15 -10.54 -0.46
CA LEU E 334 -16.45 -9.14 -0.68
C LEU E 334 -15.74 -8.31 0.38
N ALA E 335 -15.02 -7.26 -0.06
CA ALA E 335 -14.17 -6.51 0.85
C ALA E 335 -14.31 -5.01 0.59
N ALA E 336 -13.96 -4.23 1.60
CA ALA E 336 -13.99 -2.77 1.49
C ALA E 336 -12.94 -2.27 0.50
N SER F 1 -21.88 -27.81 -25.98
CA SER F 1 -23.29 -27.46 -25.95
C SER F 1 -23.93 -27.75 -24.59
N ASP F 2 -23.10 -27.88 -23.55
CA ASP F 2 -23.60 -28.13 -22.22
C ASP F 2 -23.86 -26.81 -21.49
N GLN F 3 -24.81 -26.84 -20.56
CA GLN F 3 -25.14 -25.69 -19.72
C GLN F 3 -25.55 -24.47 -20.56
N ILE F 4 -26.34 -24.71 -21.59
CA ILE F 4 -26.92 -23.65 -22.42
C ILE F 4 -28.38 -23.50 -22.02
N VAL F 5 -28.80 -22.28 -21.73
CA VAL F 5 -30.20 -22.06 -21.28
C VAL F 5 -31.15 -22.31 -22.44
N PRO F 6 -32.23 -23.06 -22.23
CA PRO F 6 -33.23 -23.28 -23.30
C PRO F 6 -33.82 -21.97 -23.79
N GLU F 7 -34.02 -21.88 -25.10
CA GLU F 7 -34.75 -20.78 -25.70
C GLU F 7 -36.22 -21.16 -25.86
N TYR F 8 -37.08 -20.16 -25.74
CA TYR F 8 -38.53 -20.36 -25.88
C TYR F 8 -38.90 -21.06 -27.18
N ARG G 13 8.08 17.85 -1.73
CA ARG G 13 8.83 17.12 -2.75
C ARG G 13 9.25 15.74 -2.23
N TYR G 14 10.20 15.70 -1.32
CA TYR G 14 10.53 14.46 -0.63
C TYR G 14 9.78 14.40 0.70
N SER G 15 9.65 13.20 1.22
CA SER G 15 8.99 13.07 2.51
C SER G 15 9.49 11.89 3.31
N ARG G 16 10.45 11.12 2.80
CA ARG G 16 10.90 9.91 3.47
C ARG G 16 12.37 9.68 3.13
N LEU G 17 13.03 8.95 4.02
CA LEU G 17 14.36 8.42 3.78
C LEU G 17 14.24 6.91 3.74
N ARG G 18 14.87 6.30 2.75
CA ARG G 18 14.78 4.87 2.54
C ARG G 18 16.16 4.24 2.69
N VAL G 19 16.22 3.12 3.42
CA VAL G 19 17.45 2.37 3.58
C VAL G 19 17.67 1.49 2.36
N ILE G 20 18.82 1.62 1.71
CA ILE G 20 19.19 0.70 0.64
C ILE G 20 20.36 -0.19 1.01
N ALA G 21 21.07 0.09 2.11
CA ALA G 21 22.13 -0.81 2.56
C ALA G 21 22.44 -0.54 4.03
N GLU G 22 22.85 -1.61 4.73
CA GLU G 22 23.29 -1.53 6.13
C GLU G 22 24.55 -2.35 6.28
N ILE G 23 25.52 -1.81 7.02
CA ILE G 23 26.78 -2.49 7.31
C ILE G 23 26.98 -2.49 8.81
N ARG G 24 27.16 -3.68 9.38
CA ARG G 24 27.56 -3.82 10.78
C ARG G 24 28.84 -4.64 10.76
N HIS G 25 29.97 -3.97 10.94
CA HIS G 25 31.26 -4.62 10.83
C HIS G 25 32.12 -4.19 12.01
N GLY G 26 32.77 -5.15 12.66
CA GLY G 26 33.54 -4.91 13.87
C GLY G 26 32.96 -5.63 15.07
N ASP G 27 33.61 -5.39 16.22
CA ASP G 27 33.21 -5.99 17.49
C ASP G 27 32.10 -5.13 18.10
N ILE G 28 30.93 -5.18 17.47
CA ILE G 28 29.87 -4.21 17.75
C ILE G 28 29.30 -4.36 19.15
N PHE G 29 29.25 -5.57 19.69
CA PHE G 29 28.56 -5.78 20.95
C PHE G 29 29.47 -5.78 22.16
N HIS G 30 30.78 -5.63 21.98
CA HIS G 30 31.72 -5.73 23.10
C HIS G 30 32.76 -4.62 23.13
N SER G 31 32.61 -3.59 22.32
CA SER G 31 33.59 -2.53 22.30
C SER G 31 32.94 -1.26 21.79
N ALA G 32 33.68 -0.16 21.89
CA ALA G 32 33.20 1.13 21.45
C ALA G 32 33.43 1.29 19.94
N ASN G 33 32.40 1.71 19.22
CA ASN G 33 32.55 1.82 17.77
C ASN G 33 31.94 3.09 17.20
N ILE G 34 32.00 4.22 17.92
CA ILE G 34 31.53 5.50 17.38
C ILE G 34 32.24 5.80 16.07
N VAL G 35 31.46 6.11 15.04
CA VAL G 35 31.97 6.50 13.73
C VAL G 35 32.01 8.02 13.69
N SER G 36 33.20 8.60 13.79
CA SER G 36 33.31 10.05 13.90
C SER G 36 33.31 10.77 12.54
N SER G 37 33.54 10.06 11.44
CA SER G 37 33.60 10.67 10.13
C SER G 37 33.23 9.61 9.09
N ILE G 38 32.48 10.02 8.07
CA ILE G 38 32.17 9.17 6.92
C ILE G 38 32.22 10.05 5.67
N GLU G 39 33.00 9.64 4.66
CA GLU G 39 33.29 10.52 3.54
C GLU G 39 33.49 9.74 2.24
N PHE G 40 32.93 10.27 1.14
CA PHE G 40 33.17 9.76 -0.21
C PHE G 40 34.50 10.27 -0.74
N ASP G 41 35.13 9.48 -1.62
CA ASP G 41 36.33 9.93 -2.32
C ASP G 41 35.93 10.87 -3.45
N ARG G 42 36.92 11.27 -4.26
CA ARG G 42 36.73 12.34 -5.25
C ARG G 42 35.64 12.01 -6.25
N ASP G 43 35.51 10.74 -6.63
CA ASP G 43 34.55 10.33 -7.65
C ASP G 43 33.32 9.63 -7.05
N ASP G 44 33.11 9.75 -5.74
CA ASP G 44 32.00 9.06 -5.05
C ASP G 44 31.99 7.57 -5.34
N GLU G 45 33.17 6.99 -5.57
CA GLU G 45 33.27 5.57 -5.84
C GLU G 45 33.60 4.77 -4.60
N LEU G 46 34.59 5.19 -3.81
CA LEU G 46 34.85 4.59 -2.50
C LEU G 46 34.37 5.54 -1.41
N PHE G 47 34.16 5.01 -0.21
CA PHE G 47 33.97 5.87 0.95
C PHE G 47 34.73 5.28 2.12
N ALA G 48 34.98 6.12 3.13
CA ALA G 48 35.79 5.72 4.28
C ALA G 48 35.10 6.13 5.56
N THR G 49 35.29 5.32 6.62
CA THR G 49 34.83 5.65 7.96
C THR G 49 36.04 5.71 8.89
N ALA G 50 35.93 6.53 9.92
CA ALA G 50 36.93 6.51 10.98
C ALA G 50 36.22 6.71 12.31
N GLY G 51 36.86 6.29 13.39
CA GLY G 51 36.23 6.51 14.67
C GLY G 51 37.11 6.11 15.82
N VAL G 52 36.48 6.06 16.99
CA VAL G 52 37.16 5.66 18.23
C VAL G 52 37.66 4.22 18.20
N SER G 53 37.28 3.42 17.24
CA SER G 53 37.84 2.08 17.22
C SER G 53 39.28 2.05 16.69
N ARG G 54 39.89 3.21 16.46
CA ARG G 54 41.30 3.32 16.04
C ARG G 54 41.54 2.59 14.71
N CYS G 55 40.68 2.86 13.73
CA CYS G 55 40.89 2.32 12.41
C CYS G 55 40.21 3.20 11.38
N ILE G 56 40.78 3.20 10.18
CA ILE G 56 40.16 3.76 8.98
C ILE G 56 39.73 2.60 8.10
N LYS G 57 38.45 2.54 7.78
CA LYS G 57 37.86 1.50 6.94
C LYS G 57 37.49 2.11 5.59
N VAL G 58 37.85 1.43 4.50
CA VAL G 58 37.46 1.87 3.16
C VAL G 58 36.49 0.85 2.57
N PHE G 59 35.41 1.36 1.97
CA PHE G 59 34.36 0.57 1.36
C PHE G 59 34.20 0.97 -0.10
N ASP G 60 33.78 0.02 -0.92
CA ASP G 60 33.46 0.27 -2.32
C ASP G 60 31.95 0.50 -2.42
N PHE G 61 31.56 1.70 -2.83
CA PHE G 61 30.14 2.06 -2.75
C PHE G 61 29.27 1.13 -3.60
N SER G 62 29.66 0.93 -4.85
CA SER G 62 28.86 0.08 -5.74
C SER G 62 28.72 -1.32 -5.17
N SER G 63 29.79 -1.86 -4.59
CA SER G 63 29.68 -3.15 -3.93
C SER G 63 28.75 -3.08 -2.72
N VAL G 64 28.67 -1.96 -2.03
CA VAL G 64 27.83 -1.92 -0.85
C VAL G 64 26.35 -1.99 -1.23
N VAL G 65 25.96 -1.26 -2.28
CA VAL G 65 24.54 -1.10 -2.56
C VAL G 65 23.96 -2.14 -3.51
N ASN G 66 24.78 -2.96 -4.16
CA ASN G 66 24.28 -3.93 -5.12
C ASN G 66 24.34 -5.37 -4.63
N GLU G 67 24.79 -5.61 -3.41
CA GLU G 67 25.13 -6.95 -2.96
C GLU G 67 24.50 -7.23 -1.61
N PRO G 68 24.48 -8.52 -1.17
CA PRO G 68 23.92 -8.88 0.13
C PRO G 68 24.90 -8.70 1.29
N MET G 71 27.15 -10.41 4.45
CA MET G 71 28.16 -9.92 5.37
C MET G 71 29.09 -8.91 4.73
N GLN G 72 28.68 -7.66 4.85
CA GLN G 72 29.46 -6.58 4.30
C GLN G 72 30.74 -6.40 5.10
N CYS G 73 31.83 -6.13 4.40
CA CYS G 73 33.08 -5.83 5.05
C CYS G 73 33.81 -4.77 4.24
N PRO G 74 34.75 -4.06 4.86
CA PRO G 74 35.51 -3.06 4.10
C PRO G 74 36.53 -3.73 3.19
N ILE G 75 36.93 -3.01 2.15
CA ILE G 75 38.00 -3.54 1.31
C ILE G 75 39.37 -3.26 1.92
N VAL G 76 39.45 -2.30 2.84
CA VAL G 76 40.69 -1.85 3.46
C VAL G 76 40.38 -1.53 4.92
N GLU G 77 41.25 -1.98 5.83
CA GLU G 77 41.21 -1.51 7.21
C GLU G 77 42.62 -1.16 7.65
N MET G 78 42.84 0.12 7.97
CA MET G 78 44.16 0.60 8.43
C MET G 78 44.06 0.95 9.91
N SER G 79 44.83 0.26 10.74
CA SER G 79 44.76 0.45 12.19
C SER G 79 45.60 1.65 12.58
N THR G 80 45.08 2.48 13.49
CA THR G 80 45.77 3.69 13.88
C THR G 80 46.16 3.63 15.36
N ARG G 81 47.11 4.49 15.72
CA ARG G 81 47.56 4.56 17.11
C ARG G 81 46.49 5.14 18.04
N SER G 82 45.76 6.16 17.58
CA SER G 82 44.85 6.93 18.42
C SER G 82 43.44 6.95 17.86
N LYS G 83 42.48 7.36 18.71
CA LYS G 83 41.10 7.51 18.26
C LYS G 83 41.05 8.63 17.21
N LEU G 84 40.19 8.46 16.21
CA LEU G 84 40.13 9.37 15.07
C LEU G 84 38.89 10.23 15.17
N SER G 85 39.05 11.49 14.78
CA SER G 85 37.98 12.48 14.80
C SER G 85 37.43 12.84 13.43
N CYS G 86 38.21 12.69 12.36
CA CYS G 86 37.79 13.25 11.08
C CYS G 86 38.62 12.67 9.94
N LEU G 87 37.99 12.56 8.76
CA LEU G 87 38.67 12.20 7.52
C LEU G 87 38.41 13.26 6.45
N SER G 88 39.32 13.32 5.49
CA SER G 88 39.12 14.14 4.31
C SER G 88 39.94 13.57 3.16
N TRP G 89 39.25 13.15 2.09
CA TRP G 89 39.93 12.63 0.91
C TRP G 89 40.57 13.76 0.14
N ASN G 90 41.73 13.47 -0.44
CA ASN G 90 42.35 14.43 -1.35
C ASN G 90 41.52 14.52 -2.63
N LYS G 91 41.44 15.73 -3.18
CA LYS G 91 40.61 15.96 -4.35
C LYS G 91 41.36 15.76 -5.65
N HIS G 92 42.68 15.52 -5.61
CA HIS G 92 43.48 15.29 -6.81
C HIS G 92 44.13 13.92 -6.82
N GLU G 93 44.79 13.55 -5.72
CA GLU G 93 45.34 12.20 -5.57
C GLU G 93 44.23 11.34 -4.98
N LYS G 94 43.50 10.64 -5.86
CA LYS G 94 42.25 10.00 -5.46
C LYS G 94 42.45 9.04 -4.29
N ASN G 95 43.60 8.38 -4.23
CA ASN G 95 43.83 7.35 -3.22
C ASN G 95 44.39 7.90 -1.92
N HIS G 96 44.51 9.22 -1.77
CA HIS G 96 45.07 9.82 -0.56
C HIS G 96 43.93 10.29 0.34
N ILE G 97 44.05 10.04 1.64
CA ILE G 97 43.06 10.53 2.59
C ILE G 97 43.77 10.99 3.86
N ALA G 98 43.30 12.09 4.43
CA ALA G 98 43.83 12.62 5.68
C ALA G 98 42.95 12.25 6.88
N SER G 99 43.58 12.15 8.04
CA SER G 99 42.88 11.92 9.29
C SER G 99 43.40 12.86 10.38
N SER G 100 42.54 13.22 11.31
CA SER G 100 42.93 13.84 12.57
C SER G 100 42.65 12.88 13.71
N ASP G 101 43.46 12.94 14.78
CA ASP G 101 43.25 12.01 15.88
C ASP G 101 43.22 12.73 17.23
N TYR G 102 42.93 11.94 18.26
CA TYR G 102 42.72 12.49 19.59
C TYR G 102 44.01 12.92 20.28
N GLU G 103 45.16 12.65 19.68
CA GLU G 103 46.41 13.17 20.21
C GLU G 103 46.84 14.43 19.48
N GLY G 104 46.08 14.84 18.49
CA GLY G 104 46.39 16.02 17.72
C GLY G 104 47.13 15.77 16.42
N ILE G 105 47.43 14.51 16.10
CA ILE G 105 48.21 14.22 14.91
C ILE G 105 47.31 14.27 13.68
N VAL G 106 47.85 14.86 12.61
CA VAL G 106 47.22 14.88 11.30
C VAL G 106 48.07 14.01 10.38
N THR G 107 47.46 12.99 9.79
CA THR G 107 48.16 11.97 9.00
C THR G 107 47.50 11.89 7.63
N VAL G 108 48.32 11.80 6.58
CA VAL G 108 47.84 11.52 5.23
C VAL G 108 48.22 10.09 4.88
N TRP G 109 47.25 9.32 4.37
CA TRP G 109 47.40 7.89 4.12
C TRP G 109 47.19 7.60 2.64
N ASP G 110 47.86 6.55 2.16
CA ASP G 110 47.58 5.98 0.85
C ASP G 110 46.70 4.75 1.06
N VAL G 111 45.46 4.80 0.57
CA VAL G 111 44.54 3.67 0.81
C VAL G 111 44.86 2.46 -0.05
N THR G 112 45.66 2.62 -1.10
CA THR G 112 45.97 1.45 -1.93
C THR G 112 47.13 0.65 -1.38
N THR G 113 48.09 1.30 -0.71
CA THR G 113 49.19 0.60 -0.05
C THR G 113 48.96 0.42 1.45
N ARG G 114 47.95 1.10 2.01
CA ARG G 114 47.62 1.06 3.43
C ARG G 114 48.75 1.57 4.32
N GLN G 115 49.55 2.48 3.79
CA GLN G 115 50.62 3.10 4.56
C GLN G 115 50.34 4.59 4.72
N SER G 116 50.83 5.12 5.83
CA SER G 116 50.84 6.57 5.99
C SER G 116 51.95 7.16 5.14
N LEU G 117 51.65 8.29 4.51
CA LEU G 117 52.59 9.04 3.69
C LEU G 117 53.27 10.18 4.42
N MET G 118 52.61 10.78 5.39
CA MET G 118 53.19 11.90 6.12
C MET G 118 52.39 12.12 7.38
N GLU G 119 53.08 12.51 8.45
CA GLU G 119 52.47 12.80 9.73
C GLU G 119 52.82 14.21 10.16
N TYR G 120 51.84 14.96 10.64
CA TYR G 120 52.01 16.32 11.10
C TYR G 120 51.69 16.37 12.58
N GLU G 121 52.70 16.67 13.40
CA GLU G 121 52.58 16.56 14.86
C GLU G 121 52.97 17.90 15.50
N GLU G 122 52.14 18.92 15.27
CA GLU G 122 52.33 20.22 15.92
C GLU G 122 51.24 20.55 16.92
N HIS G 123 50.01 20.10 16.69
CA HIS G 123 48.96 20.32 17.67
C HIS G 123 49.34 19.69 19.00
N GLU G 124 49.14 20.44 20.08
CA GLU G 124 49.47 19.97 21.43
C GLU G 124 48.32 19.20 22.08
N LYS G 125 47.14 19.16 21.45
CA LYS G 125 45.97 18.51 21.99
C LYS G 125 45.18 17.90 20.83
N ARG G 126 44.13 17.17 21.18
CA ARG G 126 43.22 16.57 20.20
C ARG G 126 42.86 17.54 19.08
N ALA G 127 43.02 17.06 17.84
CA ALA G 127 42.54 17.76 16.65
C ALA G 127 41.18 17.20 16.27
N TRP G 128 40.21 18.09 16.04
CA TRP G 128 38.84 17.65 15.79
C TRP G 128 38.52 17.49 14.31
N SER G 129 39.28 18.15 13.43
CA SER G 129 38.82 18.34 12.06
C SER G 129 40.01 18.47 11.13
N VAL G 130 39.84 17.94 9.92
CA VAL G 130 40.79 18.14 8.83
C VAL G 130 40.02 18.28 7.52
N ASP G 131 40.58 19.08 6.59
CA ASP G 131 39.91 19.29 5.31
C ASP G 131 40.94 19.57 4.23
N PHE G 132 40.89 18.79 3.14
CA PHE G 132 41.73 19.00 1.97
C PHE G 132 41.02 19.98 1.05
N SER G 133 41.78 20.97 0.57
CA SER G 133 41.21 21.95 -0.36
C SER G 133 40.89 21.30 -1.70
N ARG G 134 39.78 21.72 -2.28
CA ARG G 134 39.46 21.26 -3.64
C ARG G 134 40.30 21.97 -4.70
N THR G 135 40.47 23.29 -4.58
CA THR G 135 41.06 24.04 -5.68
C THR G 135 42.58 24.15 -5.58
N GLU G 136 43.17 23.89 -4.41
CA GLU G 136 44.63 23.83 -4.26
C GLU G 136 44.87 22.52 -3.54
N PRO G 137 44.85 21.39 -4.24
CA PRO G 137 44.63 20.10 -3.57
C PRO G 137 45.78 19.64 -2.72
N SER G 138 46.92 20.32 -2.74
CA SER G 138 48.02 20.01 -1.84
C SER G 138 47.84 20.63 -0.46
N MET G 139 46.83 21.48 -0.28
CA MET G 139 46.60 22.17 0.99
C MET G 139 45.60 21.44 1.87
N LEU G 140 45.89 21.43 3.15
CA LEU G 140 45.12 20.72 4.17
C LEU G 140 45.06 21.59 5.41
N VAL G 141 43.87 21.78 5.98
CA VAL G 141 43.72 22.58 7.19
C VAL G 141 43.18 21.72 8.32
N SER G 142 43.62 22.00 9.56
CA SER G 142 43.19 21.28 10.75
C SER G 142 42.87 22.26 11.87
N GLY G 143 42.07 21.79 12.83
CA GLY G 143 41.73 22.59 14.00
C GLY G 143 41.65 21.71 15.24
N SER G 144 41.94 22.30 16.39
CA SER G 144 42.30 21.53 17.58
C SER G 144 41.78 22.15 18.87
N ASP G 145 41.61 21.29 19.88
CA ASP G 145 41.39 21.75 21.26
C ASP G 145 42.49 22.70 21.73
N ASP G 146 43.65 22.72 21.07
CA ASP G 146 44.71 23.61 21.52
C ASP G 146 44.47 25.03 21.08
N CYS G 147 43.31 25.29 20.47
CA CYS G 147 42.85 26.61 20.04
C CYS G 147 43.64 27.14 18.86
N LYS G 148 44.24 26.25 18.07
CA LYS G 148 45.00 26.64 16.90
C LYS G 148 44.36 26.08 15.65
N VAL G 149 44.39 26.87 14.58
CA VAL G 149 44.13 26.42 13.22
C VAL G 149 45.46 26.35 12.50
N LYS G 150 45.74 25.23 11.84
CA LYS G 150 46.99 25.04 11.12
C LYS G 150 46.71 24.66 9.67
N VAL G 151 47.46 25.28 8.76
CA VAL G 151 47.36 24.97 7.34
C VAL G 151 48.65 24.27 6.95
N TRP G 152 48.50 23.12 6.31
CA TRP G 152 49.61 22.28 5.90
C TRP G 152 49.63 22.21 4.39
N CYS G 153 50.81 21.96 3.85
CA CYS G 153 50.99 21.69 2.43
C CYS G 153 51.68 20.34 2.33
N THR G 154 51.15 19.44 1.48
CA THR G 154 51.74 18.10 1.44
C THR G 154 53.18 18.11 0.95
N ARG G 155 53.66 19.22 0.39
CA ARG G 155 55.07 19.36 0.00
C ARG G 155 55.97 19.79 1.15
N GLN G 156 55.40 20.18 2.29
CA GLN G 156 56.15 20.77 3.38
C GLN G 156 56.01 19.93 4.64
N GLU G 157 57.03 19.96 5.48
CA GLU G 157 57.01 19.21 6.73
C GLU G 157 56.28 19.97 7.83
N ALA G 158 56.52 21.27 7.96
CA ALA G 158 55.92 22.07 9.01
C ALA G 158 54.76 22.90 8.45
N SER G 159 53.87 23.33 9.35
CA SER G 159 52.69 24.07 8.94
C SER G 159 53.10 25.36 8.26
N VAL G 160 52.34 25.74 7.23
CA VAL G 160 52.66 26.94 6.49
C VAL G 160 51.92 28.16 7.03
N ILE G 161 50.78 27.96 7.69
CA ILE G 161 50.02 29.03 8.34
C ILE G 161 49.54 28.53 9.68
N ASN G 162 49.59 29.40 10.69
CA ASN G 162 49.14 29.09 12.03
C ASN G 162 48.28 30.25 12.51
N ILE G 163 47.07 29.96 12.97
CA ILE G 163 46.18 30.99 13.53
C ILE G 163 45.97 30.68 15.00
N ASP G 164 46.42 31.59 15.86
CA ASP G 164 46.26 31.45 17.30
C ASP G 164 44.89 32.02 17.66
N MET G 165 43.95 31.15 18.03
CA MET G 165 42.64 31.61 18.46
C MET G 165 42.48 31.37 19.95
N LYS G 166 41.36 31.81 20.50
CA LYS G 166 41.21 31.85 21.94
C LYS G 166 40.30 30.76 22.50
N ALA G 167 39.72 29.92 21.66
CA ALA G 167 38.78 28.90 22.12
C ALA G 167 38.98 27.64 21.29
N ASN G 168 38.50 26.51 21.81
CA ASN G 168 38.66 25.24 21.11
C ASN G 168 38.08 25.31 19.71
N ILE G 169 38.82 24.76 18.75
CA ILE G 169 38.36 24.72 17.36
C ILE G 169 37.68 23.39 17.12
N CYS G 170 36.42 23.43 16.68
CA CYS G 170 35.64 22.22 16.48
C CYS G 170 35.60 21.75 15.05
N CYS G 171 35.73 22.66 14.08
N CYS G 171 35.72 22.66 14.08
CA CYS G 171 35.63 22.30 12.69
CA CYS G 171 35.60 22.30 12.68
C CYS G 171 36.34 23.34 11.83
C CYS G 171 36.29 23.33 11.81
N VAL G 172 36.91 22.88 10.72
CA VAL G 172 37.52 23.75 9.73
C VAL G 172 37.08 23.27 8.35
N LYS G 173 36.83 24.21 7.43
CA LYS G 173 36.44 23.82 6.09
C LYS G 173 36.89 24.87 5.08
N TYR G 174 37.53 24.40 4.01
CA TYR G 174 37.88 25.30 2.90
C TYR G 174 36.65 25.65 2.08
N ASN G 175 36.61 26.91 1.66
CA ASN G 175 35.66 27.31 0.62
C ASN G 175 35.84 26.41 -0.60
N PRO G 176 34.74 25.91 -1.20
CA PRO G 176 34.88 25.03 -2.38
C PRO G 176 35.45 25.72 -3.61
N GLY G 177 35.43 27.03 -3.67
CA GLY G 177 35.92 27.68 -4.87
C GLY G 177 37.24 28.42 -4.73
N SER G 178 37.80 28.48 -3.52
CA SER G 178 39.08 29.14 -3.34
C SER G 178 39.79 28.62 -2.11
N SER G 179 41.08 28.31 -2.26
CA SER G 179 41.88 27.85 -1.14
C SER G 179 42.32 28.99 -0.23
N ASN G 180 41.94 30.24 -0.54
CA ASN G 180 42.29 31.38 0.28
C ASN G 180 41.30 31.67 1.40
N TYR G 181 40.20 30.91 1.51
CA TYR G 181 39.20 31.15 2.55
C TYR G 181 38.87 29.85 3.27
N ILE G 182 38.75 29.95 4.60
CA ILE G 182 38.30 28.84 5.42
C ILE G 182 37.23 29.35 6.38
N ALA G 183 36.28 28.48 6.68
CA ALA G 183 35.34 28.72 7.76
C ALA G 183 35.82 27.91 8.97
N VAL G 184 35.80 28.54 10.14
CA VAL G 184 36.26 27.94 11.39
C VAL G 184 35.10 27.95 12.39
N GLY G 185 34.67 26.76 12.83
CA GLY G 185 33.66 26.68 13.88
C GLY G 185 34.32 26.59 15.24
N SER G 186 33.99 27.53 16.12
CA SER G 186 34.65 27.66 17.41
C SER G 186 33.73 27.28 18.57
N ALA G 187 34.35 26.80 19.66
CA ALA G 187 33.64 26.64 20.92
C ALA G 187 33.04 27.96 21.40
N ASP G 188 33.54 29.11 20.92
CA ASP G 188 33.08 30.40 21.44
C ASP G 188 31.75 30.86 20.84
N HIS G 189 31.08 29.99 20.09
CA HIS G 189 29.73 30.12 19.52
C HIS G 189 29.75 30.79 18.15
N HIS G 190 30.91 31.18 17.62
CA HIS G 190 30.95 31.93 16.39
C HIS G 190 31.60 31.12 15.28
N ILE G 191 31.25 31.46 14.03
CA ILE G 191 32.03 31.05 12.87
C ILE G 191 33.02 32.15 12.52
N HIS G 192 34.29 31.80 12.46
CA HIS G 192 35.33 32.75 12.07
C HIS G 192 35.69 32.45 10.62
N TYR G 193 35.44 33.41 9.73
CA TYR G 193 35.70 33.23 8.30
C TYR G 193 36.99 33.97 7.97
N TYR G 194 38.05 33.23 7.58
CA TYR G 194 39.35 33.83 7.38
C TYR G 194 39.73 33.90 5.90
N ASP G 195 40.32 35.02 5.53
CA ASP G 195 41.14 35.12 4.32
C ASP G 195 42.56 34.72 4.73
N LEU G 196 43.00 33.55 4.28
CA LEU G 196 44.33 33.07 4.66
C LEU G 196 45.47 33.94 4.17
N ARG G 197 45.20 34.90 3.28
CA ARG G 197 46.23 35.82 2.85
C ARG G 197 46.49 36.92 3.88
N ASN G 198 45.56 37.12 4.83
CA ASN G 198 45.77 38.10 5.90
C ASN G 198 45.04 37.58 7.13
N ILE G 199 45.76 36.89 8.01
CA ILE G 199 45.14 36.26 9.18
C ILE G 199 45.21 37.14 10.42
N SER G 200 45.57 38.42 10.28
CA SER G 200 45.63 39.29 11.44
C SER G 200 44.26 39.47 12.10
N GLN G 201 43.18 39.43 11.30
CA GLN G 201 41.81 39.39 11.79
C GLN G 201 41.00 38.51 10.84
N PRO G 202 39.92 37.89 11.31
CA PRO G 202 39.01 37.21 10.37
C PRO G 202 38.36 38.22 9.43
N LEU G 203 38.00 37.75 8.23
CA LEU G 203 37.27 38.61 7.29
C LEU G 203 35.86 38.89 7.81
N HIS G 204 35.19 37.86 8.32
CA HIS G 204 33.85 37.96 8.90
C HIS G 204 33.77 37.06 10.11
N VAL G 205 32.96 37.47 11.08
CA VAL G 205 32.61 36.64 12.22
C VAL G 205 31.10 36.53 12.24
N PHE G 206 30.59 35.30 12.19
CA PHE G 206 29.17 35.04 12.11
C PHE G 206 28.66 34.64 13.49
N SER G 207 27.75 35.44 14.05
CA SER G 207 27.25 35.24 15.39
C SER G 207 25.75 34.96 15.35
N GLY G 208 25.27 34.24 16.36
CA GLY G 208 23.89 33.79 16.39
C GLY G 208 23.70 32.51 17.18
N HIS G 209 24.61 31.55 17.00
CA HIS G 209 24.57 30.32 17.78
C HIS G 209 24.76 30.60 19.26
N LYS G 210 24.10 29.80 20.11
CA LYS G 210 24.16 30.01 21.55
C LYS G 210 25.15 29.09 22.23
N LYS G 211 25.64 28.07 21.52
CA LYS G 211 26.66 27.16 22.02
C LYS G 211 27.74 26.97 20.95
N ALA G 212 28.65 26.03 21.19
CA ALA G 212 29.76 25.78 20.27
C ALA G 212 29.26 25.42 18.88
N VAL G 213 30.03 25.86 17.87
CA VAL G 213 29.75 25.55 16.47
C VAL G 213 30.53 24.29 16.10
N SER G 214 29.81 23.18 15.93
CA SER G 214 30.44 21.87 15.81
C SER G 214 30.80 21.49 14.37
N TYR G 215 30.11 22.06 13.37
CA TYR G 215 30.37 21.78 11.96
C TYR G 215 30.17 23.05 11.15
N VAL G 216 30.96 23.18 10.09
CA VAL G 216 30.75 24.19 9.05
C VAL G 216 30.89 23.48 7.70
N LYS G 217 29.91 23.66 6.81
CA LYS G 217 29.89 23.03 5.49
C LYS G 217 29.33 24.00 4.45
N PHE G 218 29.96 24.06 3.27
CA PHE G 218 29.54 24.99 2.21
C PHE G 218 28.52 24.34 1.27
N LEU G 219 27.39 25.01 1.05
CA LEU G 219 26.50 24.60 -0.04
C LEU G 219 27.05 25.06 -1.39
N SER G 220 27.77 26.17 -1.41
CA SER G 220 28.24 26.79 -2.63
C SER G 220 29.39 27.72 -2.26
N ASN G 221 29.91 28.47 -3.25
CA ASN G 221 30.99 29.40 -2.95
C ASN G 221 30.58 30.48 -1.95
N ASN G 222 29.29 30.82 -1.90
CA ASN G 222 28.78 31.92 -1.08
C ASN G 222 27.86 31.49 0.07
N GLU G 223 27.39 30.26 0.10
CA GLU G 223 26.42 29.81 1.11
C GLU G 223 27.13 28.87 2.06
N LEU G 224 27.13 29.21 3.34
CA LEU G 224 27.75 28.39 4.38
C LEU G 224 26.68 27.93 5.37
N ALA G 225 26.75 26.67 5.77
CA ALA G 225 25.90 26.14 6.83
C ALA G 225 26.72 25.77 8.04
N SER G 226 26.09 25.84 9.22
CA SER G 226 26.73 25.50 10.48
C SER G 226 25.79 24.65 11.31
N ALA G 227 26.37 23.79 12.15
CA ALA G 227 25.64 23.05 13.17
C ALA G 227 26.19 23.45 14.52
N SER G 228 25.33 23.35 15.55
CA SER G 228 25.75 23.75 16.88
C SER G 228 25.00 22.95 17.93
N THR G 229 25.62 22.84 19.11
CA THR G 229 24.99 22.16 20.23
C THR G 229 23.91 23.01 20.94
N ASP G 230 23.43 24.08 20.28
CA ASP G 230 22.18 24.73 20.63
C ASP G 230 21.00 24.14 19.87
N SER G 231 21.13 22.94 19.31
CA SER G 231 20.07 22.26 18.57
C SER G 231 19.58 23.08 17.37
N THR G 232 20.47 23.82 16.69
CA THR G 232 20.09 24.47 15.44
C THR G 232 21.13 24.24 14.38
N LEU G 233 20.68 24.24 13.13
CA LEU G 233 21.54 24.53 11.99
C LEU G 233 21.29 25.98 11.59
N ARG G 234 22.31 26.60 10.99
CA ARG G 234 22.15 27.97 10.49
C ARG G 234 22.78 28.10 9.12
N LEU G 235 22.18 28.97 8.32
CA LEU G 235 22.64 29.26 6.97
C LEU G 235 23.11 30.70 6.92
N TRP G 236 24.21 30.93 6.21
CA TRP G 236 24.91 32.20 6.21
C TRP G 236 25.31 32.55 4.78
N ASP G 237 25.30 33.84 4.48
CA ASP G 237 25.83 34.38 3.23
C ASP G 237 27.23 34.92 3.53
N VAL G 238 28.26 34.24 3.04
CA VAL G 238 29.63 34.63 3.38
C VAL G 238 30.18 35.72 2.49
N LYS G 239 29.53 36.00 1.36
CA LYS G 239 29.97 37.12 0.55
C LYS G 239 29.35 38.43 1.02
N ASP G 240 28.08 38.39 1.42
CA ASP G 240 27.37 39.58 1.86
C ASP G 240 27.31 39.73 3.38
N ASN G 241 27.91 38.80 4.13
CA ASN G 241 28.07 38.90 5.58
C ASN G 241 26.71 38.99 6.27
N LEU G 242 25.86 37.97 6.02
CA LEU G 242 24.48 37.99 6.51
C LEU G 242 24.07 36.66 7.13
N PRO G 243 23.28 36.69 8.20
CA PRO G 243 22.55 35.49 8.60
C PRO G 243 21.37 35.30 7.67
N VAL G 244 21.13 34.06 7.24
CA VAL G 244 20.10 33.76 6.26
C VAL G 244 18.93 33.01 6.88
N ARG G 245 19.19 31.93 7.64
CA ARG G 245 18.09 31.11 8.15
C ARG G 245 18.56 30.25 9.30
N THR G 246 17.62 29.88 10.18
CA THR G 246 17.84 28.95 11.29
C THR G 246 16.92 27.74 11.12
N PHE G 247 17.46 26.55 11.41
CA PHE G 247 16.73 25.30 11.26
C PHE G 247 16.62 24.60 12.62
N ARG G 248 15.41 24.14 12.95
CA ARG G 248 15.17 23.47 14.23
C ARG G 248 14.30 22.24 14.04
N GLY G 249 14.45 21.28 14.95
CA GLY G 249 13.58 20.11 14.97
C GLY G 249 14.31 18.88 15.46
N HIS G 250 15.63 18.97 15.50
CA HIS G 250 16.48 17.85 15.89
C HIS G 250 17.10 18.12 17.25
N THR G 251 17.44 17.07 17.98
CA THR G 251 18.02 17.21 19.30
C THR G 251 19.54 17.10 19.20
N ASN G 252 20.24 18.19 19.51
CA ASN G 252 21.70 18.17 19.50
C ASN G 252 22.20 19.16 20.56
N GLU G 253 22.39 18.64 21.78
CA GLU G 253 22.86 19.47 22.88
C GLU G 253 24.24 19.08 23.40
N LYS G 254 24.85 18.01 22.88
CA LYS G 254 26.07 17.50 23.50
C LYS G 254 27.13 16.97 22.52
N ASN G 255 26.72 16.15 21.56
CA ASN G 255 27.67 15.36 20.79
C ASN G 255 27.96 15.97 19.42
N PHE G 256 29.06 15.52 18.81
CA PHE G 256 29.24 15.69 17.37
C PHE G 256 28.31 14.69 16.68
N VAL G 257 27.27 15.19 16.00
CA VAL G 257 26.30 14.28 15.40
C VAL G 257 26.32 14.30 13.88
N GLY G 258 27.24 15.03 13.25
CA GLY G 258 27.28 15.05 11.79
C GLY G 258 26.48 16.15 11.09
N LEU G 259 27.09 16.73 10.05
CA LEU G 259 26.42 17.71 9.19
C LEU G 259 26.93 17.51 7.77
N THR G 260 26.00 17.42 6.81
CA THR G 260 26.38 17.37 5.40
C THR G 260 25.38 18.17 4.58
N VAL G 261 25.88 18.88 3.55
CA VAL G 261 25.02 19.75 2.75
C VAL G 261 25.33 19.55 1.27
N ASN G 262 24.34 19.81 0.44
CA ASN G 262 24.57 19.93 -1.00
C ASN G 262 23.97 21.26 -1.44
N SER G 263 23.67 21.40 -2.73
CA SER G 263 23.25 22.70 -3.23
C SER G 263 21.87 23.10 -2.72
N GLU G 264 21.08 22.14 -2.24
CA GLU G 264 19.72 22.40 -1.81
C GLU G 264 19.37 21.87 -0.42
N TYR G 265 20.05 20.84 0.08
CA TYR G 265 19.60 20.16 1.28
C TYR G 265 20.66 20.16 2.37
N LEU G 266 20.20 20.19 3.62
CA LEU G 266 21.05 19.97 4.78
C LEU G 266 20.64 18.67 5.44
N ALA G 267 21.61 17.90 5.92
CA ALA G 267 21.30 16.71 6.70
C ALA G 267 22.16 16.71 7.97
N CYS G 268 21.59 16.22 9.07
CA CYS G 268 22.39 16.20 10.30
C CYS G 268 21.91 15.05 11.17
N GLY G 269 22.74 14.71 12.15
CA GLY G 269 22.37 13.72 13.15
C GLY G 269 21.60 14.32 14.31
N SER G 270 21.42 13.49 15.34
CA SER G 270 20.70 13.89 16.54
C SER G 270 21.02 12.92 17.66
N GLU G 271 20.74 13.35 18.89
CA GLU G 271 20.98 12.49 20.05
C GLU G 271 19.81 11.55 20.34
N THR G 272 18.82 11.49 19.47
CA THR G 272 17.74 10.51 19.53
C THR G 272 17.93 9.41 18.50
N ASN G 273 19.15 9.25 17.99
CA ASN G 273 19.49 8.22 17.02
C ASN G 273 18.77 8.42 15.69
N GLU G 274 18.53 9.68 15.32
CA GLU G 274 17.78 10.01 14.11
C GLU G 274 18.57 10.92 13.18
N VAL G 275 18.53 10.60 11.89
CA VAL G 275 19.05 11.45 10.83
C VAL G 275 17.92 12.35 10.34
N TYR G 276 18.17 13.66 10.29
CA TYR G 276 17.22 14.65 9.81
C TYR G 276 17.67 15.27 8.49
N VAL G 277 16.70 15.60 7.65
CA VAL G 277 16.95 16.30 6.39
C VAL G 277 16.13 17.57 6.38
N TYR G 278 16.77 18.66 6.04
CA TYR G 278 16.12 19.94 5.85
C TYR G 278 16.32 20.38 4.40
N HIS G 279 15.27 20.95 3.80
CA HIS G 279 15.49 21.75 2.60
C HIS G 279 15.93 23.14 3.04
N LYS G 280 16.89 23.71 2.30
CA LYS G 280 17.53 24.94 2.79
C LYS G 280 16.58 26.14 2.90
N GLU G 281 15.39 26.08 2.29
CA GLU G 281 14.46 27.19 2.43
C GLU G 281 13.36 26.95 3.46
N ILE G 282 13.33 25.79 4.12
CA ILE G 282 12.27 25.44 5.08
C ILE G 282 12.90 25.17 6.45
N THR G 283 12.35 25.78 7.49
CA THR G 283 13.00 25.76 8.79
C THR G 283 12.67 24.56 9.65
N ARG G 284 11.75 23.68 9.22
CA ARG G 284 11.40 22.44 9.90
C ARG G 284 11.88 21.24 9.08
N PRO G 285 12.21 20.10 9.70
CA PRO G 285 12.74 18.99 8.92
C PRO G 285 11.73 18.50 7.88
N VAL G 286 12.25 18.10 6.72
CA VAL G 286 11.40 17.50 5.71
C VAL G 286 11.13 16.03 6.00
N THR G 287 12.11 15.32 6.56
CA THR G 287 11.91 13.92 6.95
C THR G 287 13.04 13.53 7.89
N SER G 288 12.94 12.30 8.40
CA SER G 288 13.98 11.76 9.26
C SER G 288 13.97 10.25 9.14
N HIS G 289 15.04 9.62 9.64
CA HIS G 289 15.17 8.18 9.74
C HIS G 289 15.76 7.82 11.09
N ARG G 290 15.19 6.80 11.75
CA ARG G 290 15.52 6.45 13.12
C ARG G 290 16.35 5.17 13.10
N PHE G 291 17.61 5.28 13.48
CA PHE G 291 18.43 4.09 13.73
C PHE G 291 17.91 3.36 14.97
N GLY G 292 18.31 2.11 15.08
CA GLY G 292 18.01 1.30 16.24
C GLY G 292 17.47 -0.06 15.87
N SER G 293 17.63 -1.04 16.74
CA SER G 293 17.21 -2.38 16.39
C SER G 293 16.87 -3.12 17.67
N PRO G 294 16.13 -4.22 17.56
CA PRO G 294 15.85 -5.04 18.77
C PRO G 294 17.12 -5.45 19.50
N ASP G 295 18.17 -5.88 18.81
CA ASP G 295 19.32 -6.34 19.57
C ASP G 295 20.10 -5.20 20.19
N MET G 296 19.91 -3.96 19.74
CA MET G 296 20.58 -2.83 20.40
C MET G 296 19.75 -2.18 21.50
N ASP G 297 18.50 -2.58 21.69
CA ASP G 297 17.47 -1.65 22.14
C ASP G 297 17.55 -1.24 23.62
N ASP G 298 17.91 -2.15 24.50
CA ASP G 298 18.04 -1.86 25.93
C ASP G 298 18.41 -3.20 26.50
N ALA G 299 18.08 -4.24 25.72
CA ALA G 299 18.78 -5.51 25.81
C ALA G 299 20.28 -5.30 25.75
N GLU G 300 20.76 -4.64 24.68
CA GLU G 300 22.16 -4.23 24.68
C GLU G 300 22.37 -2.92 25.40
N GLU G 301 21.34 -2.41 26.08
CA GLU G 301 21.31 -1.16 26.84
C GLU G 301 21.11 0.02 25.92
N GLU G 302 21.13 1.21 26.51
CA GLU G 302 21.11 2.51 25.89
C GLU G 302 20.77 3.51 26.98
N ALA G 303 19.52 3.43 27.47
CA ALA G 303 18.89 4.37 28.39
C ALA G 303 18.44 5.64 27.67
N GLY G 304 19.04 5.94 26.51
CA GLY G 304 18.77 7.13 25.73
C GLY G 304 20.06 7.67 25.14
N SER G 305 21.02 6.77 24.95
CA SER G 305 22.41 7.15 24.80
C SER G 305 22.94 7.08 23.36
N TYR G 306 22.21 6.46 22.43
CA TYR G 306 22.72 6.32 21.06
C TYR G 306 22.49 7.60 20.27
N PHE G 307 23.50 8.00 19.50
CA PHE G 307 23.41 9.19 18.68
C PHE G 307 23.95 8.93 17.29
N ILE G 308 23.33 9.54 16.29
CA ILE G 308 23.96 9.61 14.97
C ILE G 308 25.28 10.34 15.13
N SER G 309 26.32 9.89 14.43
CA SER G 309 27.64 10.47 14.63
C SER G 309 28.31 10.98 13.36
N ALA G 310 27.83 10.62 12.15
CA ALA G 310 28.48 11.09 10.93
C ALA G 310 27.51 10.93 9.75
N VAL G 311 27.55 11.89 8.83
CA VAL G 311 26.68 11.83 7.64
C VAL G 311 27.43 12.41 6.45
N CYS G 312 27.06 11.97 5.24
CA CYS G 312 27.71 12.53 4.06
C CYS G 312 26.86 12.29 2.82
N TRP G 313 26.44 13.39 2.16
CA TRP G 313 25.72 13.26 0.90
C TRP G 313 26.62 12.69 -0.20
N LYS G 314 26.01 11.97 -1.13
CA LYS G 314 26.64 11.64 -2.41
C LYS G 314 26.42 12.83 -3.36
N SER G 315 27.36 13.78 -3.31
CA SER G 315 27.34 15.01 -4.14
C SER G 315 25.95 15.65 -4.04
N ASP G 316 25.28 15.94 -5.17
CA ASP G 316 23.96 16.56 -5.16
C ASP G 316 22.82 15.56 -5.30
N SER G 317 23.13 14.27 -5.28
CA SER G 317 22.13 13.23 -5.45
C SER G 317 21.31 13.11 -4.17
N PRO G 318 20.22 12.35 -4.19
CA PRO G 318 19.48 12.09 -2.96
C PRO G 318 20.04 10.96 -2.10
N THR G 319 21.21 10.40 -2.43
CA THR G 319 21.82 9.33 -1.63
C THR G 319 22.73 9.93 -0.55
N MET G 320 22.74 9.31 0.64
CA MET G 320 23.45 9.83 1.79
C MET G 320 24.06 8.66 2.57
N LEU G 321 25.33 8.79 2.99
CA LEU G 321 25.93 7.83 3.92
C LEU G 321 25.65 8.32 5.35
N THR G 322 25.40 7.38 6.25
CA THR G 322 25.07 7.72 7.63
C THR G 322 25.75 6.71 8.54
N ALA G 323 26.11 7.14 9.75
CA ALA G 323 26.69 6.20 10.71
C ALA G 323 26.39 6.68 12.12
N ASN G 324 26.37 5.76 13.09
CA ASN G 324 25.97 6.17 14.43
C ASN G 324 26.97 5.67 15.47
N SER G 325 26.67 5.95 16.73
CA SER G 325 27.62 5.78 17.82
C SER G 325 27.84 4.31 18.16
N GLN G 326 26.96 3.42 17.72
CA GLN G 326 27.18 1.99 17.89
C GLN G 326 27.89 1.36 16.71
N GLY G 327 28.27 2.14 15.70
CA GLY G 327 29.04 1.66 14.57
C GLY G 327 28.25 1.20 13.38
N THR G 328 26.92 1.33 13.40
CA THR G 328 26.10 0.96 12.25
C THR G 328 26.27 1.98 11.13
N ILE G 329 26.46 1.49 9.91
CA ILE G 329 26.51 2.32 8.70
C ILE G 329 25.28 2.02 7.86
N LYS G 330 24.61 3.07 7.37
CA LYS G 330 23.50 2.87 6.43
C LYS G 330 23.69 3.78 5.22
N VAL G 331 23.32 3.27 4.06
CA VAL G 331 23.12 4.12 2.89
C VAL G 331 21.64 4.45 2.81
N LEU G 332 21.30 5.76 2.81
CA LEU G 332 19.91 6.20 2.76
C LEU G 332 19.66 6.94 1.46
N VAL G 333 18.41 6.93 1.01
CA VAL G 333 18.01 7.66 -0.19
C VAL G 333 16.80 8.53 0.18
N LEU G 334 16.90 9.82 -0.12
CA LEU G 334 15.74 10.70 -0.02
C LEU G 334 14.72 10.33 -1.09
N ALA G 335 13.44 10.27 -0.71
CA ALA G 335 12.43 9.72 -1.60
C ALA G 335 11.11 10.47 -1.41
N ALA G 336 10.26 10.40 -2.44
CA ALA G 336 8.97 11.06 -2.45
C ALA G 336 8.08 10.59 -1.31
N SER H 1 33.10 9.58 27.11
CA SER H 1 33.36 11.01 26.96
C SER H 1 33.90 11.36 25.58
N ASP H 2 33.75 10.45 24.61
CA ASP H 2 34.25 10.66 23.25
C ASP H 2 33.19 11.31 22.37
N GLN H 3 33.68 12.07 21.37
CA GLN H 3 32.82 12.78 20.41
C GLN H 3 31.85 13.72 21.11
N ILE H 4 32.31 14.35 22.17
CA ILE H 4 31.54 15.39 22.85
C ILE H 4 32.08 16.72 22.37
N VAL H 5 31.17 17.64 22.05
CA VAL H 5 31.59 18.96 21.54
C VAL H 5 32.17 19.77 22.69
N PRO H 6 33.35 20.38 22.53
CA PRO H 6 33.87 21.22 23.62
C PRO H 6 33.04 22.48 23.76
N GLU H 7 32.77 22.85 25.00
CA GLU H 7 31.96 24.04 25.24
C GLU H 7 32.85 25.17 25.75
N TYR H 8 32.28 26.37 25.72
CA TYR H 8 33.00 27.58 26.02
C TYR H 8 32.86 27.91 27.50
#